data_1J48
# 
_entry.id   1J48 
# 
_audit_conform.dict_name       mmcif_pdbx.dic 
_audit_conform.dict_version    5.398 
_audit_conform.dict_location   http://mmcif.pdb.org/dictionaries/ascii/mmcif_pdbx.dic 
# 
loop_
_database_2.database_id 
_database_2.database_code 
_database_2.pdbx_database_accession 
_database_2.pdbx_DOI 
PDB   1J48         pdb_00001j48 10.2210/pdb1j48/pdb 
RCSB  RCSB001592   ?            ?                   
WWPDB D_1000001592 ?            ?                   
# 
loop_
_pdbx_audit_revision_history.ordinal 
_pdbx_audit_revision_history.data_content_type 
_pdbx_audit_revision_history.major_revision 
_pdbx_audit_revision_history.minor_revision 
_pdbx_audit_revision_history.revision_date 
1 'Structure model' 1 0 2003-06-03 
2 'Structure model' 1 1 2008-04-26 
3 'Structure model' 1 2 2011-07-13 
4 'Structure model' 1 3 2017-10-04 
5 'Structure model' 1 4 2023-12-27 
6 'Structure model' 1 5 2024-11-13 
# 
_pdbx_audit_revision_details.ordinal             1 
_pdbx_audit_revision_details.revision_ordinal    1 
_pdbx_audit_revision_details.data_content_type   'Structure model' 
_pdbx_audit_revision_details.provider            repository 
_pdbx_audit_revision_details.type                'Initial release' 
_pdbx_audit_revision_details.description         ? 
_pdbx_audit_revision_details.details             ? 
# 
loop_
_pdbx_audit_revision_group.ordinal 
_pdbx_audit_revision_group.revision_ordinal 
_pdbx_audit_revision_group.data_content_type 
_pdbx_audit_revision_group.group 
1 2 'Structure model' 'Version format compliance' 
2 3 'Structure model' 'Version format compliance' 
3 4 'Structure model' 'Refinement description'    
4 5 'Structure model' 'Data collection'           
5 5 'Structure model' 'Database references'       
6 5 'Structure model' 'Derived calculations'      
7 6 'Structure model' 'Structure summary'         
# 
loop_
_pdbx_audit_revision_category.ordinal 
_pdbx_audit_revision_category.revision_ordinal 
_pdbx_audit_revision_category.data_content_type 
_pdbx_audit_revision_category.category 
1 4 'Structure model' software                  
2 5 'Structure model' chem_comp_atom            
3 5 'Structure model' chem_comp_bond            
4 5 'Structure model' database_2                
5 5 'Structure model' struct_sheet              
6 6 'Structure model' pdbx_entry_details        
7 6 'Structure model' pdbx_modification_feature 
# 
loop_
_pdbx_audit_revision_item.ordinal 
_pdbx_audit_revision_item.revision_ordinal 
_pdbx_audit_revision_item.data_content_type 
_pdbx_audit_revision_item.item 
1 4 'Structure model' '_software.classification'            
2 4 'Structure model' '_software.name'                      
3 5 'Structure model' '_database_2.pdbx_DOI'                
4 5 'Structure model' '_database_2.pdbx_database_accession' 
5 5 'Structure model' '_struct_sheet.number_strands'        
# 
_pdbx_database_status.entry_id                        1J48 
_pdbx_database_status.status_code                     REL 
_pdbx_database_status.deposit_site                    RCSB 
_pdbx_database_status.process_site                    PDBJ 
_pdbx_database_status.recvd_initial_deposition_date   2001-07-30 
_pdbx_database_status.SG_entry                        . 
_pdbx_database_status.pdb_format_compatible           Y 
_pdbx_database_status.status_code_mr                  ? 
_pdbx_database_status.status_code_sf                  ? 
_pdbx_database_status.status_code_cs                  ? 
_pdbx_database_status.methods_development_category    ? 
_pdbx_database_status.status_code_nmr_data            ? 
# 
loop_
_audit_author.name 
_audit_author.pdbx_ordinal 
'Chen, Y.'    1  
'Li, J.'      2  
'Liu, Y.'     3  
'Bartlam, M.' 4  
'Gao, Y.'     5  
'Jin, L.'     6  
'Tang, H.'    7  
'Shao, Y.'    8  
'Zhen, Y.'    9  
'Rao, Z.'     10 
# 
_citation.id                        primary 
_citation.title                     
'Crystal Structure of Apo-C1027 and Computer Modeling Analysis of C1027 Chromophore- Protein Complex' 
_citation.journal_abbrev            'To be published' 
_citation.journal_volume            ? 
_citation.page_first                ? 
_citation.page_last                 ? 
_citation.year                      ? 
_citation.journal_id_ASTM           ? 
_citation.country                   ? 
_citation.journal_id_ISSN           ? 
_citation.journal_id_CSD            0353 
_citation.book_publisher            ? 
_citation.pdbx_database_id_PubMed   ? 
_citation.pdbx_database_id_DOI      ? 
# 
loop_
_citation_author.citation_id 
_citation_author.name 
_citation_author.ordinal 
_citation_author.identifier_ORCID 
primary 'Chen, Y.'    1  ? 
primary 'Li, J.'      2  ? 
primary 'Liu, Y.'     3  ? 
primary 'Bartlam, M.' 4  ? 
primary 'Gao, Y.'     5  ? 
primary 'Jin, L.'     6  ? 
primary 'Tang, H.'    7  ? 
primary 'Shao, Y.'    8  ? 
primary 'Zhen, Y.'    9  ? 
primary 'Rao, Z.'     10 ? 
# 
loop_
_entity.id 
_entity.type 
_entity.src_method 
_entity.pdbx_description 
_entity.formula_weight 
_entity.pdbx_number_of_molecules 
_entity.pdbx_ec 
_entity.pdbx_mutation 
_entity.pdbx_fragment 
_entity.details 
1 polymer nat 'Apoprotein of C1027' 10504.340 2   ? ? ? ? 
2 water   nat water                 18.015    180 ? ? ? ? 
# 
_entity_name_com.entity_id   1 
_entity_name_com.name        'ANTITUMOR ANTIBIOTIC C-1027 APOPROTEIN' 
# 
_entity_poly.entity_id                      1 
_entity_poly.type                           'polypeptide(L)' 
_entity_poly.nstd_linkage                   no 
_entity_poly.nstd_monomer                   no 
_entity_poly.pdbx_seq_one_letter_code       
;APAFSVSPASGLSDGQSVSVSVSGAAAGETYYIAQCAPVGGQDACNPATATSFTTDASGAASFSFVVRKSYTGSTPEGTP
VGSVDCATAACNLGAGNSGLDLGHVALTFG
;
_entity_poly.pdbx_seq_one_letter_code_can   
;APAFSVSPASGLSDGQSVSVSVSGAAAGETYYIAQCAPVGGQDACNPATATSFTTDASGAASFSFVVRKSYTGSTPEGTP
VGSVDCATAACNLGAGNSGLDLGHVALTFG
;
_entity_poly.pdbx_strand_id                 A,B 
_entity_poly.pdbx_target_identifier         ? 
# 
_pdbx_entity_nonpoly.entity_id   2 
_pdbx_entity_nonpoly.name        water 
_pdbx_entity_nonpoly.comp_id     HOH 
# 
loop_
_entity_poly_seq.entity_id 
_entity_poly_seq.num 
_entity_poly_seq.mon_id 
_entity_poly_seq.hetero 
1 1   ALA n 
1 2   PRO n 
1 3   ALA n 
1 4   PHE n 
1 5   SER n 
1 6   VAL n 
1 7   SER n 
1 8   PRO n 
1 9   ALA n 
1 10  SER n 
1 11  GLY n 
1 12  LEU n 
1 13  SER n 
1 14  ASP n 
1 15  GLY n 
1 16  GLN n 
1 17  SER n 
1 18  VAL n 
1 19  SER n 
1 20  VAL n 
1 21  SER n 
1 22  VAL n 
1 23  SER n 
1 24  GLY n 
1 25  ALA n 
1 26  ALA n 
1 27  ALA n 
1 28  GLY n 
1 29  GLU n 
1 30  THR n 
1 31  TYR n 
1 32  TYR n 
1 33  ILE n 
1 34  ALA n 
1 35  GLN n 
1 36  CYS n 
1 37  ALA n 
1 38  PRO n 
1 39  VAL n 
1 40  GLY n 
1 41  GLY n 
1 42  GLN n 
1 43  ASP n 
1 44  ALA n 
1 45  CYS n 
1 46  ASN n 
1 47  PRO n 
1 48  ALA n 
1 49  THR n 
1 50  ALA n 
1 51  THR n 
1 52  SER n 
1 53  PHE n 
1 54  THR n 
1 55  THR n 
1 56  ASP n 
1 57  ALA n 
1 58  SER n 
1 59  GLY n 
1 60  ALA n 
1 61  ALA n 
1 62  SER n 
1 63  PHE n 
1 64  SER n 
1 65  PHE n 
1 66  VAL n 
1 67  VAL n 
1 68  ARG n 
1 69  LYS n 
1 70  SER n 
1 71  TYR n 
1 72  THR n 
1 73  GLY n 
1 74  SER n 
1 75  THR n 
1 76  PRO n 
1 77  GLU n 
1 78  GLY n 
1 79  THR n 
1 80  PRO n 
1 81  VAL n 
1 82  GLY n 
1 83  SER n 
1 84  VAL n 
1 85  ASP n 
1 86  CYS n 
1 87  ALA n 
1 88  THR n 
1 89  ALA n 
1 90  ALA n 
1 91  CYS n 
1 92  ASN n 
1 93  LEU n 
1 94  GLY n 
1 95  ALA n 
1 96  GLY n 
1 97  ASN n 
1 98  SER n 
1 99  GLY n 
1 100 LEU n 
1 101 ASP n 
1 102 LEU n 
1 103 GLY n 
1 104 HIS n 
1 105 VAL n 
1 106 ALA n 
1 107 LEU n 
1 108 THR n 
1 109 PHE n 
1 110 GLY n 
# 
_entity_src_nat.entity_id                  1 
_entity_src_nat.pdbx_src_id                1 
_entity_src_nat.pdbx_alt_source_flag       sample 
_entity_src_nat.pdbx_beg_seq_num           ? 
_entity_src_nat.pdbx_end_seq_num           ? 
_entity_src_nat.common_name                ? 
_entity_src_nat.pdbx_organism_scientific   'Streptomyces globisporus' 
_entity_src_nat.pdbx_ncbi_taxonomy_id      1908 
_entity_src_nat.genus                      Streptomyces 
_entity_src_nat.species                    ? 
_entity_src_nat.strain                     ? 
_entity_src_nat.tissue                     ? 
_entity_src_nat.tissue_fraction            ? 
_entity_src_nat.pdbx_secretion             ? 
_entity_src_nat.pdbx_fragment              ? 
_entity_src_nat.pdbx_variant               ? 
_entity_src_nat.pdbx_cell_line             ? 
_entity_src_nat.pdbx_atcc                  ? 
_entity_src_nat.pdbx_cellular_location     ? 
_entity_src_nat.pdbx_organ                 ? 
_entity_src_nat.pdbx_organelle             ? 
_entity_src_nat.pdbx_cell                  ? 
_entity_src_nat.pdbx_plasmid_name          ? 
_entity_src_nat.pdbx_plasmid_details       ? 
_entity_src_nat.details                    ? 
# 
loop_
_chem_comp.id 
_chem_comp.type 
_chem_comp.mon_nstd_flag 
_chem_comp.name 
_chem_comp.pdbx_synonyms 
_chem_comp.formula 
_chem_comp.formula_weight 
ALA 'L-peptide linking' y ALANINE         ? 'C3 H7 N O2'     89.093  
ARG 'L-peptide linking' y ARGININE        ? 'C6 H15 N4 O2 1' 175.209 
ASN 'L-peptide linking' y ASPARAGINE      ? 'C4 H8 N2 O3'    132.118 
ASP 'L-peptide linking' y 'ASPARTIC ACID' ? 'C4 H7 N O4'     133.103 
CYS 'L-peptide linking' y CYSTEINE        ? 'C3 H7 N O2 S'   121.158 
GLN 'L-peptide linking' y GLUTAMINE       ? 'C5 H10 N2 O3'   146.144 
GLU 'L-peptide linking' y 'GLUTAMIC ACID' ? 'C5 H9 N O4'     147.129 
GLY 'peptide linking'   y GLYCINE         ? 'C2 H5 N O2'     75.067  
HIS 'L-peptide linking' y HISTIDINE       ? 'C6 H10 N3 O2 1' 156.162 
HOH non-polymer         . WATER           ? 'H2 O'           18.015  
ILE 'L-peptide linking' y ISOLEUCINE      ? 'C6 H13 N O2'    131.173 
LEU 'L-peptide linking' y LEUCINE         ? 'C6 H13 N O2'    131.173 
LYS 'L-peptide linking' y LYSINE          ? 'C6 H15 N2 O2 1' 147.195 
PHE 'L-peptide linking' y PHENYLALANINE   ? 'C9 H11 N O2'    165.189 
PRO 'L-peptide linking' y PROLINE         ? 'C5 H9 N O2'     115.130 
SER 'L-peptide linking' y SERINE          ? 'C3 H7 N O3'     105.093 
THR 'L-peptide linking' y THREONINE       ? 'C4 H9 N O3'     119.119 
TYR 'L-peptide linking' y TYROSINE        ? 'C9 H11 N O3'    181.189 
VAL 'L-peptide linking' y VALINE          ? 'C5 H11 N O2'    117.146 
# 
loop_
_pdbx_poly_seq_scheme.asym_id 
_pdbx_poly_seq_scheme.entity_id 
_pdbx_poly_seq_scheme.seq_id 
_pdbx_poly_seq_scheme.mon_id 
_pdbx_poly_seq_scheme.ndb_seq_num 
_pdbx_poly_seq_scheme.pdb_seq_num 
_pdbx_poly_seq_scheme.auth_seq_num 
_pdbx_poly_seq_scheme.pdb_mon_id 
_pdbx_poly_seq_scheme.auth_mon_id 
_pdbx_poly_seq_scheme.pdb_strand_id 
_pdbx_poly_seq_scheme.pdb_ins_code 
_pdbx_poly_seq_scheme.hetero 
A 1 1   ALA 1   1   1   ALA ALA A . n 
A 1 2   PRO 2   2   2   PRO PRO A . n 
A 1 3   ALA 3   3   3   ALA ALA A . n 
A 1 4   PHE 4   4   4   PHE PHE A . n 
A 1 5   SER 5   5   5   SER SER A . n 
A 1 6   VAL 6   6   6   VAL VAL A . n 
A 1 7   SER 7   7   7   SER SER A . n 
A 1 8   PRO 8   8   8   PRO CPR A . n 
A 1 9   ALA 9   9   9   ALA ALA A . n 
A 1 10  SER 10  10  10  SER SER A . n 
A 1 11  GLY 11  11  11  GLY GLY A . n 
A 1 12  LEU 12  12  12  LEU LEU A . n 
A 1 13  SER 13  13  13  SER SER A . n 
A 1 14  ASP 14  14  14  ASP ASP A . n 
A 1 15  GLY 15  15  15  GLY GLY A . n 
A 1 16  GLN 16  16  16  GLN GLN A . n 
A 1 17  SER 17  17  17  SER SER A . n 
A 1 18  VAL 18  18  18  VAL VAL A . n 
A 1 19  SER 19  19  19  SER SER A . n 
A 1 20  VAL 20  20  20  VAL VAL A . n 
A 1 21  SER 21  21  21  SER SER A . n 
A 1 22  VAL 22  22  22  VAL VAL A . n 
A 1 23  SER 23  23  23  SER SER A . n 
A 1 24  GLY 24  24  24  GLY GLY A . n 
A 1 25  ALA 25  25  25  ALA ALA A . n 
A 1 26  ALA 26  26  26  ALA ALA A . n 
A 1 27  ALA 27  26  26  ALA ALA A A n 
A 1 28  GLY 28  26  26  GLY GLY A B n 
A 1 29  GLU 29  27  27  GLU GLU A . n 
A 1 30  THR 30  28  28  THR THR A . n 
A 1 31  TYR 31  29  29  TYR TYR A . n 
A 1 32  TYR 32  30  30  TYR TYR A . n 
A 1 33  ILE 33  31  31  ILE ILE A . n 
A 1 34  ALA 34  32  32  ALA ALA A . n 
A 1 35  GLN 35  33  33  GLN GLN A . n 
A 1 36  CYS 36  34  34  CYS CYS A . n 
A 1 37  ALA 37  35  35  ALA ALA A . n 
A 1 38  PRO 38  36  36  PRO PRO A . n 
A 1 39  VAL 39  37  37  VAL VAL A . n 
A 1 40  GLY 40  38  38  GLY GLY A . n 
A 1 41  GLY 41  39  39  GLY GLY A . n 
A 1 42  GLN 42  40  40  GLN GLN A . n 
A 1 43  ASP 43  41  41  ASP ASP A . n 
A 1 44  ALA 44  42  42  ALA ALA A . n 
A 1 45  CYS 45  43  43  CYS CYS A . n 
A 1 46  ASN 46  44  44  ASN ASN A . n 
A 1 47  PRO 47  45  45  PRO PRO A . n 
A 1 48  ALA 48  46  46  ALA ALA A . n 
A 1 49  THR 49  47  47  THR THR A . n 
A 1 50  ALA 50  48  48  ALA ALA A . n 
A 1 51  THR 51  49  49  THR THR A . n 
A 1 52  SER 52  50  50  SER SER A . n 
A 1 53  PHE 53  51  51  PHE PHE A . n 
A 1 54  THR 54  52  52  THR THR A . n 
A 1 55  THR 55  53  53  THR THR A . n 
A 1 56  ASP 56  54  54  ASP ASP A . n 
A 1 57  ALA 57  55  55  ALA ALA A . n 
A 1 58  SER 58  56  56  SER SER A . n 
A 1 59  GLY 59  57  57  GLY GLY A . n 
A 1 60  ALA 60  58  58  ALA ALA A . n 
A 1 61  ALA 61  59  59  ALA ALA A . n 
A 1 62  SER 62  60  60  SER SER A . n 
A 1 63  PHE 63  61  61  PHE PHE A . n 
A 1 64  SER 64  62  62  SER SER A . n 
A 1 65  PHE 65  63  63  PHE PHE A . n 
A 1 66  VAL 66  63  63  VAL VAL A A n 
A 1 67  VAL 67  64  64  VAL VAL A . n 
A 1 68  ARG 68  65  65  ARG ARG A . n 
A 1 69  LYS 69  66  66  LYS LYS A . n 
A 1 70  SER 70  67  67  SER SER A . n 
A 1 71  TYR 71  68  68  TYR TYR A . n 
A 1 72  THR 72  69  69  THR THR A . n 
A 1 73  GLY 73  70  70  GLY GLY A . n 
A 1 74  SER 74  71  71  SER SER A . n 
A 1 75  THR 75  72  72  THR THR A . n 
A 1 76  PRO 76  73  73  PRO PRO A . n 
A 1 77  GLU 77  74  74  GLU GLU A . n 
A 1 78  GLY 78  75  75  GLY GLY A . n 
A 1 79  THR 79  76  76  THR THR A . n 
A 1 80  PRO 80  77  77  PRO PRO A . n 
A 1 81  VAL 81  78  78  VAL VAL A . n 
A 1 82  GLY 82  79  79  GLY GLY A . n 
A 1 83  SER 83  80  80  SER SER A . n 
A 1 84  VAL 84  81  81  VAL VAL A . n 
A 1 85  ASP 85  82  82  ASP ASP A . n 
A 1 86  CYS 86  83  83  CYS CYS A . n 
A 1 87  ALA 87  84  84  ALA ALA A . n 
A 1 88  THR 88  85  85  THR THR A . n 
A 1 89  ALA 89  86  86  ALA ALA A . n 
A 1 90  ALA 90  87  87  ALA ALA A . n 
A 1 91  CYS 91  88  88  CYS CYS A . n 
A 1 92  ASN 92  89  89  ASN ASN A . n 
A 1 93  LEU 93  90  90  LEU LEU A . n 
A 1 94  GLY 94  91  91  GLY GLY A . n 
A 1 95  ALA 95  92  92  ALA ALA A . n 
A 1 96  GLY 96  93  93  GLY GLY A . n 
A 1 97  ASN 97  94  94  ASN ASN A . n 
A 1 98  SER 98  95  95  SER SER A . n 
A 1 99  GLY 99  96  96  GLY GLY A . n 
A 1 100 LEU 100 97  97  LEU LEU A . n 
A 1 101 ASP 101 98  98  ASP ASP A . n 
A 1 102 LEU 102 99  99  LEU LEU A . n 
A 1 103 GLY 103 100 100 GLY GLY A . n 
A 1 104 HIS 104 101 101 HIS HIS A . n 
A 1 105 VAL 105 102 102 VAL VAL A . n 
A 1 106 ALA 106 103 103 ALA ALA A . n 
A 1 107 LEU 107 104 104 LEU LEU A . n 
A 1 108 THR 108 105 105 THR THR A . n 
A 1 109 PHE 109 106 106 PHE PHE A . n 
A 1 110 GLY 110 107 ?   ?   ?   A . n 
B 1 1   ALA 1   1   1   ALA ALA B . n 
B 1 2   PRO 2   2   2   PRO PRO B . n 
B 1 3   ALA 3   3   3   ALA ALA B . n 
B 1 4   PHE 4   4   4   PHE PHE B . n 
B 1 5   SER 5   5   5   SER SER B . n 
B 1 6   VAL 6   6   6   VAL VAL B . n 
B 1 7   SER 7   7   7   SER SER B . n 
B 1 8   PRO 8   8   8   PRO CPR B . n 
B 1 9   ALA 9   9   9   ALA ALA B . n 
B 1 10  SER 10  10  10  SER SER B . n 
B 1 11  GLY 11  11  11  GLY GLY B . n 
B 1 12  LEU 12  12  12  LEU LEU B . n 
B 1 13  SER 13  13  13  SER SER B . n 
B 1 14  ASP 14  14  14  ASP ASP B . n 
B 1 15  GLY 15  15  15  GLY GLY B . n 
B 1 16  GLN 16  16  16  GLN GLN B . n 
B 1 17  SER 17  17  17  SER SER B . n 
B 1 18  VAL 18  18  18  VAL VAL B . n 
B 1 19  SER 19  19  19  SER SER B . n 
B 1 20  VAL 20  20  20  VAL VAL B . n 
B 1 21  SER 21  21  21  SER SER B . n 
B 1 22  VAL 22  22  22  VAL VAL B . n 
B 1 23  SER 23  23  23  SER SER B . n 
B 1 24  GLY 24  24  24  GLY GLY B . n 
B 1 25  ALA 25  25  25  ALA ALA B . n 
B 1 26  ALA 26  26  26  ALA ALA B . n 
B 1 27  ALA 27  26  26  ALA ALA B A n 
B 1 28  GLY 28  26  26  GLY GLY B B n 
B 1 29  GLU 29  27  27  GLU GLU B . n 
B 1 30  THR 30  28  28  THR THR B . n 
B 1 31  TYR 31  29  29  TYR TYR B . n 
B 1 32  TYR 32  30  30  TYR TYR B . n 
B 1 33  ILE 33  31  31  ILE ILE B . n 
B 1 34  ALA 34  32  32  ALA ALA B . n 
B 1 35  GLN 35  33  33  GLN GLN B . n 
B 1 36  CYS 36  34  34  CYS CYS B . n 
B 1 37  ALA 37  35  35  ALA ALA B . n 
B 1 38  PRO 38  36  36  PRO PRO B . n 
B 1 39  VAL 39  37  37  VAL VAL B . n 
B 1 40  GLY 40  38  38  GLY GLY B . n 
B 1 41  GLY 41  39  39  GLY GLY B . n 
B 1 42  GLN 42  40  40  GLN GLN B . n 
B 1 43  ASP 43  41  41  ASP ASP B . n 
B 1 44  ALA 44  42  42  ALA ALA B . n 
B 1 45  CYS 45  43  43  CYS CYS B . n 
B 1 46  ASN 46  44  44  ASN ASN B . n 
B 1 47  PRO 47  45  45  PRO PRO B . n 
B 1 48  ALA 48  46  46  ALA ALA B . n 
B 1 49  THR 49  47  47  THR THR B . n 
B 1 50  ALA 50  48  48  ALA ALA B . n 
B 1 51  THR 51  49  49  THR THR B . n 
B 1 52  SER 52  50  50  SER SER B . n 
B 1 53  PHE 53  51  51  PHE PHE B . n 
B 1 54  THR 54  52  52  THR THR B . n 
B 1 55  THR 55  53  53  THR THR B . n 
B 1 56  ASP 56  54  54  ASP ASP B . n 
B 1 57  ALA 57  55  55  ALA ALA B . n 
B 1 58  SER 58  56  56  SER SER B . n 
B 1 59  GLY 59  57  57  GLY GLY B . n 
B 1 60  ALA 60  58  58  ALA ALA B . n 
B 1 61  ALA 61  59  59  ALA ALA B . n 
B 1 62  SER 62  60  60  SER SER B . n 
B 1 63  PHE 63  61  61  PHE PHE B . n 
B 1 64  SER 64  62  62  SER SER B . n 
B 1 65  PHE 65  63  63  PHE PHE B . n 
B 1 66  VAL 66  63  63  VAL VAL B A n 
B 1 67  VAL 67  64  64  VAL VAL B . n 
B 1 68  ARG 68  65  65  ARG ARG B . n 
B 1 69  LYS 69  66  66  LYS LYS B . n 
B 1 70  SER 70  67  67  SER SER B . n 
B 1 71  TYR 71  68  68  TYR TYR B . n 
B 1 72  THR 72  69  69  THR THR B . n 
B 1 73  GLY 73  70  70  GLY GLY B . n 
B 1 74  SER 74  71  71  SER SER B . n 
B 1 75  THR 75  72  72  THR THR B . n 
B 1 76  PRO 76  73  73  PRO PRO B . n 
B 1 77  GLU 77  74  74  GLU GLU B . n 
B 1 78  GLY 78  75  75  GLY GLY B . n 
B 1 79  THR 79  76  76  THR THR B . n 
B 1 80  PRO 80  77  77  PRO PRO B . n 
B 1 81  VAL 81  78  78  VAL VAL B . n 
B 1 82  GLY 82  79  79  GLY GLY B . n 
B 1 83  SER 83  80  80  SER SER B . n 
B 1 84  VAL 84  81  81  VAL VAL B . n 
B 1 85  ASP 85  82  82  ASP ASP B . n 
B 1 86  CYS 86  83  83  CYS CYS B . n 
B 1 87  ALA 87  84  84  ALA ALA B . n 
B 1 88  THR 88  85  85  THR THR B . n 
B 1 89  ALA 89  86  86  ALA ALA B . n 
B 1 90  ALA 90  87  87  ALA ALA B . n 
B 1 91  CYS 91  88  88  CYS CYS B . n 
B 1 92  ASN 92  89  89  ASN ASN B . n 
B 1 93  LEU 93  90  90  LEU LEU B . n 
B 1 94  GLY 94  91  91  GLY GLY B . n 
B 1 95  ALA 95  92  92  ALA ALA B . n 
B 1 96  GLY 96  93  93  GLY GLY B . n 
B 1 97  ASN 97  94  94  ASN ASN B . n 
B 1 98  SER 98  95  95  SER SER B . n 
B 1 99  GLY 99  96  96  GLY GLY B . n 
B 1 100 LEU 100 97  97  LEU LEU B . n 
B 1 101 ASP 101 98  98  ASP ASP B . n 
B 1 102 LEU 102 99  99  LEU LEU B . n 
B 1 103 GLY 103 100 100 GLY GLY B . n 
B 1 104 HIS 104 101 101 HIS HIS B . n 
B 1 105 VAL 105 102 102 VAL VAL B . n 
B 1 106 ALA 106 103 103 ALA ALA B . n 
B 1 107 LEU 107 104 104 LEU LEU B . n 
B 1 108 THR 108 105 105 THR THR B . n 
B 1 109 PHE 109 106 106 PHE PHE B . n 
B 1 110 GLY 110 107 ?   ?   ?   B . n 
# 
loop_
_pdbx_nonpoly_scheme.asym_id 
_pdbx_nonpoly_scheme.entity_id 
_pdbx_nonpoly_scheme.mon_id 
_pdbx_nonpoly_scheme.ndb_seq_num 
_pdbx_nonpoly_scheme.pdb_seq_num 
_pdbx_nonpoly_scheme.auth_seq_num 
_pdbx_nonpoly_scheme.pdb_mon_id 
_pdbx_nonpoly_scheme.auth_mon_id 
_pdbx_nonpoly_scheme.pdb_strand_id 
_pdbx_nonpoly_scheme.pdb_ins_code 
C 2 HOH 1  108 3   HOH TIP A . 
C 2 HOH 2  109 4   HOH TIP A . 
C 2 HOH 3  110 5   HOH TIP A . 
C 2 HOH 4  111 7   HOH TIP A . 
C 2 HOH 5  112 9   HOH TIP A . 
C 2 HOH 6  113 10  HOH TIP A . 
C 2 HOH 7  114 12  HOH TIP A . 
C 2 HOH 8  115 16  HOH TIP A . 
C 2 HOH 9  116 19  HOH TIP A . 
C 2 HOH 10 117 20  HOH TIP A . 
C 2 HOH 11 118 24  HOH TIP A . 
C 2 HOH 12 119 26  HOH TIP A . 
C 2 HOH 13 120 27  HOH TIP A . 
C 2 HOH 14 121 28  HOH TIP A . 
C 2 HOH 15 122 33  HOH TIP A . 
C 2 HOH 16 123 34  HOH TIP A . 
C 2 HOH 17 124 35  HOH TIP A . 
C 2 HOH 18 125 38  HOH TIP A . 
C 2 HOH 19 126 39  HOH TIP A . 
C 2 HOH 20 127 40  HOH TIP A . 
C 2 HOH 21 128 42  HOH TIP A . 
C 2 HOH 22 129 44  HOH TIP A . 
C 2 HOH 23 130 47  HOH TIP A . 
C 2 HOH 24 131 49  HOH TIP A . 
C 2 HOH 25 132 52  HOH TIP A . 
C 2 HOH 26 133 53  HOH TIP A . 
C 2 HOH 27 134 58  HOH TIP A . 
C 2 HOH 28 135 62  HOH TIP A . 
C 2 HOH 29 136 63  HOH TIP A . 
C 2 HOH 30 137 65  HOH TIP A . 
C 2 HOH 31 138 67  HOH TIP A . 
C 2 HOH 32 139 70  HOH TIP A . 
C 2 HOH 33 140 71  HOH TIP A . 
C 2 HOH 34 141 73  HOH TIP A . 
C 2 HOH 35 142 75  HOH TIP A . 
C 2 HOH 36 143 79  HOH TIP A . 
C 2 HOH 37 144 80  HOH TIP A . 
C 2 HOH 38 145 84  HOH TIP A . 
C 2 HOH 39 146 85  HOH TIP A . 
C 2 HOH 40 147 86  HOH TIP A . 
C 2 HOH 41 148 87  HOH TIP A . 
C 2 HOH 42 149 89  HOH TIP A . 
C 2 HOH 43 150 90  HOH TIP A . 
C 2 HOH 44 151 93  HOH TIP A . 
C 2 HOH 45 152 96  HOH TIP A . 
C 2 HOH 46 153 98  HOH TIP A . 
C 2 HOH 47 154 101 HOH TIP A . 
C 2 HOH 48 155 102 HOH TIP A . 
C 2 HOH 49 156 103 HOH TIP A . 
C 2 HOH 50 157 104 HOH TIP A . 
C 2 HOH 51 158 105 HOH TIP A . 
C 2 HOH 52 159 108 HOH TIP A . 
C 2 HOH 53 160 110 HOH TIP A . 
C 2 HOH 54 161 113 HOH TIP A . 
C 2 HOH 55 162 115 HOH TIP A . 
C 2 HOH 56 163 116 HOH TIP A . 
C 2 HOH 57 164 117 HOH TIP A . 
C 2 HOH 58 165 118 HOH TIP A . 
C 2 HOH 59 166 120 HOH TIP A . 
C 2 HOH 60 167 122 HOH TIP A . 
C 2 HOH 61 168 123 HOH TIP A . 
C 2 HOH 62 169 124 HOH TIP A . 
C 2 HOH 63 170 127 HOH TIP A . 
C 2 HOH 64 171 130 HOH TIP A . 
C 2 HOH 65 172 134 HOH TIP A . 
C 2 HOH 66 173 135 HOH TIP A . 
C 2 HOH 67 174 136 HOH TIP A . 
C 2 HOH 68 175 140 HOH TIP A . 
C 2 HOH 69 176 144 HOH TIP A . 
C 2 HOH 70 177 147 HOH TIP A . 
C 2 HOH 71 178 149 HOH TIP A . 
C 2 HOH 72 179 150 HOH TIP A . 
C 2 HOH 73 180 155 HOH TIP A . 
C 2 HOH 74 181 156 HOH TIP A . 
C 2 HOH 75 182 158 HOH TIP A . 
C 2 HOH 76 183 159 HOH TIP A . 
C 2 HOH 77 184 161 HOH TIP A . 
C 2 HOH 78 185 162 HOH TIP A . 
C 2 HOH 79 186 163 HOH TIP A . 
C 2 HOH 80 187 164 HOH TIP A . 
C 2 HOH 81 188 165 HOH TIP A . 
C 2 HOH 82 189 167 HOH TIP A . 
C 2 HOH 83 190 168 HOH TIP A . 
C 2 HOH 84 191 169 HOH TIP A . 
C 2 HOH 85 192 170 HOH TIP A . 
C 2 HOH 86 193 172 HOH TIP A . 
C 2 HOH 87 194 173 HOH TIP A . 
C 2 HOH 88 195 174 HOH TIP A . 
C 2 HOH 89 196 176 HOH TIP A . 
C 2 HOH 90 197 177 HOH TIP A . 
D 2 HOH 1  108 1   HOH TIP B . 
D 2 HOH 2  109 2   HOH TIP B . 
D 2 HOH 3  110 6   HOH TIP B . 
D 2 HOH 4  111 8   HOH TIP B . 
D 2 HOH 5  112 11  HOH TIP B . 
D 2 HOH 6  113 13  HOH TIP B . 
D 2 HOH 7  114 14  HOH TIP B . 
D 2 HOH 8  115 15  HOH TIP B . 
D 2 HOH 9  116 17  HOH TIP B . 
D 2 HOH 10 117 18  HOH TIP B . 
D 2 HOH 11 118 21  HOH TIP B . 
D 2 HOH 12 119 22  HOH TIP B . 
D 2 HOH 13 120 23  HOH TIP B . 
D 2 HOH 14 121 25  HOH TIP B . 
D 2 HOH 15 122 29  HOH TIP B . 
D 2 HOH 16 123 30  HOH TIP B . 
D 2 HOH 17 124 31  HOH TIP B . 
D 2 HOH 18 125 32  HOH TIP B . 
D 2 HOH 19 126 36  HOH TIP B . 
D 2 HOH 20 127 37  HOH TIP B . 
D 2 HOH 21 128 41  HOH TIP B . 
D 2 HOH 22 129 43  HOH TIP B . 
D 2 HOH 23 130 45  HOH TIP B . 
D 2 HOH 24 131 46  HOH TIP B . 
D 2 HOH 25 132 48  HOH TIP B . 
D 2 HOH 26 133 50  HOH TIP B . 
D 2 HOH 27 134 51  HOH TIP B . 
D 2 HOH 28 135 54  HOH TIP B . 
D 2 HOH 29 136 55  HOH TIP B . 
D 2 HOH 30 137 56  HOH TIP B . 
D 2 HOH 31 138 57  HOH TIP B . 
D 2 HOH 32 139 59  HOH TIP B . 
D 2 HOH 33 140 60  HOH TIP B . 
D 2 HOH 34 141 61  HOH TIP B . 
D 2 HOH 35 142 64  HOH TIP B . 
D 2 HOH 36 143 66  HOH TIP B . 
D 2 HOH 37 144 68  HOH TIP B . 
D 2 HOH 38 145 69  HOH TIP B . 
D 2 HOH 39 146 72  HOH TIP B . 
D 2 HOH 40 147 74  HOH TIP B . 
D 2 HOH 41 148 76  HOH TIP B . 
D 2 HOH 42 149 77  HOH TIP B . 
D 2 HOH 43 150 78  HOH TIP B . 
D 2 HOH 44 151 81  HOH TIP B . 
D 2 HOH 45 152 82  HOH TIP B . 
D 2 HOH 46 153 83  HOH TIP B . 
D 2 HOH 47 154 88  HOH TIP B . 
D 2 HOH 48 155 91  HOH TIP B . 
D 2 HOH 49 156 92  HOH TIP B . 
D 2 HOH 50 157 94  HOH TIP B . 
D 2 HOH 51 158 95  HOH TIP B . 
D 2 HOH 52 159 97  HOH TIP B . 
D 2 HOH 53 160 99  HOH TIP B . 
D 2 HOH 54 161 100 HOH TIP B . 
D 2 HOH 55 162 106 HOH TIP B . 
D 2 HOH 56 163 107 HOH TIP B . 
D 2 HOH 57 164 109 HOH TIP B . 
D 2 HOH 58 165 111 HOH TIP B . 
D 2 HOH 59 166 112 HOH TIP B . 
D 2 HOH 60 167 114 HOH TIP B . 
D 2 HOH 61 168 119 HOH TIP B . 
D 2 HOH 62 169 121 HOH TIP B . 
D 2 HOH 63 170 125 HOH TIP B . 
D 2 HOH 64 171 126 HOH TIP B . 
D 2 HOH 65 172 128 HOH TIP B . 
D 2 HOH 66 173 129 HOH TIP B . 
D 2 HOH 67 174 131 HOH TIP B . 
D 2 HOH 68 175 132 HOH TIP B . 
D 2 HOH 69 176 133 HOH TIP B . 
D 2 HOH 70 177 137 HOH TIP B . 
D 2 HOH 71 178 138 HOH TIP B . 
D 2 HOH 72 179 139 HOH TIP B . 
D 2 HOH 73 180 141 HOH TIP B . 
D 2 HOH 74 181 142 HOH TIP B . 
D 2 HOH 75 182 143 HOH TIP B . 
D 2 HOH 76 183 145 HOH TIP B . 
D 2 HOH 77 184 146 HOH TIP B . 
D 2 HOH 78 185 148 HOH TIP B . 
D 2 HOH 79 186 151 HOH TIP B . 
D 2 HOH 80 187 152 HOH TIP B . 
D 2 HOH 81 188 153 HOH TIP B . 
D 2 HOH 82 189 154 HOH TIP B . 
D 2 HOH 83 190 157 HOH TIP B . 
D 2 HOH 84 191 160 HOH TIP B . 
D 2 HOH 85 192 166 HOH TIP B . 
D 2 HOH 86 193 171 HOH TIP B . 
D 2 HOH 87 194 175 HOH TIP B . 
D 2 HOH 88 195 178 HOH TIP B . 
D 2 HOH 89 196 179 HOH TIP B . 
D 2 HOH 90 197 180 HOH TIP B . 
# 
loop_
_software.name 
_software.classification 
_software.version 
_software.citation_id 
_software.pdbx_ordinal 
DENZO     'data reduction' 2000 ? 1 
SCALEPACK 'data scaling'   2000 ? 2 
O         'model building' 7.0  ? 3 
CNS       refinement       1.0  ? 4 
HKL-2000  'data reduction' .    ? 5 
HKL-2000  'data scaling'   .    ? 6 
# 
_cell.length_a           55.15 
_cell.length_b           55.15 
_cell.length_c           55.87 
_cell.angle_alpha        90.00 
_cell.angle_beta         90.00 
_cell.angle_gamma        120.00 
_cell.entry_id           1J48 
_cell.pdbx_unique_axis   ? 
_cell.Z_PDB              6 
# 
_symmetry.space_group_name_H-M             'P 31' 
_symmetry.entry_id                         1J48 
_symmetry.pdbx_full_space_group_name_H-M   ? 
_symmetry.Int_Tables_number                144 
_symmetry.cell_setting                     ? 
# 
_exptl.entry_id          1J48 
_exptl.method            'X-RAY DIFFRACTION' 
_exptl.crystals_number   1 
# 
_exptl_crystal.id                    1 
_exptl_crystal.density_meas          ? 
_exptl_crystal.density_percent_sol   47.29 
_exptl_crystal.density_Matthews      2.33 
_exptl_crystal.description           ? 
# 
_exptl_crystal_grow.crystal_id      1 
_exptl_crystal_grow.method          'HANGING DROP/VAPOR DIFFUSION' 
_exptl_crystal_grow.pH              6.5 
_exptl_crystal_grow.temp            291.0 
_exptl_crystal_grow.pdbx_details    'Ammonium sulfate, Cacodylic acid, pH 6.5, HANGING DROP/VAPOR DIFFUSION, temperature 291.0K' 
_exptl_crystal_grow.temp_details    ? 
_exptl_crystal_grow.pdbx_pH_range   ? 
# 
_diffrn.id                     1 
_diffrn.ambient_temp           115 
_diffrn.ambient_temp_details   ? 
_diffrn.crystal_id             1 
# 
_diffrn_detector.diffrn_id              1 
_diffrn_detector.detector               CCD 
_diffrn_detector.type                   MARRESEARCH 
_diffrn_detector.pdbx_collection_date   2001-02-05 
_diffrn_detector.details                ? 
# 
_diffrn_radiation.diffrn_id                        1 
_diffrn_radiation.wavelength_id                    1 
_diffrn_radiation.monochromator                    ? 
_diffrn_radiation.pdbx_monochromatic_or_laue_m_l   M 
_diffrn_radiation.pdbx_diffrn_protocol             'SINGLE WAVELENGTH' 
_diffrn_radiation.pdbx_scattering_type             x-ray 
# 
_diffrn_radiation_wavelength.id           1 
_diffrn_radiation_wavelength.wavelength   0.9798 
_diffrn_radiation_wavelength.wt           1.0 
# 
_diffrn_source.diffrn_id                   1 
_diffrn_source.source                      SYNCHROTRON 
_diffrn_source.type                        'SRS BEAMLINE' 
_diffrn_source.pdbx_wavelength             0.9798 
_diffrn_source.pdbx_synchrotron_site       SRS 
_diffrn_source.pdbx_synchrotron_beamline   ? 
_diffrn_source.pdbx_wavelength_list        ? 
# 
_reflns.observed_criterion_sigma_F   ? 
_reflns.observed_criterion_sigma_I   -3.0 
_reflns.d_resolution_high            1.60 
_reflns.d_resolution_low             50.00 
_reflns.number_all                   ? 
_reflns.number_obs                   41467 
_reflns.percent_possible_obs         91.3 
_reflns.pdbx_Rmerge_I_obs            0.076 
_reflns.pdbx_netI_over_sigmaI        3.0 
_reflns.B_iso_Wilson_estimate        14.1 
_reflns.pdbx_redundancy              2.3 
_reflns.entry_id                     1J48 
_reflns.pdbx_Rsym_value              ? 
_reflns.R_free_details               ? 
_reflns.limit_h_max                  ? 
_reflns.limit_h_min                  ? 
_reflns.limit_k_max                  ? 
_reflns.limit_k_min                  ? 
_reflns.limit_l_max                  ? 
_reflns.limit_l_min                  ? 
_reflns.observed_criterion_F_max     ? 
_reflns.observed_criterion_F_min     ? 
_reflns.pdbx_diffrn_id               1 
_reflns.pdbx_ordinal                 1 
# 
_reflns_shell.d_res_high             1.70 
_reflns_shell.d_res_low              1.73 
_reflns_shell.percent_possible_all   87.4 
_reflns_shell.Rmerge_I_obs           0.65 
_reflns_shell.pdbx_redundancy        2.0 
_reflns_shell.number_unique_all      906 
_reflns_shell.percent_possible_obs   ? 
_reflns_shell.meanI_over_sigI_obs    ? 
_reflns_shell.pdbx_Rsym_value        ? 
_reflns_shell.pdbx_diffrn_id         ? 
_reflns_shell.pdbx_ordinal           1 
# 
_refine.ls_d_res_high                            1.80 
_refine.ls_d_res_low                             500 
_refine.pdbx_ls_sigma_F                          0 
_refine.pdbx_ls_sigma_I                          0 
_refine.ls_number_reflns_all                     17627 
_refine.ls_number_reflns_obs                     15445 
_refine.ls_number_reflns_R_free                  1524 
_refine.ls_percent_reflns_obs                    87.6 
_refine.ls_R_factor_all                          ? 
_refine.ls_R_factor_obs                          ? 
_refine.ls_R_factor_R_work                       0.185 
_refine.ls_R_factor_R_free                       0.237 
_refine.pdbx_stereochemistry_target_values       'Engh & Huber' 
_refine.details                                  CNS 
_refine.entry_id                                 1J48 
_refine.ls_redundancy_reflns_obs                 ? 
_refine.pdbx_data_cutoff_high_absF               ? 
_refine.pdbx_data_cutoff_low_absF                ? 
_refine.ls_number_parameters                     ? 
_refine.ls_number_restraints                     ? 
_refine.ls_percent_reflns_R_free                 ? 
_refine.ls_R_factor_R_free_error                 ? 
_refine.ls_R_factor_R_free_error_details         ? 
_refine.pdbx_method_to_determine_struct          ? 
_refine.pdbx_starting_model                      ? 
_refine.pdbx_isotropic_thermal_model             ? 
_refine.B_iso_mean                               ? 
_refine.aniso_B[1][1]                            ? 
_refine.aniso_B[1][2]                            ? 
_refine.aniso_B[1][3]                            ? 
_refine.aniso_B[2][2]                            ? 
_refine.aniso_B[2][3]                            ? 
_refine.aniso_B[3][3]                            ? 
_refine.pdbx_ls_cross_valid_method               ? 
_refine.pdbx_R_Free_selection_details            ? 
_refine.pdbx_stereochem_target_val_spec_case     ? 
_refine.solvent_model_details                    ? 
_refine.solvent_model_param_bsol                 ? 
_refine.solvent_model_param_ksol                 ? 
_refine.occupancy_max                            ? 
_refine.occupancy_min                            ? 
_refine.overall_SU_B                             ? 
_refine.overall_SU_ML                            ? 
_refine.pdbx_overall_ESU_R                       ? 
_refine.pdbx_overall_ESU_R_Free                  ? 
_refine.pdbx_data_cutoff_high_rms_absF           ? 
_refine.B_iso_min                                ? 
_refine.B_iso_max                                ? 
_refine.correlation_coeff_Fo_to_Fc               ? 
_refine.overall_SU_R_Cruickshank_DPI             ? 
_refine.overall_SU_R_free                        ? 
_refine.correlation_coeff_Fo_to_Fc_free          ? 
_refine.pdbx_solvent_vdw_probe_radii             ? 
_refine.pdbx_solvent_ion_probe_radii             ? 
_refine.pdbx_solvent_shrinkage_radii             ? 
_refine.pdbx_refine_id                           'X-RAY DIFFRACTION' 
_refine.pdbx_diffrn_id                           1 
_refine.pdbx_TLS_residual_ADP_flag               ? 
_refine.pdbx_overall_phase_error                 ? 
_refine.pdbx_overall_SU_R_free_Cruickshank_DPI   ? 
_refine.pdbx_overall_SU_R_Blow_DPI               ? 
_refine.pdbx_overall_SU_R_free_Blow_DPI          ? 
# 
_refine_hist.pdbx_refine_id                   'X-RAY DIFFRACTION' 
_refine_hist.cycle_id                         LAST 
_refine_hist.pdbx_number_atoms_protein        1462 
_refine_hist.pdbx_number_atoms_nucleic_acid   0 
_refine_hist.pdbx_number_atoms_ligand         0 
_refine_hist.number_atoms_solvent             180 
_refine_hist.number_atoms_total               1642 
_refine_hist.d_res_high                       1.80 
_refine_hist.d_res_low                        500 
# 
loop_
_refine_ls_restr.type 
_refine_ls_restr.dev_ideal 
_refine_ls_restr.dev_ideal_target 
_refine_ls_restr.number 
_refine_ls_restr.weight 
_refine_ls_restr.pdbx_refine_id 
_refine_ls_restr.pdbx_restraint_function 
c_bond_d  0.014 ? ? ? 'X-RAY DIFFRACTION' ? 
c_angle_d 1.73  ? ? ? 'X-RAY DIFFRACTION' ? 
# 
_struct.entry_id                  1J48 
_struct.title                     'Crystal Structure of Apo-C1027' 
_struct.pdbx_model_details        ? 
_struct.pdbx_CASP_flag            ? 
_struct.pdbx_model_type_details   ? 
# 
_struct_keywords.entry_id        1J48 
_struct_keywords.pdbx_keywords   ANTIBIOTIC 
_struct_keywords.text            'Antibiotic, DNA-binding' 
# 
loop_
_struct_asym.id 
_struct_asym.pdbx_blank_PDB_chainid_flag 
_struct_asym.pdbx_modified 
_struct_asym.entity_id 
_struct_asym.details 
A N N 1 ? 
B N N 1 ? 
C N N 2 ? 
D N N 2 ? 
# 
_struct_ref.id                         1 
_struct_ref.db_name                    UNP 
_struct_ref.db_code                    CAGA_STRGL 
_struct_ref.entity_id                  1 
_struct_ref.pdbx_seq_one_letter_code   
;APAFSVSPASGLSDGQSVSVSVSGAAAGETYYIAQCAPVGGQDACNPATATSFTTDASGAASFSFVVRKSYTGSTPEGTP
VGSVDCATAACNLGAGNSGLDLGHVALTFG
;
_struct_ref.pdbx_align_begin           34 
_struct_ref.pdbx_db_accession          Q06110 
_struct_ref.pdbx_db_isoform            ? 
# 
loop_
_struct_ref_seq.align_id 
_struct_ref_seq.ref_id 
_struct_ref_seq.pdbx_PDB_id_code 
_struct_ref_seq.pdbx_strand_id 
_struct_ref_seq.seq_align_beg 
_struct_ref_seq.pdbx_seq_align_beg_ins_code 
_struct_ref_seq.seq_align_end 
_struct_ref_seq.pdbx_seq_align_end_ins_code 
_struct_ref_seq.pdbx_db_accession 
_struct_ref_seq.db_align_beg 
_struct_ref_seq.pdbx_db_align_beg_ins_code 
_struct_ref_seq.db_align_end 
_struct_ref_seq.pdbx_db_align_end_ins_code 
_struct_ref_seq.pdbx_auth_seq_align_beg 
_struct_ref_seq.pdbx_auth_seq_align_end 
1 1 1J48 A 1 ? 110 ? Q06110 34 ? 143 ? 1 107 
2 1 1J48 B 1 ? 110 ? Q06110 34 ? 143 ? 1 107 
# 
loop_
_pdbx_struct_assembly.id 
_pdbx_struct_assembly.details 
_pdbx_struct_assembly.method_details 
_pdbx_struct_assembly.oligomeric_details 
_pdbx_struct_assembly.oligomeric_count 
1 author_defined_assembly ? monomeric 1 
2 author_defined_assembly ? monomeric 1 
# 
loop_
_pdbx_struct_assembly_gen.assembly_id 
_pdbx_struct_assembly_gen.oper_expression 
_pdbx_struct_assembly_gen.asym_id_list 
1 1 A,C 
2 1 B,D 
# 
_pdbx_struct_oper_list.id                   1 
_pdbx_struct_oper_list.type                 'identity operation' 
_pdbx_struct_oper_list.name                 1_555 
_pdbx_struct_oper_list.symmetry_operation   x,y,z 
_pdbx_struct_oper_list.matrix[1][1]         1.0000000000 
_pdbx_struct_oper_list.matrix[1][2]         0.0000000000 
_pdbx_struct_oper_list.matrix[1][3]         0.0000000000 
_pdbx_struct_oper_list.vector[1]            0.0000000000 
_pdbx_struct_oper_list.matrix[2][1]         0.0000000000 
_pdbx_struct_oper_list.matrix[2][2]         1.0000000000 
_pdbx_struct_oper_list.matrix[2][3]         0.0000000000 
_pdbx_struct_oper_list.vector[2]            0.0000000000 
_pdbx_struct_oper_list.matrix[3][1]         0.0000000000 
_pdbx_struct_oper_list.matrix[3][2]         0.0000000000 
_pdbx_struct_oper_list.matrix[3][3]         1.0000000000 
_pdbx_struct_oper_list.vector[3]            0.0000000000 
# 
loop_
_struct_biol.id 
_struct_biol.pdbx_parent_biol_id 
_struct_biol.details 
1 ? ? 
2 ? ? 
# 
loop_
_struct_conn.id 
_struct_conn.conn_type_id 
_struct_conn.pdbx_leaving_atom_flag 
_struct_conn.pdbx_PDB_id 
_struct_conn.ptnr1_label_asym_id 
_struct_conn.ptnr1_label_comp_id 
_struct_conn.ptnr1_label_seq_id 
_struct_conn.ptnr1_label_atom_id 
_struct_conn.pdbx_ptnr1_label_alt_id 
_struct_conn.pdbx_ptnr1_PDB_ins_code 
_struct_conn.pdbx_ptnr1_standard_comp_id 
_struct_conn.ptnr1_symmetry 
_struct_conn.ptnr2_label_asym_id 
_struct_conn.ptnr2_label_comp_id 
_struct_conn.ptnr2_label_seq_id 
_struct_conn.ptnr2_label_atom_id 
_struct_conn.pdbx_ptnr2_label_alt_id 
_struct_conn.pdbx_ptnr2_PDB_ins_code 
_struct_conn.ptnr1_auth_asym_id 
_struct_conn.ptnr1_auth_comp_id 
_struct_conn.ptnr1_auth_seq_id 
_struct_conn.ptnr2_auth_asym_id 
_struct_conn.ptnr2_auth_comp_id 
_struct_conn.ptnr2_auth_seq_id 
_struct_conn.ptnr2_symmetry 
_struct_conn.pdbx_ptnr3_label_atom_id 
_struct_conn.pdbx_ptnr3_label_seq_id 
_struct_conn.pdbx_ptnr3_label_comp_id 
_struct_conn.pdbx_ptnr3_label_asym_id 
_struct_conn.pdbx_ptnr3_label_alt_id 
_struct_conn.pdbx_ptnr3_PDB_ins_code 
_struct_conn.details 
_struct_conn.pdbx_dist_value 
_struct_conn.pdbx_value_order 
_struct_conn.pdbx_role 
disulf1 disulf ? ? A CYS 36 SG ? ? ? 1_555 A CYS 45 SG ? ? A CYS 34 A CYS 43 1_555 ? ? ? ? ? ? ? 2.041 ? ? 
disulf2 disulf ? ? A CYS 86 SG ? ? ? 1_555 A CYS 91 SG ? ? A CYS 83 A CYS 88 1_555 ? ? ? ? ? ? ? 2.026 ? ? 
disulf3 disulf ? ? B CYS 36 SG ? ? ? 1_555 B CYS 45 SG ? ? B CYS 34 B CYS 43 1_555 ? ? ? ? ? ? ? 2.032 ? ? 
disulf4 disulf ? ? B CYS 86 SG ? ? ? 1_555 B CYS 91 SG ? ? B CYS 83 B CYS 88 1_555 ? ? ? ? ? ? ? 2.030 ? ? 
# 
_struct_conn_type.id          disulf 
_struct_conn_type.criteria    ? 
_struct_conn_type.reference   ? 
# 
loop_
_pdbx_modification_feature.ordinal 
_pdbx_modification_feature.label_comp_id 
_pdbx_modification_feature.label_asym_id 
_pdbx_modification_feature.label_seq_id 
_pdbx_modification_feature.label_alt_id 
_pdbx_modification_feature.modified_residue_label_comp_id 
_pdbx_modification_feature.modified_residue_label_asym_id 
_pdbx_modification_feature.modified_residue_label_seq_id 
_pdbx_modification_feature.modified_residue_label_alt_id 
_pdbx_modification_feature.auth_comp_id 
_pdbx_modification_feature.auth_asym_id 
_pdbx_modification_feature.auth_seq_id 
_pdbx_modification_feature.PDB_ins_code 
_pdbx_modification_feature.symmetry 
_pdbx_modification_feature.modified_residue_auth_comp_id 
_pdbx_modification_feature.modified_residue_auth_asym_id 
_pdbx_modification_feature.modified_residue_auth_seq_id 
_pdbx_modification_feature.modified_residue_PDB_ins_code 
_pdbx_modification_feature.modified_residue_symmetry 
_pdbx_modification_feature.comp_id_linking_atom 
_pdbx_modification_feature.modified_residue_id_linking_atom 
_pdbx_modification_feature.modified_residue_id 
_pdbx_modification_feature.ref_pcm_id 
_pdbx_modification_feature.ref_comp_id 
_pdbx_modification_feature.type 
_pdbx_modification_feature.category 
1 CYS A 36 ? CYS A 45 ? CYS A 34 ? 1_555 CYS A 43 ? 1_555 SG SG . . . None 'Disulfide bridge' 
2 CYS A 86 ? CYS A 91 ? CYS A 83 ? 1_555 CYS A 88 ? 1_555 SG SG . . . None 'Disulfide bridge' 
3 CYS B 36 ? CYS B 45 ? CYS B 34 ? 1_555 CYS B 43 ? 1_555 SG SG . . . None 'Disulfide bridge' 
4 CYS B 86 ? CYS B 91 ? CYS B 83 ? 1_555 CYS B 88 ? 1_555 SG SG . . . None 'Disulfide bridge' 
# 
loop_
_struct_mon_prot_cis.pdbx_id 
_struct_mon_prot_cis.label_comp_id 
_struct_mon_prot_cis.label_seq_id 
_struct_mon_prot_cis.label_asym_id 
_struct_mon_prot_cis.label_alt_id 
_struct_mon_prot_cis.pdbx_PDB_ins_code 
_struct_mon_prot_cis.auth_comp_id 
_struct_mon_prot_cis.auth_seq_id 
_struct_mon_prot_cis.auth_asym_id 
_struct_mon_prot_cis.pdbx_label_comp_id_2 
_struct_mon_prot_cis.pdbx_label_seq_id_2 
_struct_mon_prot_cis.pdbx_label_asym_id_2 
_struct_mon_prot_cis.pdbx_PDB_ins_code_2 
_struct_mon_prot_cis.pdbx_auth_comp_id_2 
_struct_mon_prot_cis.pdbx_auth_seq_id_2 
_struct_mon_prot_cis.pdbx_auth_asym_id_2 
_struct_mon_prot_cis.pdbx_PDB_model_num 
_struct_mon_prot_cis.pdbx_omega_angle 
1 SER 7 A . ? SER 7 A PRO 8 A ? PRO 8 A 1 -0.31 
2 SER 7 B . ? SER 7 B PRO 8 B ? PRO 8 B 1 -0.07 
# 
loop_
_struct_sheet.id 
_struct_sheet.type 
_struct_sheet.number_strands 
_struct_sheet.details 
A ? 2 ? 
B ? 4 ? 
C ? 4 ? 
D ? 2 ? 
E ? 2 ? 
F ? 4 ? 
G ? 4 ? 
H ? 2 ? 
# 
loop_
_struct_sheet_order.sheet_id 
_struct_sheet_order.range_id_1 
_struct_sheet_order.range_id_2 
_struct_sheet_order.offset 
_struct_sheet_order.sense 
A 1 2 ? anti-parallel 
B 1 2 ? anti-parallel 
B 2 3 ? anti-parallel 
B 3 4 ? anti-parallel 
C 1 2 ? anti-parallel 
C 2 3 ? anti-parallel 
C 3 4 ? anti-parallel 
D 1 2 ? anti-parallel 
E 1 2 ? anti-parallel 
F 1 2 ? anti-parallel 
F 2 3 ? anti-parallel 
F 3 4 ? anti-parallel 
G 1 2 ? anti-parallel 
G 2 3 ? anti-parallel 
G 3 4 ? anti-parallel 
H 1 2 ? anti-parallel 
# 
loop_
_struct_sheet_range.sheet_id 
_struct_sheet_range.id 
_struct_sheet_range.beg_label_comp_id 
_struct_sheet_range.beg_label_asym_id 
_struct_sheet_range.beg_label_seq_id 
_struct_sheet_range.pdbx_beg_PDB_ins_code 
_struct_sheet_range.end_label_comp_id 
_struct_sheet_range.end_label_asym_id 
_struct_sheet_range.end_label_seq_id 
_struct_sheet_range.pdbx_end_PDB_ins_code 
_struct_sheet_range.beg_auth_comp_id 
_struct_sheet_range.beg_auth_asym_id 
_struct_sheet_range.beg_auth_seq_id 
_struct_sheet_range.end_auth_comp_id 
_struct_sheet_range.end_auth_asym_id 
_struct_sheet_range.end_auth_seq_id 
A 1 ALA A 3   ? SER A 7   ? ALA A 3  SER A 7   
A 2 SER A 17  ? SER A 23  ? SER A 17 SER A 23  
B 1 LEU A 100 ? ALA A 106 ? LEU A 97 ALA A 103 
B 2 ASN A 92  ? ASN A 97  ? ASN A 89 ASN A 94  
B 3 THR A 30  ? VAL A 39  ? THR A 28 VAL A 37  
B 4 GLN A 42  ? CYS A 45  ? GLN A 40 CYS A 43  
C 1 LEU A 100 ? ALA A 106 ? LEU A 97 ALA A 103 
C 2 ASN A 92  ? ASN A 97  ? ASN A 89 ASN A 94  
C 3 THR A 30  ? VAL A 39  ? THR A 28 VAL A 37  
C 4 THR A 51  ? THR A 54  ? THR A 49 THR A 52  
D 1 SER A 70  ? SER A 74  ? SER A 67 SER A 71  
D 2 PRO A 80  ? ASP A 85  ? PRO A 77 ASP A 82  
E 1 ALA B 3   ? SER B 7   ? ALA B 3  SER B 7   
E 2 SER B 17  ? SER B 23  ? SER B 17 SER B 23  
F 1 ASP B 101 ? ALA B 106 ? ASP B 98 ALA B 103 
F 2 ASN B 92  ? GLY B 96  ? ASN B 89 GLY B 93  
F 3 THR B 30  ? PRO B 38  ? THR B 28 PRO B 36  
F 4 ASP B 43  ? CYS B 45  ? ASP B 41 CYS B 43  
G 1 ASP B 101 ? ALA B 106 ? ASP B 98 ALA B 103 
G 2 ASN B 92  ? GLY B 96  ? ASN B 89 GLY B 93  
G 3 THR B 30  ? PRO B 38  ? THR B 28 PRO B 36  
G 4 THR B 51  ? THR B 54  ? THR B 49 THR B 52  
H 1 SER B 70  ? SER B 74  ? SER B 67 SER B 71  
H 2 PRO B 80  ? ASP B 85  ? PRO B 77 ASP B 82  
# 
loop_
_pdbx_struct_sheet_hbond.sheet_id 
_pdbx_struct_sheet_hbond.range_id_1 
_pdbx_struct_sheet_hbond.range_id_2 
_pdbx_struct_sheet_hbond.range_1_label_atom_id 
_pdbx_struct_sheet_hbond.range_1_label_comp_id 
_pdbx_struct_sheet_hbond.range_1_label_asym_id 
_pdbx_struct_sheet_hbond.range_1_label_seq_id 
_pdbx_struct_sheet_hbond.range_1_PDB_ins_code 
_pdbx_struct_sheet_hbond.range_1_auth_atom_id 
_pdbx_struct_sheet_hbond.range_1_auth_comp_id 
_pdbx_struct_sheet_hbond.range_1_auth_asym_id 
_pdbx_struct_sheet_hbond.range_1_auth_seq_id 
_pdbx_struct_sheet_hbond.range_2_label_atom_id 
_pdbx_struct_sheet_hbond.range_2_label_comp_id 
_pdbx_struct_sheet_hbond.range_2_label_asym_id 
_pdbx_struct_sheet_hbond.range_2_label_seq_id 
_pdbx_struct_sheet_hbond.range_2_PDB_ins_code 
_pdbx_struct_sheet_hbond.range_2_auth_atom_id 
_pdbx_struct_sheet_hbond.range_2_auth_comp_id 
_pdbx_struct_sheet_hbond.range_2_auth_asym_id 
_pdbx_struct_sheet_hbond.range_2_auth_seq_id 
A 1 2 O SER A 7   ? O SER A 7   N SER A 19 ? N SER A 19 
B 1 2 O VAL A 105 ? O VAL A 102 N LEU A 93 ? N LEU A 90 
B 2 3 O GLY A 96  ? O GLY A 93  N TYR A 32 ? N TYR A 30 
B 3 4 N VAL A 39  ? N VAL A 37  O GLN A 42 ? O GLN A 40 
C 1 2 O VAL A 105 ? O VAL A 102 N LEU A 93 ? N LEU A 90 
C 2 3 O GLY A 96  ? O GLY A 93  N TYR A 32 ? N TYR A 30 
C 3 4 N ILE A 33  ? N ILE A 31  O THR A 51 ? O THR A 49 
D 1 2 O GLY A 73  ? O GLY A 70  N VAL A 81 ? N VAL A 78 
E 1 2 O SER B 7   ? O SER B 7   N SER B 19 ? N SER B 19 
F 1 2 O VAL B 105 ? O VAL B 102 N LEU B 93 ? N LEU B 90 
F 2 3 O GLY B 96  ? O GLY B 93  N TYR B 32 ? N TYR B 30 
F 3 4 O ALA B 37  ? O ALA B 35  N ALA B 44 ? N ALA B 42 
G 1 2 O VAL B 105 ? O VAL B 102 N LEU B 93 ? N LEU B 90 
G 2 3 O GLY B 96  ? O GLY B 93  N TYR B 32 ? N TYR B 30 
G 3 4 N ILE B 33  ? N ILE B 31  O THR B 51 ? O THR B 49 
H 1 2 O GLY B 73  ? O GLY B 70  N VAL B 81 ? N VAL B 78 
# 
_pdbx_entry_details.entry_id                   1J48 
_pdbx_entry_details.compound_details           ? 
_pdbx_entry_details.source_details             ? 
_pdbx_entry_details.nonpolymer_details         ? 
_pdbx_entry_details.sequence_details           ? 
_pdbx_entry_details.has_ligand_of_interest     ? 
_pdbx_entry_details.has_protein_modification   Y 
# 
_pdbx_validate_close_contact.id               1 
_pdbx_validate_close_contact.PDB_model_num    1 
_pdbx_validate_close_contact.auth_atom_id_1   OG1 
_pdbx_validate_close_contact.auth_asym_id_1   A 
_pdbx_validate_close_contact.auth_comp_id_1   THR 
_pdbx_validate_close_contact.auth_seq_id_1    72 
_pdbx_validate_close_contact.PDB_ins_code_1   ? 
_pdbx_validate_close_contact.label_alt_id_1   ? 
_pdbx_validate_close_contact.auth_atom_id_2   OE1 
_pdbx_validate_close_contact.auth_asym_id_2   A 
_pdbx_validate_close_contact.auth_comp_id_2   GLU 
_pdbx_validate_close_contact.auth_seq_id_2    74 
_pdbx_validate_close_contact.PDB_ins_code_2   ? 
_pdbx_validate_close_contact.label_alt_id_2   ? 
_pdbx_validate_close_contact.dist             2.10 
# 
loop_
_pdbx_unobs_or_zero_occ_residues.id 
_pdbx_unobs_or_zero_occ_residues.PDB_model_num 
_pdbx_unobs_or_zero_occ_residues.polymer_flag 
_pdbx_unobs_or_zero_occ_residues.occupancy_flag 
_pdbx_unobs_or_zero_occ_residues.auth_asym_id 
_pdbx_unobs_or_zero_occ_residues.auth_comp_id 
_pdbx_unobs_or_zero_occ_residues.auth_seq_id 
_pdbx_unobs_or_zero_occ_residues.PDB_ins_code 
_pdbx_unobs_or_zero_occ_residues.label_asym_id 
_pdbx_unobs_or_zero_occ_residues.label_comp_id 
_pdbx_unobs_or_zero_occ_residues.label_seq_id 
1 1 Y 1 A GLY 107 ? A GLY 110 
2 1 Y 1 B GLY 107 ? B GLY 110 
# 
loop_
_chem_comp_atom.comp_id 
_chem_comp_atom.atom_id 
_chem_comp_atom.type_symbol 
_chem_comp_atom.pdbx_aromatic_flag 
_chem_comp_atom.pdbx_stereo_config 
_chem_comp_atom.pdbx_ordinal 
ALA N    N N N 1   
ALA CA   C N S 2   
ALA C    C N N 3   
ALA O    O N N 4   
ALA CB   C N N 5   
ALA OXT  O N N 6   
ALA H    H N N 7   
ALA H2   H N N 8   
ALA HA   H N N 9   
ALA HB1  H N N 10  
ALA HB2  H N N 11  
ALA HB3  H N N 12  
ALA HXT  H N N 13  
ARG N    N N N 14  
ARG CA   C N S 15  
ARG C    C N N 16  
ARG O    O N N 17  
ARG CB   C N N 18  
ARG CG   C N N 19  
ARG CD   C N N 20  
ARG NE   N N N 21  
ARG CZ   C N N 22  
ARG NH1  N N N 23  
ARG NH2  N N N 24  
ARG OXT  O N N 25  
ARG H    H N N 26  
ARG H2   H N N 27  
ARG HA   H N N 28  
ARG HB2  H N N 29  
ARG HB3  H N N 30  
ARG HG2  H N N 31  
ARG HG3  H N N 32  
ARG HD2  H N N 33  
ARG HD3  H N N 34  
ARG HE   H N N 35  
ARG HH11 H N N 36  
ARG HH12 H N N 37  
ARG HH21 H N N 38  
ARG HH22 H N N 39  
ARG HXT  H N N 40  
ASN N    N N N 41  
ASN CA   C N S 42  
ASN C    C N N 43  
ASN O    O N N 44  
ASN CB   C N N 45  
ASN CG   C N N 46  
ASN OD1  O N N 47  
ASN ND2  N N N 48  
ASN OXT  O N N 49  
ASN H    H N N 50  
ASN H2   H N N 51  
ASN HA   H N N 52  
ASN HB2  H N N 53  
ASN HB3  H N N 54  
ASN HD21 H N N 55  
ASN HD22 H N N 56  
ASN HXT  H N N 57  
ASP N    N N N 58  
ASP CA   C N S 59  
ASP C    C N N 60  
ASP O    O N N 61  
ASP CB   C N N 62  
ASP CG   C N N 63  
ASP OD1  O N N 64  
ASP OD2  O N N 65  
ASP OXT  O N N 66  
ASP H    H N N 67  
ASP H2   H N N 68  
ASP HA   H N N 69  
ASP HB2  H N N 70  
ASP HB3  H N N 71  
ASP HD2  H N N 72  
ASP HXT  H N N 73  
CYS N    N N N 74  
CYS CA   C N R 75  
CYS C    C N N 76  
CYS O    O N N 77  
CYS CB   C N N 78  
CYS SG   S N N 79  
CYS OXT  O N N 80  
CYS H    H N N 81  
CYS H2   H N N 82  
CYS HA   H N N 83  
CYS HB2  H N N 84  
CYS HB3  H N N 85  
CYS HG   H N N 86  
CYS HXT  H N N 87  
GLN N    N N N 88  
GLN CA   C N S 89  
GLN C    C N N 90  
GLN O    O N N 91  
GLN CB   C N N 92  
GLN CG   C N N 93  
GLN CD   C N N 94  
GLN OE1  O N N 95  
GLN NE2  N N N 96  
GLN OXT  O N N 97  
GLN H    H N N 98  
GLN H2   H N N 99  
GLN HA   H N N 100 
GLN HB2  H N N 101 
GLN HB3  H N N 102 
GLN HG2  H N N 103 
GLN HG3  H N N 104 
GLN HE21 H N N 105 
GLN HE22 H N N 106 
GLN HXT  H N N 107 
GLU N    N N N 108 
GLU CA   C N S 109 
GLU C    C N N 110 
GLU O    O N N 111 
GLU CB   C N N 112 
GLU CG   C N N 113 
GLU CD   C N N 114 
GLU OE1  O N N 115 
GLU OE2  O N N 116 
GLU OXT  O N N 117 
GLU H    H N N 118 
GLU H2   H N N 119 
GLU HA   H N N 120 
GLU HB2  H N N 121 
GLU HB3  H N N 122 
GLU HG2  H N N 123 
GLU HG3  H N N 124 
GLU HE2  H N N 125 
GLU HXT  H N N 126 
GLY N    N N N 127 
GLY CA   C N N 128 
GLY C    C N N 129 
GLY O    O N N 130 
GLY OXT  O N N 131 
GLY H    H N N 132 
GLY H2   H N N 133 
GLY HA2  H N N 134 
GLY HA3  H N N 135 
GLY HXT  H N N 136 
HIS N    N N N 137 
HIS CA   C N S 138 
HIS C    C N N 139 
HIS O    O N N 140 
HIS CB   C N N 141 
HIS CG   C Y N 142 
HIS ND1  N Y N 143 
HIS CD2  C Y N 144 
HIS CE1  C Y N 145 
HIS NE2  N Y N 146 
HIS OXT  O N N 147 
HIS H    H N N 148 
HIS H2   H N N 149 
HIS HA   H N N 150 
HIS HB2  H N N 151 
HIS HB3  H N N 152 
HIS HD1  H N N 153 
HIS HD2  H N N 154 
HIS HE1  H N N 155 
HIS HE2  H N N 156 
HIS HXT  H N N 157 
HOH O    O N N 158 
HOH H1   H N N 159 
HOH H2   H N N 160 
ILE N    N N N 161 
ILE CA   C N S 162 
ILE C    C N N 163 
ILE O    O N N 164 
ILE CB   C N S 165 
ILE CG1  C N N 166 
ILE CG2  C N N 167 
ILE CD1  C N N 168 
ILE OXT  O N N 169 
ILE H    H N N 170 
ILE H2   H N N 171 
ILE HA   H N N 172 
ILE HB   H N N 173 
ILE HG12 H N N 174 
ILE HG13 H N N 175 
ILE HG21 H N N 176 
ILE HG22 H N N 177 
ILE HG23 H N N 178 
ILE HD11 H N N 179 
ILE HD12 H N N 180 
ILE HD13 H N N 181 
ILE HXT  H N N 182 
LEU N    N N N 183 
LEU CA   C N S 184 
LEU C    C N N 185 
LEU O    O N N 186 
LEU CB   C N N 187 
LEU CG   C N N 188 
LEU CD1  C N N 189 
LEU CD2  C N N 190 
LEU OXT  O N N 191 
LEU H    H N N 192 
LEU H2   H N N 193 
LEU HA   H N N 194 
LEU HB2  H N N 195 
LEU HB3  H N N 196 
LEU HG   H N N 197 
LEU HD11 H N N 198 
LEU HD12 H N N 199 
LEU HD13 H N N 200 
LEU HD21 H N N 201 
LEU HD22 H N N 202 
LEU HD23 H N N 203 
LEU HXT  H N N 204 
LYS N    N N N 205 
LYS CA   C N S 206 
LYS C    C N N 207 
LYS O    O N N 208 
LYS CB   C N N 209 
LYS CG   C N N 210 
LYS CD   C N N 211 
LYS CE   C N N 212 
LYS NZ   N N N 213 
LYS OXT  O N N 214 
LYS H    H N N 215 
LYS H2   H N N 216 
LYS HA   H N N 217 
LYS HB2  H N N 218 
LYS HB3  H N N 219 
LYS HG2  H N N 220 
LYS HG3  H N N 221 
LYS HD2  H N N 222 
LYS HD3  H N N 223 
LYS HE2  H N N 224 
LYS HE3  H N N 225 
LYS HZ1  H N N 226 
LYS HZ2  H N N 227 
LYS HZ3  H N N 228 
LYS HXT  H N N 229 
PHE N    N N N 230 
PHE CA   C N S 231 
PHE C    C N N 232 
PHE O    O N N 233 
PHE CB   C N N 234 
PHE CG   C Y N 235 
PHE CD1  C Y N 236 
PHE CD2  C Y N 237 
PHE CE1  C Y N 238 
PHE CE2  C Y N 239 
PHE CZ   C Y N 240 
PHE OXT  O N N 241 
PHE H    H N N 242 
PHE H2   H N N 243 
PHE HA   H N N 244 
PHE HB2  H N N 245 
PHE HB3  H N N 246 
PHE HD1  H N N 247 
PHE HD2  H N N 248 
PHE HE1  H N N 249 
PHE HE2  H N N 250 
PHE HZ   H N N 251 
PHE HXT  H N N 252 
PRO N    N N N 253 
PRO CA   C N S 254 
PRO C    C N N 255 
PRO O    O N N 256 
PRO CB   C N N 257 
PRO CG   C N N 258 
PRO CD   C N N 259 
PRO OXT  O N N 260 
PRO H    H N N 261 
PRO HA   H N N 262 
PRO HB2  H N N 263 
PRO HB3  H N N 264 
PRO HG2  H N N 265 
PRO HG3  H N N 266 
PRO HD2  H N N 267 
PRO HD3  H N N 268 
PRO HXT  H N N 269 
SER N    N N N 270 
SER CA   C N S 271 
SER C    C N N 272 
SER O    O N N 273 
SER CB   C N N 274 
SER OG   O N N 275 
SER OXT  O N N 276 
SER H    H N N 277 
SER H2   H N N 278 
SER HA   H N N 279 
SER HB2  H N N 280 
SER HB3  H N N 281 
SER HG   H N N 282 
SER HXT  H N N 283 
THR N    N N N 284 
THR CA   C N S 285 
THR C    C N N 286 
THR O    O N N 287 
THR CB   C N R 288 
THR OG1  O N N 289 
THR CG2  C N N 290 
THR OXT  O N N 291 
THR H    H N N 292 
THR H2   H N N 293 
THR HA   H N N 294 
THR HB   H N N 295 
THR HG1  H N N 296 
THR HG21 H N N 297 
THR HG22 H N N 298 
THR HG23 H N N 299 
THR HXT  H N N 300 
TYR N    N N N 301 
TYR CA   C N S 302 
TYR C    C N N 303 
TYR O    O N N 304 
TYR CB   C N N 305 
TYR CG   C Y N 306 
TYR CD1  C Y N 307 
TYR CD2  C Y N 308 
TYR CE1  C Y N 309 
TYR CE2  C Y N 310 
TYR CZ   C Y N 311 
TYR OH   O N N 312 
TYR OXT  O N N 313 
TYR H    H N N 314 
TYR H2   H N N 315 
TYR HA   H N N 316 
TYR HB2  H N N 317 
TYR HB3  H N N 318 
TYR HD1  H N N 319 
TYR HD2  H N N 320 
TYR HE1  H N N 321 
TYR HE2  H N N 322 
TYR HH   H N N 323 
TYR HXT  H N N 324 
VAL N    N N N 325 
VAL CA   C N S 326 
VAL C    C N N 327 
VAL O    O N N 328 
VAL CB   C N N 329 
VAL CG1  C N N 330 
VAL CG2  C N N 331 
VAL OXT  O N N 332 
VAL H    H N N 333 
VAL H2   H N N 334 
VAL HA   H N N 335 
VAL HB   H N N 336 
VAL HG11 H N N 337 
VAL HG12 H N N 338 
VAL HG13 H N N 339 
VAL HG21 H N N 340 
VAL HG22 H N N 341 
VAL HG23 H N N 342 
VAL HXT  H N N 343 
# 
loop_
_chem_comp_bond.comp_id 
_chem_comp_bond.atom_id_1 
_chem_comp_bond.atom_id_2 
_chem_comp_bond.value_order 
_chem_comp_bond.pdbx_aromatic_flag 
_chem_comp_bond.pdbx_stereo_config 
_chem_comp_bond.pdbx_ordinal 
ALA N   CA   sing N N 1   
ALA N   H    sing N N 2   
ALA N   H2   sing N N 3   
ALA CA  C    sing N N 4   
ALA CA  CB   sing N N 5   
ALA CA  HA   sing N N 6   
ALA C   O    doub N N 7   
ALA C   OXT  sing N N 8   
ALA CB  HB1  sing N N 9   
ALA CB  HB2  sing N N 10  
ALA CB  HB3  sing N N 11  
ALA OXT HXT  sing N N 12  
ARG N   CA   sing N N 13  
ARG N   H    sing N N 14  
ARG N   H2   sing N N 15  
ARG CA  C    sing N N 16  
ARG CA  CB   sing N N 17  
ARG CA  HA   sing N N 18  
ARG C   O    doub N N 19  
ARG C   OXT  sing N N 20  
ARG CB  CG   sing N N 21  
ARG CB  HB2  sing N N 22  
ARG CB  HB3  sing N N 23  
ARG CG  CD   sing N N 24  
ARG CG  HG2  sing N N 25  
ARG CG  HG3  sing N N 26  
ARG CD  NE   sing N N 27  
ARG CD  HD2  sing N N 28  
ARG CD  HD3  sing N N 29  
ARG NE  CZ   sing N N 30  
ARG NE  HE   sing N N 31  
ARG CZ  NH1  sing N N 32  
ARG CZ  NH2  doub N N 33  
ARG NH1 HH11 sing N N 34  
ARG NH1 HH12 sing N N 35  
ARG NH2 HH21 sing N N 36  
ARG NH2 HH22 sing N N 37  
ARG OXT HXT  sing N N 38  
ASN N   CA   sing N N 39  
ASN N   H    sing N N 40  
ASN N   H2   sing N N 41  
ASN CA  C    sing N N 42  
ASN CA  CB   sing N N 43  
ASN CA  HA   sing N N 44  
ASN C   O    doub N N 45  
ASN C   OXT  sing N N 46  
ASN CB  CG   sing N N 47  
ASN CB  HB2  sing N N 48  
ASN CB  HB3  sing N N 49  
ASN CG  OD1  doub N N 50  
ASN CG  ND2  sing N N 51  
ASN ND2 HD21 sing N N 52  
ASN ND2 HD22 sing N N 53  
ASN OXT HXT  sing N N 54  
ASP N   CA   sing N N 55  
ASP N   H    sing N N 56  
ASP N   H2   sing N N 57  
ASP CA  C    sing N N 58  
ASP CA  CB   sing N N 59  
ASP CA  HA   sing N N 60  
ASP C   O    doub N N 61  
ASP C   OXT  sing N N 62  
ASP CB  CG   sing N N 63  
ASP CB  HB2  sing N N 64  
ASP CB  HB3  sing N N 65  
ASP CG  OD1  doub N N 66  
ASP CG  OD2  sing N N 67  
ASP OD2 HD2  sing N N 68  
ASP OXT HXT  sing N N 69  
CYS N   CA   sing N N 70  
CYS N   H    sing N N 71  
CYS N   H2   sing N N 72  
CYS CA  C    sing N N 73  
CYS CA  CB   sing N N 74  
CYS CA  HA   sing N N 75  
CYS C   O    doub N N 76  
CYS C   OXT  sing N N 77  
CYS CB  SG   sing N N 78  
CYS CB  HB2  sing N N 79  
CYS CB  HB3  sing N N 80  
CYS SG  HG   sing N N 81  
CYS OXT HXT  sing N N 82  
GLN N   CA   sing N N 83  
GLN N   H    sing N N 84  
GLN N   H2   sing N N 85  
GLN CA  C    sing N N 86  
GLN CA  CB   sing N N 87  
GLN CA  HA   sing N N 88  
GLN C   O    doub N N 89  
GLN C   OXT  sing N N 90  
GLN CB  CG   sing N N 91  
GLN CB  HB2  sing N N 92  
GLN CB  HB3  sing N N 93  
GLN CG  CD   sing N N 94  
GLN CG  HG2  sing N N 95  
GLN CG  HG3  sing N N 96  
GLN CD  OE1  doub N N 97  
GLN CD  NE2  sing N N 98  
GLN NE2 HE21 sing N N 99  
GLN NE2 HE22 sing N N 100 
GLN OXT HXT  sing N N 101 
GLU N   CA   sing N N 102 
GLU N   H    sing N N 103 
GLU N   H2   sing N N 104 
GLU CA  C    sing N N 105 
GLU CA  CB   sing N N 106 
GLU CA  HA   sing N N 107 
GLU C   O    doub N N 108 
GLU C   OXT  sing N N 109 
GLU CB  CG   sing N N 110 
GLU CB  HB2  sing N N 111 
GLU CB  HB3  sing N N 112 
GLU CG  CD   sing N N 113 
GLU CG  HG2  sing N N 114 
GLU CG  HG3  sing N N 115 
GLU CD  OE1  doub N N 116 
GLU CD  OE2  sing N N 117 
GLU OE2 HE2  sing N N 118 
GLU OXT HXT  sing N N 119 
GLY N   CA   sing N N 120 
GLY N   H    sing N N 121 
GLY N   H2   sing N N 122 
GLY CA  C    sing N N 123 
GLY CA  HA2  sing N N 124 
GLY CA  HA3  sing N N 125 
GLY C   O    doub N N 126 
GLY C   OXT  sing N N 127 
GLY OXT HXT  sing N N 128 
HIS N   CA   sing N N 129 
HIS N   H    sing N N 130 
HIS N   H2   sing N N 131 
HIS CA  C    sing N N 132 
HIS CA  CB   sing N N 133 
HIS CA  HA   sing N N 134 
HIS C   O    doub N N 135 
HIS C   OXT  sing N N 136 
HIS CB  CG   sing N N 137 
HIS CB  HB2  sing N N 138 
HIS CB  HB3  sing N N 139 
HIS CG  ND1  sing Y N 140 
HIS CG  CD2  doub Y N 141 
HIS ND1 CE1  doub Y N 142 
HIS ND1 HD1  sing N N 143 
HIS CD2 NE2  sing Y N 144 
HIS CD2 HD2  sing N N 145 
HIS CE1 NE2  sing Y N 146 
HIS CE1 HE1  sing N N 147 
HIS NE2 HE2  sing N N 148 
HIS OXT HXT  sing N N 149 
HOH O   H1   sing N N 150 
HOH O   H2   sing N N 151 
ILE N   CA   sing N N 152 
ILE N   H    sing N N 153 
ILE N   H2   sing N N 154 
ILE CA  C    sing N N 155 
ILE CA  CB   sing N N 156 
ILE CA  HA   sing N N 157 
ILE C   O    doub N N 158 
ILE C   OXT  sing N N 159 
ILE CB  CG1  sing N N 160 
ILE CB  CG2  sing N N 161 
ILE CB  HB   sing N N 162 
ILE CG1 CD1  sing N N 163 
ILE CG1 HG12 sing N N 164 
ILE CG1 HG13 sing N N 165 
ILE CG2 HG21 sing N N 166 
ILE CG2 HG22 sing N N 167 
ILE CG2 HG23 sing N N 168 
ILE CD1 HD11 sing N N 169 
ILE CD1 HD12 sing N N 170 
ILE CD1 HD13 sing N N 171 
ILE OXT HXT  sing N N 172 
LEU N   CA   sing N N 173 
LEU N   H    sing N N 174 
LEU N   H2   sing N N 175 
LEU CA  C    sing N N 176 
LEU CA  CB   sing N N 177 
LEU CA  HA   sing N N 178 
LEU C   O    doub N N 179 
LEU C   OXT  sing N N 180 
LEU CB  CG   sing N N 181 
LEU CB  HB2  sing N N 182 
LEU CB  HB3  sing N N 183 
LEU CG  CD1  sing N N 184 
LEU CG  CD2  sing N N 185 
LEU CG  HG   sing N N 186 
LEU CD1 HD11 sing N N 187 
LEU CD1 HD12 sing N N 188 
LEU CD1 HD13 sing N N 189 
LEU CD2 HD21 sing N N 190 
LEU CD2 HD22 sing N N 191 
LEU CD2 HD23 sing N N 192 
LEU OXT HXT  sing N N 193 
LYS N   CA   sing N N 194 
LYS N   H    sing N N 195 
LYS N   H2   sing N N 196 
LYS CA  C    sing N N 197 
LYS CA  CB   sing N N 198 
LYS CA  HA   sing N N 199 
LYS C   O    doub N N 200 
LYS C   OXT  sing N N 201 
LYS CB  CG   sing N N 202 
LYS CB  HB2  sing N N 203 
LYS CB  HB3  sing N N 204 
LYS CG  CD   sing N N 205 
LYS CG  HG2  sing N N 206 
LYS CG  HG3  sing N N 207 
LYS CD  CE   sing N N 208 
LYS CD  HD2  sing N N 209 
LYS CD  HD3  sing N N 210 
LYS CE  NZ   sing N N 211 
LYS CE  HE2  sing N N 212 
LYS CE  HE3  sing N N 213 
LYS NZ  HZ1  sing N N 214 
LYS NZ  HZ2  sing N N 215 
LYS NZ  HZ3  sing N N 216 
LYS OXT HXT  sing N N 217 
PHE N   CA   sing N N 218 
PHE N   H    sing N N 219 
PHE N   H2   sing N N 220 
PHE CA  C    sing N N 221 
PHE CA  CB   sing N N 222 
PHE CA  HA   sing N N 223 
PHE C   O    doub N N 224 
PHE C   OXT  sing N N 225 
PHE CB  CG   sing N N 226 
PHE CB  HB2  sing N N 227 
PHE CB  HB3  sing N N 228 
PHE CG  CD1  doub Y N 229 
PHE CG  CD2  sing Y N 230 
PHE CD1 CE1  sing Y N 231 
PHE CD1 HD1  sing N N 232 
PHE CD2 CE2  doub Y N 233 
PHE CD2 HD2  sing N N 234 
PHE CE1 CZ   doub Y N 235 
PHE CE1 HE1  sing N N 236 
PHE CE2 CZ   sing Y N 237 
PHE CE2 HE2  sing N N 238 
PHE CZ  HZ   sing N N 239 
PHE OXT HXT  sing N N 240 
PRO N   CA   sing N N 241 
PRO N   CD   sing N N 242 
PRO N   H    sing N N 243 
PRO CA  C    sing N N 244 
PRO CA  CB   sing N N 245 
PRO CA  HA   sing N N 246 
PRO C   O    doub N N 247 
PRO C   OXT  sing N N 248 
PRO CB  CG   sing N N 249 
PRO CB  HB2  sing N N 250 
PRO CB  HB3  sing N N 251 
PRO CG  CD   sing N N 252 
PRO CG  HG2  sing N N 253 
PRO CG  HG3  sing N N 254 
PRO CD  HD2  sing N N 255 
PRO CD  HD3  sing N N 256 
PRO OXT HXT  sing N N 257 
SER N   CA   sing N N 258 
SER N   H    sing N N 259 
SER N   H2   sing N N 260 
SER CA  C    sing N N 261 
SER CA  CB   sing N N 262 
SER CA  HA   sing N N 263 
SER C   O    doub N N 264 
SER C   OXT  sing N N 265 
SER CB  OG   sing N N 266 
SER CB  HB2  sing N N 267 
SER CB  HB3  sing N N 268 
SER OG  HG   sing N N 269 
SER OXT HXT  sing N N 270 
THR N   CA   sing N N 271 
THR N   H    sing N N 272 
THR N   H2   sing N N 273 
THR CA  C    sing N N 274 
THR CA  CB   sing N N 275 
THR CA  HA   sing N N 276 
THR C   O    doub N N 277 
THR C   OXT  sing N N 278 
THR CB  OG1  sing N N 279 
THR CB  CG2  sing N N 280 
THR CB  HB   sing N N 281 
THR OG1 HG1  sing N N 282 
THR CG2 HG21 sing N N 283 
THR CG2 HG22 sing N N 284 
THR CG2 HG23 sing N N 285 
THR OXT HXT  sing N N 286 
TYR N   CA   sing N N 287 
TYR N   H    sing N N 288 
TYR N   H2   sing N N 289 
TYR CA  C    sing N N 290 
TYR CA  CB   sing N N 291 
TYR CA  HA   sing N N 292 
TYR C   O    doub N N 293 
TYR C   OXT  sing N N 294 
TYR CB  CG   sing N N 295 
TYR CB  HB2  sing N N 296 
TYR CB  HB3  sing N N 297 
TYR CG  CD1  doub Y N 298 
TYR CG  CD2  sing Y N 299 
TYR CD1 CE1  sing Y N 300 
TYR CD1 HD1  sing N N 301 
TYR CD2 CE2  doub Y N 302 
TYR CD2 HD2  sing N N 303 
TYR CE1 CZ   doub Y N 304 
TYR CE1 HE1  sing N N 305 
TYR CE2 CZ   sing Y N 306 
TYR CE2 HE2  sing N N 307 
TYR CZ  OH   sing N N 308 
TYR OH  HH   sing N N 309 
TYR OXT HXT  sing N N 310 
VAL N   CA   sing N N 311 
VAL N   H    sing N N 312 
VAL N   H2   sing N N 313 
VAL CA  C    sing N N 314 
VAL CA  CB   sing N N 315 
VAL CA  HA   sing N N 316 
VAL C   O    doub N N 317 
VAL C   OXT  sing N N 318 
VAL CB  CG1  sing N N 319 
VAL CB  CG2  sing N N 320 
VAL CB  HB   sing N N 321 
VAL CG1 HG11 sing N N 322 
VAL CG1 HG12 sing N N 323 
VAL CG1 HG13 sing N N 324 
VAL CG2 HG21 sing N N 325 
VAL CG2 HG22 sing N N 326 
VAL CG2 HG23 sing N N 327 
VAL OXT HXT  sing N N 328 
# 
_atom_sites.entry_id                    1J48 
_atom_sites.fract_transf_matrix[1][1]   -0.01479568 
_atom_sites.fract_transf_matrix[1][2]   -0.00828574 
_atom_sites.fract_transf_matrix[1][3]   -0.01228022 
_atom_sites.fract_transf_matrix[2][1]   -0.00248785 
_atom_sites.fract_transf_matrix[2][2]   0.00700011 
_atom_sites.fract_transf_matrix[2][3]   -0.01957465 
_atom_sites.fract_transf_matrix[3][1]   0.01170007 
_atom_sites.fract_transf_matrix[3][2]   -0.01221473 
_atom_sites.fract_transf_matrix[3][3]   -0.00585514 
_atom_sites.fract_transf_vector[1]      0.138549 
_atom_sites.fract_transf_vector[2]      0.333318 
_atom_sites.fract_transf_vector[3]      -0.094780 
# 
loop_
_atom_type.symbol 
C 
N 
O 
S 
# 
loop_
_atom_site.group_PDB 
_atom_site.id 
_atom_site.type_symbol 
_atom_site.label_atom_id 
_atom_site.label_alt_id 
_atom_site.label_comp_id 
_atom_site.label_asym_id 
_atom_site.label_entity_id 
_atom_site.label_seq_id 
_atom_site.pdbx_PDB_ins_code 
_atom_site.Cartn_x 
_atom_site.Cartn_y 
_atom_site.Cartn_z 
_atom_site.occupancy 
_atom_site.B_iso_or_equiv 
_atom_site.pdbx_formal_charge 
_atom_site.auth_seq_id 
_atom_site.auth_comp_id 
_atom_site.auth_asym_id 
_atom_site.auth_atom_id 
_atom_site.pdbx_PDB_model_num 
ATOM   1    N N   . ALA A 1 1   ? -11.424 -5.921  10.580  1.00 29.46 ? 1   ALA A N   1 
ATOM   2    C CA  . ALA A 1 1   ? -12.090 -6.974  9.743   1.00 29.16 ? 1   ALA A CA  1 
ATOM   3    C C   . ALA A 1 1   ? -11.259 -8.253  9.710   1.00 28.43 ? 1   ALA A C   1 
ATOM   4    O O   . ALA A 1 1   ? -11.811 -9.357  9.630   1.00 29.65 ? 1   ALA A O   1 
ATOM   5    C CB  . ALA A 1 1   ? -12.312 -6.462  8.327   1.00 29.94 ? 1   ALA A CB  1 
ATOM   6    N N   . PRO A 1 2   ? -9.922  -8.130  9.698   1.00 26.76 ? 2   PRO A N   1 
ATOM   7    C CA  . PRO A 1 2   ? -9.129  -9.360  9.690   1.00 24.69 ? 2   PRO A CA  1 
ATOM   8    C C   . PRO A 1 2   ? -9.125  -9.824  11.144  1.00 22.85 ? 2   PRO A C   1 
ATOM   9    O O   . PRO A 1 2   ? -9.510  -9.048  12.030  1.00 23.47 ? 2   PRO A O   1 
ATOM   10   C CB  . PRO A 1 2   ? -7.740  -8.877  9.282   1.00 25.27 ? 2   PRO A CB  1 
ATOM   11   C CG  . PRO A 1 2   ? -8.006  -7.638  8.538   1.00 25.84 ? 2   PRO A CG  1 
ATOM   12   C CD  . PRO A 1 2   ? -9.071  -6.981  9.356   1.00 26.21 ? 2   PRO A CD  1 
ATOM   13   N N   . ALA A 1 3   ? -8.736  -11.074 11.401  1.00 20.28 ? 3   ALA A N   1 
ATOM   14   C CA  . ALA A 1 3   ? -8.662  -11.575 12.781  1.00 17.47 ? 3   ALA A CA  1 
ATOM   15   C C   . ALA A 1 3   ? -7.171  -11.795 13.088  1.00 15.78 ? 3   ALA A C   1 
ATOM   16   O O   . ALA A 1 3   ? -6.429  -12.200 12.213  1.00 14.91 ? 3   ALA A O   1 
ATOM   17   C CB  . ALA A 1 3   ? -9.418  -12.889 12.911  1.00 17.28 ? 3   ALA A CB  1 
ATOM   18   N N   . PHE A 1 4   ? -6.752  -11.568 14.336  1.00 14.24 ? 4   PHE A N   1 
ATOM   19   C CA  . PHE A 1 4   ? -5.343  -11.716 14.723  1.00 12.16 ? 4   PHE A CA  1 
ATOM   20   C C   . PHE A 1 4   ? -5.307  -12.269 16.162  1.00 10.97 ? 4   PHE A C   1 
ATOM   21   O O   . PHE A 1 4   ? -5.827  -11.631 17.077  1.00 10.23 ? 4   PHE A O   1 
ATOM   22   C CB  . PHE A 1 4   ? -4.668  -10.337 14.672  1.00 12.55 ? 4   PHE A CB  1 
ATOM   23   C CG  . PHE A 1 4   ? -3.262  -10.304 15.258  1.00 12.15 ? 4   PHE A CG  1 
ATOM   24   C CD1 . PHE A 1 4   ? -2.302  -11.254 14.882  1.00 12.64 ? 4   PHE A CD1 1 
ATOM   25   C CD2 . PHE A 1 4   ? -2.888  -9.282  16.141  1.00 12.28 ? 4   PHE A CD2 1 
ATOM   26   C CE1 . PHE A 1 4   ? -0.950  -11.179 15.388  1.00 12.95 ? 4   PHE A CE1 1 
ATOM   27   C CE2 . PHE A 1 4   ? -1.549  -9.180  16.661  1.00 11.70 ? 4   PHE A CE2 1 
ATOM   28   C CZ  . PHE A 1 4   ? -0.582  -10.148 16.264  1.00 12.68 ? 4   PHE A CZ  1 
ATOM   29   N N   . SER A 1 5   ? -4.774  -13.476 16.367  1.00 10.43 ? 5   SER A N   1 
ATOM   30   C CA  . SER A 1 5   ? -4.727  -13.997 17.741  1.00 10.41 ? 5   SER A CA  1 
ATOM   31   C C   . SER A 1 5   ? -3.298  -14.312 18.149  1.00 10.45 ? 5   SER A C   1 
ATOM   32   O O   . SER A 1 5   ? -2.450  -14.621 17.303  1.00 9.90  ? 5   SER A O   1 
ATOM   33   C CB  . SER A 1 5   ? -5.613  -15.266 17.898  1.00 11.09 ? 5   SER A CB  1 
ATOM   34   O OG  . SER A 1 5   ? -5.154  -16.321 17.054  1.00 12.59 ? 5   SER A OG  1 
ATOM   35   N N   . VAL A 1 6   ? -3.042  -14.241 19.454  1.00 10.59 ? 6   VAL A N   1 
ATOM   36   C CA  . VAL A 1 6   ? -1.726  -14.572 20.032  1.00 10.99 ? 6   VAL A CA  1 
ATOM   37   C C   . VAL A 1 6   ? -2.038  -15.348 21.305  1.00 11.25 ? 6   VAL A C   1 
ATOM   38   O O   . VAL A 1 6   ? -2.671  -14.809 22.206  1.00 10.91 ? 6   VAL A O   1 
ATOM   39   C CB  . VAL A 1 6   ? -0.937  -13.282 20.360  1.00 11.12 ? 6   VAL A CB  1 
ATOM   40   C CG1 . VAL A 1 6   ? 0.425   -13.644 21.030  1.00 12.92 ? 6   VAL A CG1 1 
ATOM   41   C CG2 . VAL A 1 6   ? -0.715  -12.509 19.053  1.00 11.68 ? 6   VAL A CG2 1 
ATOM   42   N N   . SER A 1 7   ? -1.601  -16.606 21.391  1.00 11.10 ? 7   SER A N   1 
ATOM   43   C CA  . SER A 1 7   ? -1.949  -17.404 22.564  1.00 12.19 ? 7   SER A CA  1 
ATOM   44   C C   . SER A 1 7   ? -0.849  -18.420 22.828  1.00 12.44 ? 7   SER A C   1 
ATOM   45   O O   . SER A 1 7   ? -0.352  -19.021 21.904  1.00 13.00 ? 7   SER A O   1 
ATOM   46   C CB  . SER A 1 7   ? -3.286  -18.133 22.308  1.00 12.64 ? 7   SER A CB  1 
ATOM   47   O OG  . SER A 1 7   ? -3.626  -18.994 23.380  1.00 12.68 ? 7   SER A OG  1 
ATOM   48   N N   . PRO A 1 8   ? -0.457  -18.601 24.100  1.00 12.90 ? 8   PRO A N   1 
ATOM   49   C CA  . PRO A 1 8   ? -1.018  -17.877 25.246  1.00 12.76 ? 8   PRO A CA  1 
ATOM   50   C C   . PRO A 1 8   ? -0.558  -16.392 25.285  1.00 12.68 ? 8   PRO A C   1 
ATOM   51   O O   . PRO A 1 8   ? 0.411   -16.043 24.618  1.00 12.80 ? 8   PRO A O   1 
ATOM   52   C CB  . PRO A 1 8   ? -0.515  -18.675 26.461  1.00 12.96 ? 8   PRO A CB  1 
ATOM   53   C CG  . PRO A 1 8   ? 0.687   -19.374 25.977  1.00 13.58 ? 8   PRO A CG  1 
ATOM   54   C CD  . PRO A 1 8   ? 0.449   -19.695 24.515  1.00 13.04 ? 8   PRO A CD  1 
ATOM   55   N N   . ALA A 1 9   ? -1.250  -15.533 26.039  1.00 12.13 ? 9   ALA A N   1 
ATOM   56   C CA  . ALA A 1 9   ? -0.828  -14.128 26.145  1.00 12.38 ? 9   ALA A CA  1 
ATOM   57   C C   . ALA A 1 9   ? -0.605  -13.677 27.613  1.00 12.82 ? 9   ALA A C   1 
ATOM   58   O O   . ALA A 1 9   ? -0.330  -12.500 27.876  1.00 12.47 ? 9   ALA A O   1 
ATOM   59   C CB  . ALA A 1 9   ? -1.844  -13.186 25.449  1.00 11.87 ? 9   ALA A CB  1 
ATOM   60   N N   . SER A 1 10  ? -0.744  -14.605 28.553  1.00 13.34 ? 10  SER A N   1 
ATOM   61   C CA  . SER A 1 10  ? -0.557  -14.302 29.987  1.00 14.27 ? 10  SER A CA  1 
ATOM   62   C C   . SER A 1 10  ? 0.103   -15.490 30.660  1.00 14.64 ? 10  SER A C   1 
ATOM   63   O O   . SER A 1 10  ? 0.195   -16.575 30.064  1.00 14.73 ? 10  SER A O   1 
ATOM   64   C CB  . SER A 1 10  ? -1.885  -13.969 30.679  1.00 14.87 ? 10  SER A CB  1 
ATOM   65   O OG  . SER A 1 10  ? -2.770  -15.080 30.773  1.00 15.77 ? 10  SER A OG  1 
ATOM   66   N N   . GLY A 1 11  ? 0.569   -15.283 31.894  1.00 15.27 ? 11  GLY A N   1 
ATOM   67   C CA  . GLY A 1 11  ? 1.271   -16.324 32.628  1.00 16.51 ? 11  GLY A CA  1 
ATOM   68   C C   . GLY A 1 11  ? 2.495   -16.785 31.870  1.00 16.90 ? 11  GLY A C   1 
ATOM   69   O O   . GLY A 1 11  ? 2.931   -17.937 31.994  1.00 17.70 ? 11  GLY A O   1 
ATOM   70   N N   . LEU A 1 12  ? 3.093   -15.866 31.113  1.00 16.82 ? 12  LEU A N   1 
ATOM   71   C CA  . LEU A 1 12  ? 4.253   -16.173 30.286  1.00 16.38 ? 12  LEU A CA  1 
ATOM   72   C C   . LEU A 1 12  ? 5.626   -16.178 30.970  1.00 16.27 ? 12  LEU A C   1 
ATOM   73   O O   . LEU A 1 12  ? 5.856   -15.495 31.978  1.00 15.94 ? 12  LEU A O   1 
ATOM   74   C CB  . LEU A 1 12  ? 4.320   -15.192 29.094  1.00 16.15 ? 12  LEU A CB  1 
ATOM   75   C CG  . LEU A 1 12  ? 3.066   -15.051 28.211  1.00 16.77 ? 12  LEU A CG  1 
ATOM   76   C CD1 . LEU A 1 12  ? 3.156   -13.728 27.396  1.00 14.61 ? 12  LEU A CD1 1 
ATOM   77   C CD2 . LEU A 1 12  ? 2.935   -16.241 27.290  1.00 15.11 ? 12  LEU A CD2 1 
ATOM   78   N N   . SER A 1 13  ? 6.521   -16.945 30.353  1.00 15.80 ? 13  SER A N   1 
ATOM   79   C CA  . SER A 1 13  ? 7.908   -17.090 30.775  1.00 16.53 ? 13  SER A CA  1 
ATOM   80   C C   . SER A 1 13  ? 8.851   -16.598 29.691  1.00 16.12 ? 13  SER A C   1 
ATOM   81   O O   . SER A 1 13  ? 8.546   -16.659 28.508  1.00 15.34 ? 13  SER A O   1 
ATOM   82   C CB  . SER A 1 13  ? 8.239   -18.560 31.034  1.00 16.85 ? 13  SER A CB  1 
ATOM   83   O OG  . SER A 1 13  ? 7.487   -19.026 32.134  1.00 19.76 ? 13  SER A OG  1 
ATOM   84   N N   . ASP A 1 14  ? 10.022  -16.121 30.100  1.00 16.69 ? 14  ASP A N   1 
ATOM   85   C CA  . ASP A 1 14  ? 11.013  -15.685 29.144  1.00 16.54 ? 14  ASP A CA  1 
ATOM   86   C C   . ASP A 1 14  ? 11.373  -16.866 28.235  1.00 15.73 ? 14  ASP A C   1 
ATOM   87   O O   . ASP A 1 14  ? 11.590  -17.978 28.710  1.00 15.38 ? 14  ASP A O   1 
ATOM   88   C CB  . ASP A 1 14  ? 12.270  -15.210 29.869  1.00 17.45 ? 14  ASP A CB  1 
ATOM   89   C CG  . ASP A 1 14  ? 13.269  -14.644 28.927  1.00 18.80 ? 14  ASP A CG  1 
ATOM   90   O OD1 . ASP A 1 14  ? 12.891  -13.659 28.260  1.00 17.35 ? 14  ASP A OD1 1 
ATOM   91   O OD2 . ASP A 1 14  ? 14.418  -15.198 28.825  1.00 20.97 ? 14  ASP A OD2 1 
ATOM   92   N N   . GLY A 1 15  ? 11.405  -16.611 26.937  1.00 15.25 ? 15  GLY A N   1 
ATOM   93   C CA  . GLY A 1 15  ? 11.743  -17.623 25.945  1.00 14.78 ? 15  GLY A CA  1 
ATOM   94   C C   . GLY A 1 15  ? 10.622  -18.571 25.572  1.00 14.83 ? 15  GLY A C   1 
ATOM   95   O O   . GLY A 1 15  ? 10.826  -19.512 24.805  1.00 13.62 ? 15  GLY A O   1 
ATOM   96   N N   . GLN A 1 16  ? 9.436   -18.306 26.104  1.00 14.43 ? 16  GLN A N   1 
ATOM   97   C CA  . GLN A 1 16  ? 8.295   -19.167 25.826  1.00 14.30 ? 16  GLN A CA  1 
ATOM   98   C C   . GLN A 1 16  ? 7.824   -18.975 24.386  1.00 13.89 ? 16  GLN A C   1 
ATOM   99   O O   . GLN A 1 16  ? 7.828   -17.861 23.863  1.00 12.42 ? 16  GLN A O   1 
ATOM   100  C CB  . GLN A 1 16  ? 7.148   -18.878 26.810  1.00 15.07 ? 16  GLN A CB  1 
ATOM   101  C CG  . GLN A 1 16  ? 5.862   -19.708 26.562  1.00 15.36 ? 16  GLN A CG  1 
ATOM   102  C CD  . GLN A 1 16  ? 4.876   -19.605 27.705  1.00 16.30 ? 16  GLN A CD  1 
ATOM   103  O OE1 . GLN A 1 16  ? 5.142   -18.978 28.734  1.00 14.82 ? 16  GLN A OE1 1 
ATOM   104  N NE2 . GLN A 1 16  ? 3.716   -20.240 27.535  1.00 16.33 ? 16  GLN A NE2 1 
ATOM   105  N N   . SER A 1 17  ? 7.439   -20.082 23.746  1.00 12.94 ? 17  SER A N   1 
ATOM   106  C CA  . SER A 1 17  ? 6.923   -19.991 22.388  1.00 12.84 ? 17  SER A CA  1 
ATOM   107  C C   . SER A 1 17  ? 5.372   -19.898 22.449  1.00 13.09 ? 17  SER A C   1 
ATOM   108  O O   . SER A 1 17  ? 4.717   -20.666 23.188  1.00 13.39 ? 17  SER A O   1 
ATOM   109  C CB  . SER A 1 17  ? 7.347   -21.219 21.575  1.00 12.79 ? 17  SER A CB  1 
ATOM   110  O OG  . SER A 1 17  ? 6.791   -21.163 20.264  1.00 13.36 ? 17  SER A OG  1 
ATOM   111  N N   . VAL A 1 18  ? 4.799   -18.948 21.701  1.00 12.15 ? 18  VAL A N   1 
ATOM   112  C CA  . VAL A 1 18  ? 3.340   -18.776 21.632  1.00 11.95 ? 18  VAL A CA  1 
ATOM   113  C C   . VAL A 1 18  ? 2.868   -18.924 20.169  1.00 11.93 ? 18  VAL A C   1 
ATOM   114  O O   . VAL A 1 18  ? 3.673   -18.962 19.229  1.00 10.60 ? 18  VAL A O   1 
ATOM   115  C CB  . VAL A 1 18  ? 2.861   -17.397 22.194  1.00 11.88 ? 18  VAL A CB  1 
ATOM   116  C CG1 . VAL A 1 18  ? 3.372   -17.216 23.623  1.00 12.10 ? 18  VAL A CG1 1 
ATOM   117  C CG2 . VAL A 1 18  ? 3.345   -16.261 21.311  1.00 11.34 ? 18  VAL A CG2 1 
ATOM   118  N N   . SER A 1 19  ? 1.557   -19.040 19.975  1.00 12.14 ? 19  SER A N   1 
ATOM   119  C CA  . SER A 1 19  ? 1.071   -19.204 18.618  1.00 12.76 ? 19  SER A CA  1 
ATOM   120  C C   . SER A 1 19  ? 0.444   -17.917 18.083  1.00 12.46 ? 19  SER A C   1 
ATOM   121  O O   . SER A 1 19  ? -0.288  -17.206 18.799  1.00 10.65 ? 19  SER A O   1 
ATOM   122  C CB  . SER A 1 19  ? 0.064   -20.359 18.536  1.00 15.62 ? 19  SER A CB  1 
ATOM   123  O OG  . SER A 1 19  ? -0.267  -20.613 17.172  1.00 20.13 ? 19  SER A OG  1 
ATOM   124  N N   . VAL A 1 20  ? 0.734   -17.647 16.817  1.00 11.84 ? 20  VAL A N   1 
ATOM   125  C CA  . VAL A 1 20  ? 0.205   -16.466 16.144  1.00 12.87 ? 20  VAL A CA  1 
ATOM   126  C C   . VAL A 1 20  ? -0.670  -16.920 14.988  1.00 12.70 ? 20  VAL A C   1 
ATOM   127  O O   . VAL A 1 20  ? -0.270  -17.772 14.198  1.00 12.60 ? 20  VAL A O   1 
ATOM   128  C CB  . VAL A 1 20  ? 1.320   -15.573 15.592  1.00 12.41 ? 20  VAL A CB  1 
ATOM   129  C CG1 . VAL A 1 20  ? 0.708   -14.336 14.938  1.00 13.86 ? 20  VAL A CG1 1 
ATOM   130  C CG2 . VAL A 1 20  ? 2.256   -15.156 16.724  1.00 12.93 ? 20  VAL A CG2 1 
ATOM   131  N N   . SER A 1 21  ? -1.886  -16.382 14.920  1.00 12.94 ? 21  SER A N   1 
ATOM   132  C CA  . SER A 1 21  ? -2.786  -16.732 13.845  1.00 13.48 ? 21  SER A CA  1 
ATOM   133  C C   . SER A 1 21  ? -3.417  -15.494 13.244  1.00 13.45 ? 21  SER A C   1 
ATOM   134  O O   . SER A 1 21  ? -3.915  -14.605 13.957  1.00 12.84 ? 21  SER A O   1 
ATOM   135  C CB  . SER A 1 21  ? -3.907  -17.669 14.342  1.00 14.69 ? 21  SER A CB  1 
ATOM   136  O OG  . SER A 1 21  ? -3.365  -18.935 14.659  1.00 18.00 ? 21  SER A OG  1 
ATOM   137  N N   . VAL A 1 22  ? -3.431  -15.467 11.922  1.00 12.50 ? 22  VAL A N   1 
ATOM   138  C CA  . VAL A 1 22  ? -4.016  -14.358 11.214  1.00 13.14 ? 22  VAL A CA  1 
ATOM   139  C C   . VAL A 1 22  ? -5.032  -14.926 10.207  1.00 13.60 ? 22  VAL A C   1 
ATOM   140  O O   . VAL A 1 22  ? -4.819  -15.993 9.599   1.00 12.72 ? 22  VAL A O   1 
ATOM   141  C CB  . VAL A 1 22  ? -2.940  -13.580 10.466  1.00 12.81 ? 22  VAL A CB  1 
ATOM   142  C CG1 . VAL A 1 22  ? -3.584  -12.634 9.476   1.00 12.37 ? 22  VAL A CG1 1 
ATOM   143  C CG2 . VAL A 1 22  ? -2.051  -12.847 11.446  1.00 12.48 ? 22  VAL A CG2 1 
ATOM   144  N N   . SER A 1 23  ? -6.144  -14.227 10.049  1.00 14.34 ? 23  SER A N   1 
ATOM   145  C CA  . SER A 1 23  ? -7.157  -14.660 9.096   1.00 15.92 ? 23  SER A CA  1 
ATOM   146  C C   . SER A 1 23  ? -7.892  -13.443 8.543   1.00 15.90 ? 23  SER A C   1 
ATOM   147  O O   . SER A 1 23  ? -8.060  -12.442 9.251   1.00 16.79 ? 23  SER A O   1 
ATOM   148  C CB  . SER A 1 23  ? -8.180  -15.570 9.775   1.00 16.67 ? 23  SER A CB  1 
ATOM   149  O OG  . SER A 1 23  ? -9.067  -16.118 8.815   1.00 18.68 ? 23  SER A OG  1 
ATOM   150  N N   . GLY A 1 24  ? -8.348  -13.538 7.306   1.00 15.77 ? 24  GLY A N   1 
ATOM   151  C CA  . GLY A 1 24  ? -9.099  -12.425 6.730   1.00 16.20 ? 24  GLY A CA  1 
ATOM   152  C C   . GLY A 1 24  ? -8.283  -11.196 6.368   1.00 15.76 ? 24  GLY A C   1 
ATOM   153  O O   . GLY A 1 24  ? -8.845  -10.113 6.158   1.00 15.47 ? 24  GLY A O   1 
ATOM   154  N N   . ALA A 1 25  ? -6.966  -11.370 6.286   1.00 15.05 ? 25  ALA A N   1 
ATOM   155  C CA  . ALA A 1 25  ? -6.083  -10.281 5.925   1.00 15.53 ? 25  ALA A CA  1 
ATOM   156  C C   . ALA A 1 25  ? -6.094  -10.222 4.401   1.00 15.85 ? 25  ALA A C   1 
ATOM   157  O O   . ALA A 1 25  ? -6.814  -10.978 3.751   1.00 16.17 ? 25  ALA A O   1 
ATOM   158  C CB  . ALA A 1 25  ? -4.669  -10.546 6.424   1.00 14.60 ? 25  ALA A CB  1 
ATOM   159  N N   . ALA A 1 26  ? -5.276  -9.348  3.841   1.00 16.32 ? 26  ALA A N   1 
ATOM   160  C CA  . ALA A 1 26  ? -5.199  -9.229  2.395   1.00 16.97 ? 26  ALA A CA  1 
ATOM   161  C C   . ALA A 1 26  ? -4.681  -10.578 1.909   1.00 17.83 ? 26  ALA A C   1 
ATOM   162  O O   . ALA A 1 26  ? -3.805  -11.158 2.530   1.00 17.76 ? 26  ALA A O   1 
ATOM   163  C CB  . ALA A 1 26  ? -4.248  -8.113  2.029   1.00 17.73 ? 26  ALA A CB  1 
ATOM   164  N N   . ALA A 1 27  A -5.260  -11.105 0.834   1.00 17.63 ? 26  ALA A N   1 
ATOM   165  C CA  . ALA A 1 27  A -4.814  -12.393 0.334   1.00 18.09 ? 26  ALA A CA  1 
ATOM   166  C C   . ALA A 1 27  A -3.437  -12.304 -0.322  1.00 18.02 ? 26  ALA A C   1 
ATOM   167  O O   . ALA A 1 27  A -3.090  -11.319 -0.987  1.00 17.23 ? 26  ALA A O   1 
ATOM   168  C CB  . ALA A 1 27  A -5.830  -12.974 -0.663  1.00 19.28 ? 26  ALA A CB  1 
ATOM   169  N N   . GLY A 1 28  B -2.660  -13.352 -0.132  1.00 17.08 ? 26  GLY A N   1 
ATOM   170  C CA  . GLY A 1 28  B -1.345  -13.372 -0.734  1.00 16.96 ? 26  GLY A CA  1 
ATOM   171  C C   . GLY A 1 28  B -0.467  -12.150 -0.525  1.00 16.31 ? 26  GLY A C   1 
ATOM   172  O O   . GLY A 1 28  B 0.118   -11.694 -1.490  1.00 16.59 ? 26  GLY A O   1 
ATOM   173  N N   . GLU A 1 29  ? -0.351  -11.628 0.703   1.00 15.53 ? 27  GLU A N   1 
ATOM   174  C CA  . GLU A 1 29  ? 0.531   -10.471 0.957   1.00 15.71 ? 27  GLU A CA  1 
ATOM   175  C C   . GLU A 1 29  ? 1.552   -10.766 2.076   1.00 14.64 ? 27  GLU A C   1 
ATOM   176  O O   . GLU A 1 29  ? 1.449   -11.782 2.785   1.00 14.20 ? 27  GLU A O   1 
ATOM   177  C CB  . GLU A 1 29  ? -0.280  -9.203  1.338   1.00 17.05 ? 27  GLU A CB  1 
ATOM   178  C CG  . GLU A 1 29  ? -0.778  -8.383  0.125   1.00 19.19 ? 27  GLU A CG  1 
ATOM   179  C CD  . GLU A 1 29  ? -1.384  -7.010  0.480   1.00 20.57 ? 27  GLU A CD  1 
ATOM   180  O OE1 . GLU A 1 29  ? -1.129  -6.469  1.590   1.00 20.57 ? 27  GLU A OE1 1 
ATOM   181  O OE2 . GLU A 1 29  ? -2.109  -6.451  -0.390  1.00 21.30 ? 27  GLU A OE2 1 
ATOM   182  N N   . THR A 1 30  ? 2.559   -9.900  2.188   1.00 12.95 ? 28  THR A N   1 
ATOM   183  C CA  . THR A 1 30  ? 3.570   -10.023 3.216   1.00 12.59 ? 28  THR A CA  1 
ATOM   184  C C   . THR A 1 30  ? 3.220   -9.077  4.371   1.00 12.10 ? 28  THR A C   1 
ATOM   185  O O   . THR A 1 30  ? 2.924   -7.899  4.165   1.00 10.80 ? 28  THR A O   1 
ATOM   186  C CB  . THR A 1 30  ? 4.977   -9.620  2.710   1.00 13.01 ? 28  THR A CB  1 
ATOM   187  O OG1 . THR A 1 30  ? 5.466   -10.627 1.831   1.00 13.30 ? 28  THR A OG1 1 
ATOM   188  C CG2 . THR A 1 30  ? 5.954   -9.467  3.867   1.00 13.44 ? 28  THR A CG2 1 
ATOM   189  N N   . TYR A 1 31  ? 3.243   -9.605  5.589   1.00 12.24 ? 29  TYR A N   1 
ATOM   190  C CA  . TYR A 1 31  ? 2.994   -8.782  6.765   1.00 12.07 ? 29  TYR A CA  1 
ATOM   191  C C   . TYR A 1 31  ? 4.203   -8.887  7.660   1.00 12.44 ? 29  TYR A C   1 
ATOM   192  O O   . TYR A 1 31  ? 5.052   -9.788  7.484   1.00 11.92 ? 29  TYR A O   1 
ATOM   193  C CB  . TYR A 1 31  ? 1.775   -9.278  7.544   1.00 12.71 ? 29  TYR A CB  1 
ATOM   194  C CG  . TYR A 1 31  ? 0.462   -8.896  6.879   1.00 13.12 ? 29  TYR A CG  1 
ATOM   195  C CD1 . TYR A 1 31  ? -0.144  -7.667  7.135   1.00 13.64 ? 29  TYR A CD1 1 
ATOM   196  C CD2 . TYR A 1 31  ? -0.150  -9.746  5.957   1.00 14.26 ? 29  TYR A CD2 1 
ATOM   197  C CE1 . TYR A 1 31  ? -1.332  -7.301  6.482   1.00 14.18 ? 29  TYR A CE1 1 
ATOM   198  C CE2 . TYR A 1 31  ? -1.343  -9.372  5.302   1.00 13.88 ? 29  TYR A CE2 1 
ATOM   199  C CZ  . TYR A 1 31  ? -1.913  -8.161  5.570   1.00 14.55 ? 29  TYR A CZ  1 
ATOM   200  O OH  . TYR A 1 31  ? -3.065  -7.795  4.896   1.00 15.28 ? 29  TYR A OH  1 
ATOM   201  N N   . TYR A 1 32  ? 4.262   -7.989  8.639   1.00 12.70 ? 30  TYR A N   1 
ATOM   202  C CA  . TYR A 1 32  ? 5.362   -7.977  9.597   1.00 12.81 ? 30  TYR A CA  1 
ATOM   203  C C   . TYR A 1 32  ? 4.820   -8.160  11.014  1.00 13.46 ? 30  TYR A C   1 
ATOM   204  O O   . TYR A 1 32  ? 3.680   -7.795  11.291  1.00 13.67 ? 30  TYR A O   1 
ATOM   205  C CB  . TYR A 1 32  ? 6.156   -6.670  9.480   1.00 13.82 ? 30  TYR A CB  1 
ATOM   206  C CG  . TYR A 1 32  ? 6.677   -6.496  8.087   1.00 15.55 ? 30  TYR A CG  1 
ATOM   207  C CD1 . TYR A 1 32  ? 5.889   -5.886  7.105   1.00 16.78 ? 30  TYR A CD1 1 
ATOM   208  C CD2 . TYR A 1 32  ? 7.893   -7.066  7.701   1.00 15.99 ? 30  TYR A CD2 1 
ATOM   209  C CE1 . TYR A 1 32  ? 6.293   -5.849  5.761   1.00 18.10 ? 30  TYR A CE1 1 
ATOM   210  C CE2 . TYR A 1 32  ? 8.306   -7.039  6.350   1.00 18.41 ? 30  TYR A CE2 1 
ATOM   211  C CZ  . TYR A 1 32  ? 7.489   -6.421  5.390   1.00 18.64 ? 30  TYR A CZ  1 
ATOM   212  O OH  . TYR A 1 32  ? 7.878   -6.379  4.052   1.00 19.94 ? 30  TYR A OH  1 
ATOM   213  N N   . ILE A 1 33  ? 5.626   -8.764  11.883  1.00 12.35 ? 31  ILE A N   1 
ATOM   214  C CA  . ILE A 1 33  ? 5.248   -9.002  13.274  1.00 12.56 ? 31  ILE A CA  1 
ATOM   215  C C   . ILE A 1 33  ? 6.414   -8.800  14.275  1.00 12.06 ? 31  ILE A C   1 
ATOM   216  O O   . ILE A 1 33  ? 7.543   -9.094  13.977  1.00 12.07 ? 31  ILE A O   1 
ATOM   217  C CB  . ILE A 1 33  ? 4.680   -10.443 13.426  1.00 13.10 ? 31  ILE A CB  1 
ATOM   218  C CG1 . ILE A 1 33  ? 4.330   -10.736 14.892  1.00 14.09 ? 31  ILE A CG1 1 
ATOM   219  C CG2 . ILE A 1 33  ? 5.732   -11.478 12.914  1.00 13.55 ? 31  ILE A CG2 1 
ATOM   220  C CD1 . ILE A 1 33  ? 3.220   -11.765 15.011  1.00 14.67 ? 31  ILE A CD1 1 
ATOM   221  N N   . ALA A 1 34  ? 6.118   -8.321  15.475  1.00 11.26 ? 32  ALA A N   1 
ATOM   222  C CA  . ALA A 1 34  ? 7.164   -8.132  16.457  1.00 11.05 ? 32  ALA A CA  1 
ATOM   223  C C   . ALA A 1 34  ? 6.590   -7.916  17.841  1.00 11.18 ? 32  ALA A C   1 
ATOM   224  O O   . ALA A 1 34  ? 5.429   -7.516  18.000  1.00 10.99 ? 32  ALA A O   1 
ATOM   225  C CB  . ALA A 1 34  ? 8.044   -6.919  16.067  1.00 11.96 ? 32  ALA A CB  1 
ATOM   226  N N   . GLN A 1 35  ? 7.433   -8.182  18.835  1.00 10.90 ? 33  GLN A N   1 
ATOM   227  C CA  . GLN A 1 35  ? 7.117   -7.954  20.245  1.00 9.75  ? 33  GLN A CA  1 
ATOM   228  C C   . GLN A 1 35  ? 7.715   -6.557  20.531  1.00 10.41 ? 33  GLN A C   1 
ATOM   229  O O   . GLN A 1 35  ? 8.908   -6.308  20.326  1.00 9.42  ? 33  GLN A O   1 
ATOM   230  C CB  . GLN A 1 35  ? 7.808   -8.990  21.131  1.00 10.88 ? 33  GLN A CB  1 
ATOM   231  C CG  . GLN A 1 35  ? 7.614   -8.649  22.610  1.00 9.83  ? 33  GLN A CG  1 
ATOM   232  C CD  . GLN A 1 35  ? 8.267   -9.615  23.566  1.00 11.14 ? 33  GLN A CD  1 
ATOM   233  O OE1 . GLN A 1 35  ? 8.910   -10.599 23.163  1.00 11.76 ? 33  GLN A OE1 1 
ATOM   234  N NE2 . GLN A 1 35  ? 8.116   -9.331  24.870  1.00 10.91 ? 33  GLN A NE2 1 
ATOM   235  N N   . CYS A 1 36  ? 6.894   -5.639  21.010  1.00 10.84 ? 34  CYS A N   1 
ATOM   236  C CA  . CYS A 1 36  ? 7.386   -4.295  21.245  1.00 12.18 ? 34  CYS A CA  1 
ATOM   237  C C   . CYS A 1 36  ? 6.751   -3.722  22.510  1.00 13.13 ? 34  CYS A C   1 
ATOM   238  O O   . CYS A 1 36  ? 5.722   -4.202  22.963  1.00 12.74 ? 34  CYS A O   1 
ATOM   239  C CB  . CYS A 1 36  ? 6.945   -3.389  20.107  1.00 12.32 ? 34  CYS A CB  1 
ATOM   240  S SG  . CYS A 1 36  ? 7.154   -3.972  18.395  1.00 13.14 ? 34  CYS A SG  1 
ATOM   241  N N   . ALA A 1 37  ? 7.393   -2.696  23.070  1.00 14.46 ? 35  ALA A N   1 
ATOM   242  C CA  . ALA A 1 37  ? 6.833   -1.963  24.221  1.00 16.39 ? 35  ALA A CA  1 
ATOM   243  C C   . ALA A 1 37  ? 6.895   -0.493  23.791  1.00 17.76 ? 35  ALA A C   1 
ATOM   244  O O   . ALA A 1 37  ? 7.844   -0.076  23.153  1.00 16.87 ? 35  ALA A O   1 
ATOM   245  C CB  . ALA A 1 37  ? 7.660   -2.182  25.471  1.00 16.86 ? 35  ALA A CB  1 
ATOM   246  N N   . PRO A 1 38  ? 5.853   0.295   24.081  1.00 19.01 ? 36  PRO A N   1 
ATOM   247  C CA  . PRO A 1 38  ? 5.873   1.708   23.692  1.00 20.03 ? 36  PRO A CA  1 
ATOM   248  C C   . PRO A 1 38  ? 6.792   2.542   24.607  1.00 20.60 ? 36  PRO A C   1 
ATOM   249  O O   . PRO A 1 38  ? 6.644   2.493   25.830  1.00 21.32 ? 36  PRO A O   1 
ATOM   250  C CB  . PRO A 1 38  ? 4.408   2.106   23.831  1.00 20.45 ? 36  PRO A CB  1 
ATOM   251  C CG  . PRO A 1 38  ? 3.967   1.253   25.003  1.00 18.93 ? 36  PRO A CG  1 
ATOM   252  C CD  . PRO A 1 38  ? 4.532   -0.085  24.605  1.00 20.10 ? 36  PRO A CD  1 
ATOM   253  N N   . VAL A 1 39  ? 7.730   3.292   24.017  1.00 21.45 ? 37  VAL A N   1 
ATOM   254  C CA  . VAL A 1 39  ? 8.651   4.155   24.781  1.00 21.57 ? 37  VAL A CA  1 
ATOM   255  C C   . VAL A 1 39  ? 8.993   5.432   24.015  1.00 21.85 ? 37  VAL A C   1 
ATOM   256  O O   . VAL A 1 39  ? 9.580   5.390   22.932  1.00 21.30 ? 37  VAL A O   1 
ATOM   257  C CB  . VAL A 1 39  ? 10.010  3.453   25.130  1.00 22.51 ? 37  VAL A CB  1 
ATOM   258  C CG1 . VAL A 1 39  ? 9.883   2.565   26.389  1.00 21.81 ? 37  VAL A CG1 1 
ATOM   259  C CG2 . VAL A 1 39  ? 10.470  2.623   23.964  1.00 22.07 ? 37  VAL A CG2 1 
ATOM   260  N N   . GLY A 1 40  ? 8.626   6.574   24.583  1.00 22.27 ? 38  GLY A N   1 
ATOM   261  C CA  . GLY A 1 40  ? 8.937   7.852   23.963  1.00 22.48 ? 38  GLY A CA  1 
ATOM   262  C C   . GLY A 1 40  ? 8.254   8.166   22.650  1.00 22.48 ? 38  GLY A C   1 
ATOM   263  O O   . GLY A 1 40  ? 8.730   9.007   21.898  1.00 23.04 ? 38  GLY A O   1 
ATOM   264  N N   . GLY A 1 41  ? 7.144   7.507   22.360  1.00 22.09 ? 39  GLY A N   1 
ATOM   265  C CA  . GLY A 1 41  ? 6.473   7.802   21.106  1.00 22.36 ? 39  GLY A CA  1 
ATOM   266  C C   . GLY A 1 41  ? 6.706   6.779   20.017  1.00 22.06 ? 39  GLY A C   1 
ATOM   267  O O   . GLY A 1 41  ? 5.967   6.739   19.040  1.00 22.45 ? 39  GLY A O   1 
ATOM   268  N N   . GLN A 1 42  ? 7.734   5.961   20.188  1.00 21.68 ? 40  GLN A N   1 
ATOM   269  C CA  . GLN A 1 42  ? 8.075   4.903   19.249  1.00 22.37 ? 40  GLN A CA  1 
ATOM   270  C C   . GLN A 1 42  ? 7.988   3.546   19.960  1.00 21.13 ? 40  GLN A C   1 
ATOM   271  O O   . GLN A 1 42  ? 7.983   3.479   21.169  1.00 20.39 ? 40  GLN A O   1 
ATOM   272  C CB  . GLN A 1 42  ? 9.511   5.054   18.770  1.00 24.04 ? 40  GLN A CB  1 
ATOM   273  C CG  . GLN A 1 42  ? 9.962   6.497   18.598  1.00 27.57 ? 40  GLN A CG  1 
ATOM   274  C CD  . GLN A 1 42  ? 10.669  6.685   17.283  1.00 28.28 ? 40  GLN A CD  1 
ATOM   275  O OE1 . GLN A 1 42  ? 11.851  7.034   17.246  1.00 29.75 ? 40  GLN A OE1 1 
ATOM   276  N NE2 . GLN A 1 42  ? 9.954   6.432   16.183  1.00 29.31 ? 40  GLN A NE2 1 
ATOM   277  N N   . ASP A 1 43  ? 7.946   2.480   19.175  1.00 21.28 ? 41  ASP A N   1 
ATOM   278  C CA  . ASP A 1 43  ? 7.901   1.128   19.714  1.00 20.88 ? 41  ASP A CA  1 
ATOM   279  C C   . ASP A 1 43  ? 9.332   0.605   19.821  1.00 19.27 ? 41  ASP A C   1 
ATOM   280  O O   . ASP A 1 43  ? 10.099  0.736   18.879  1.00 20.08 ? 41  ASP A O   1 
ATOM   281  C CB  . ASP A 1 43  ? 7.147   0.181   18.775  1.00 22.35 ? 41  ASP A CB  1 
ATOM   282  C CG  . ASP A 1 43  ? 5.635   0.277   18.893  1.00 23.23 ? 41  ASP A CG  1 
ATOM   283  O OD1 . ASP A 1 43  ? 5.100   0.633   19.984  1.00 24.15 ? 41  ASP A OD1 1 
ATOM   284  O OD2 . ASP A 1 43  ? 4.997   -0.059  17.873  1.00 23.55 ? 41  ASP A OD2 1 
ATOM   285  N N   . ALA A 1 44  ? 9.694   0.034   20.969  1.00 17.84 ? 42  ALA A N   1 
ATOM   286  C CA  . ALA A 1 44  ? 11.012  -0.580  21.110  1.00 15.90 ? 42  ALA A CA  1 
ATOM   287  C C   . ALA A 1 44  ? 10.632  -2.072  21.007  1.00 15.15 ? 42  ALA A C   1 
ATOM   288  O O   . ALA A 1 44  ? 9.963   -2.634  21.884  1.00 13.37 ? 42  ALA A O   1 
ATOM   289  C CB  . ALA A 1 44  ? 11.625  -0.295  22.455  1.00 16.16 ? 42  ALA A CB  1 
ATOM   290  N N   . CYS A 1 45  ? 11.060  -2.676  19.908  1.00 14.69 ? 43  CYS A N   1 
ATOM   291  C CA  . CYS A 1 45  ? 10.789  -4.073  19.585  1.00 14.27 ? 43  CYS A CA  1 
ATOM   292  C C   . CYS A 1 45  ? 12.069  -4.896  19.681  1.00 13.92 ? 43  CYS A C   1 
ATOM   293  O O   . CYS A 1 45  ? 13.168  -4.347  19.609  1.00 12.97 ? 43  CYS A O   1 
ATOM   294  C CB  . CYS A 1 45  ? 10.228  -4.148  18.150  1.00 14.42 ? 43  CYS A CB  1 
ATOM   295  S SG  . CYS A 1 45  ? 8.852   -2.978  17.853  1.00 15.52 ? 43  CYS A SG  1 
ATOM   296  N N   . ASN A 1 46  ? 11.910  -6.206  19.865  1.00 13.14 ? 44  ASN A N   1 
ATOM   297  C CA  . ASN A 1 46  ? 13.037  -7.119  19.954  1.00 12.88 ? 44  ASN A CA  1 
ATOM   298  C C   . ASN A 1 46  ? 13.537  -7.373  18.524  1.00 12.76 ? 44  ASN A C   1 
ATOM   299  O O   . ASN A 1 46  ? 12.862  -7.996  17.712  1.00 13.09 ? 44  ASN A O   1 
ATOM   300  C CB  . ASN A 1 46  ? 12.584  -8.434  20.601  1.00 13.22 ? 44  ASN A CB  1 
ATOM   301  C CG  . ASN A 1 46  ? 13.713  -9.409  20.763  1.00 13.29 ? 44  ASN A CG  1 
ATOM   302  O OD1 . ASN A 1 46  ? 14.829  -9.101  20.422  1.00 14.33 ? 44  ASN A OD1 1 
ATOM   303  N ND2 . ASN A 1 46  ? 13.427  -10.595 21.328  1.00 14.69 ? 44  ASN A ND2 1 
ATOM   304  N N   . PRO A 1 47  ? 14.756  -6.917  18.208  1.00 12.65 ? 45  PRO A N   1 
ATOM   305  C CA  . PRO A 1 47  ? 15.223  -7.133  16.849  1.00 12.68 ? 45  PRO A CA  1 
ATOM   306  C C   . PRO A 1 47  ? 15.554  -8.571  16.499  1.00 12.41 ? 45  PRO A C   1 
ATOM   307  O O   . PRO A 1 47  ? 15.569  -8.907  15.312  1.00 13.09 ? 45  PRO A O   1 
ATOM   308  C CB  . PRO A 1 47  ? 16.401  -6.138  16.717  1.00 13.15 ? 45  PRO A CB  1 
ATOM   309  C CG  . PRO A 1 47  ? 16.943  -6.077  18.117  1.00 12.96 ? 45  PRO A CG  1 
ATOM   310  C CD  . PRO A 1 47  ? 15.700  -6.097  18.997  1.00 12.68 ? 45  PRO A CD  1 
ATOM   311  N N   . ALA A 1 48  ? 15.726  -9.428  17.505  1.00 12.25 ? 46  ALA A N   1 
ATOM   312  C CA  . ALA A 1 48  ? 16.071  -10.851 17.253  1.00 13.01 ? 46  ALA A CA  1 
ATOM   313  C C   . ALA A 1 48  ? 14.875  -11.701 16.816  1.00 12.93 ? 46  ALA A C   1 
ATOM   314  O O   . ALA A 1 48  ? 15.047  -12.775 16.237  1.00 12.88 ? 46  ALA A O   1 
ATOM   315  C CB  . ALA A 1 48  ? 16.730  -11.487 18.519  1.00 12.31 ? 46  ALA A CB  1 
ATOM   316  N N   . THR A 1 49  ? 13.659  -11.216 17.071  1.00 12.32 ? 47  THR A N   1 
ATOM   317  C CA  . THR A 1 49  ? 12.469  -11.977 16.700  1.00 12.51 ? 47  THR A CA  1 
ATOM   318  C C   . THR A 1 49  ? 11.567  -11.229 15.736  1.00 12.80 ? 47  THR A C   1 
ATOM   319  O O   . THR A 1 49  ? 10.601  -11.786 15.221  1.00 13.11 ? 47  THR A O   1 
ATOM   320  C CB  . THR A 1 49  ? 11.643  -12.351 17.930  1.00 12.49 ? 47  THR A CB  1 
ATOM   321  O OG1 . THR A 1 49  ? 11.419  -11.174 18.731  1.00 12.45 ? 47  THR A OG1 1 
ATOM   322  C CG2 . THR A 1 49  ? 12.342  -13.406 18.736  1.00 11.68 ? 47  THR A CG2 1 
ATOM   323  N N   . ALA A 1 50  ? 11.874  -9.962  15.482  1.00 12.83 ? 48  ALA A N   1 
ATOM   324  C CA  . ALA A 1 50  ? 11.053  -9.185  14.568  1.00 13.06 ? 48  ALA A CA  1 
ATOM   325  C C   . ALA A 1 50  ? 11.126  -9.830  13.196  1.00 13.53 ? 48  ALA A C   1 
ATOM   326  O O   . ALA A 1 50  ? 12.206  -10.038 12.658  1.00 14.12 ? 48  ALA A O   1 
ATOM   327  C CB  . ALA A 1 50  ? 11.541  -7.760  14.511  1.00 13.35 ? 48  ALA A CB  1 
ATOM   328  N N   . THR A 1 51  ? 9.990   -10.153 12.599  1.00 13.29 ? 49  THR A N   1 
ATOM   329  C CA  . THR A 1 51  ? 10.100  -10.792 11.319  1.00 14.17 ? 49  THR A CA  1 
ATOM   330  C C   . THR A 1 51  ? 8.889   -10.589 10.410  1.00 13.80 ? 49  THR A C   1 
ATOM   331  O O   . THR A 1 51  ? 8.049   -9.702  10.660  1.00 12.24 ? 49  THR A O   1 
ATOM   332  C CB  . THR A 1 51  ? 10.413  -12.312 11.528  1.00 14.39 ? 49  THR A CB  1 
ATOM   333  O OG1 . THR A 1 51  ? 10.922  -12.881 10.303  1.00 16.94 ? 49  THR A OG1 1 
ATOM   334  C CG2 . THR A 1 51  ? 9.180   -13.026 11.976  1.00 15.77 ? 49  THR A CG2 1 
ATOM   335  N N   . SER A 1 52  ? 8.810   -11.404 9.365   1.00 13.15 ? 50  SER A N   1 
ATOM   336  C CA  . SER A 1 52  ? 7.735   -11.299 8.371   1.00 13.22 ? 50  SER A CA  1 
ATOM   337  C C   . SER A 1 52  ? 7.109   -12.643 8.036   1.00 12.63 ? 50  SER A C   1 
ATOM   338  O O   . SER A 1 52  ? 7.665   -13.680 8.333   1.00 13.11 ? 50  SER A O   1 
ATOM   339  C CB  . SER A 1 52  ? 8.276   -10.685 7.084   1.00 14.66 ? 50  SER A CB  1 
ATOM   340  O OG  . SER A 1 52  ? 9.266   -11.524 6.484   1.00 16.13 ? 50  SER A OG  1 
ATOM   341  N N   . PHE A 1 53  ? 5.949   -12.608 7.386   1.00 12.50 ? 51  PHE A N   1 
ATOM   342  C CA  . PHE A 1 53  ? 5.223   -13.797 6.969   1.00 11.47 ? 51  PHE A CA  1 
ATOM   343  C C   . PHE A 1 53  ? 4.353   -13.426 5.781   1.00 11.60 ? 51  PHE A C   1 
ATOM   344  O O   . PHE A 1 53  ? 4.117   -12.229 5.549   1.00 11.10 ? 51  PHE A O   1 
ATOM   345  C CB  . PHE A 1 53  ? 4.344   -14.335 8.114   1.00 11.35 ? 51  PHE A CB  1 
ATOM   346  C CG  . PHE A 1 53  ? 3.276   -13.363 8.597   1.00 11.10 ? 51  PHE A CG  1 
ATOM   347  C CD1 . PHE A 1 53  ? 1.970   -13.461 8.144   1.00 9.70  ? 51  PHE A CD1 1 
ATOM   348  C CD2 . PHE A 1 53  ? 3.563   -12.463 9.627   1.00 11.18 ? 51  PHE A CD2 1 
ATOM   349  C CE1 . PHE A 1 53  ? 0.932   -12.684 8.725   1.00 10.11 ? 51  PHE A CE1 1 
ATOM   350  C CE2 . PHE A 1 53  ? 2.549   -11.684 10.212  1.00 9.85  ? 51  PHE A CE2 1 
ATOM   351  C CZ  . PHE A 1 53  ? 1.230   -11.807 9.757   1.00 9.94  ? 51  PHE A CZ  1 
ATOM   352  N N   . THR A 1 54  ? 3.953   -14.440 4.997   1.00 11.80 ? 52  THR A N   1 
ATOM   353  C CA  . THR A 1 54  ? 3.064   -14.231 3.855   1.00 11.80 ? 52  THR A CA  1 
ATOM   354  C C   . THR A 1 54  ? 1.706   -14.845 4.160   1.00 12.51 ? 52  THR A C   1 
ATOM   355  O O   . THR A 1 54  ? 1.615   -15.764 4.973   1.00 12.80 ? 52  THR A O   1 
ATOM   356  C CB  . THR A 1 54  ? 3.578   -14.868 2.549   1.00 10.38 ? 52  THR A CB  1 
ATOM   357  O OG1 . THR A 1 54  ? 3.680   -16.297 2.698   1.00 10.45 ? 52  THR A OG1 1 
ATOM   358  C CG2 . THR A 1 54  ? 4.886   -14.268 2.174   1.00 10.09 ? 52  THR A CG2 1 
ATOM   359  N N   . THR A 1 55  ? 0.646   -14.356 3.515   1.00 13.44 ? 53  THR A N   1 
ATOM   360  C CA  . THR A 1 55  ? -0.683  -14.956 3.759   1.00 14.12 ? 53  THR A CA  1 
ATOM   361  C C   . THR A 1 55  ? -1.058  -15.840 2.568   1.00 15.97 ? 53  THR A C   1 
ATOM   362  O O   . THR A 1 55  ? -0.483  -15.686 1.493   1.00 16.92 ? 53  THR A O   1 
ATOM   363  C CB  . THR A 1 55  ? -1.804  -13.873 3.918   1.00 13.45 ? 53  THR A CB  1 
ATOM   364  O OG1 . THR A 1 55  ? -1.716  -12.901 2.852   1.00 12.66 ? 53  THR A OG1 1 
ATOM   365  C CG2 . THR A 1 55  ? -1.669  -13.138 5.297   1.00 12.93 ? 53  THR A CG2 1 
ATOM   366  N N   . ASP A 1 56  ? -2.013  -16.757 2.755   1.00 17.47 ? 54  ASP A N   1 
ATOM   367  C CA  . ASP A 1 56  ? -2.459  -17.631 1.657   1.00 18.88 ? 54  ASP A CA  1 
ATOM   368  C C   . ASP A 1 56  ? -3.632  -16.944 0.922   1.00 19.91 ? 54  ASP A C   1 
ATOM   369  O O   . ASP A 1 56  ? -3.944  -15.801 1.200   1.00 18.73 ? 54  ASP A O   1 
ATOM   370  C CB  . ASP A 1 56  ? -2.884  -19.019 2.194   1.00 19.45 ? 54  ASP A CB  1 
ATOM   371  C CG  . ASP A 1 56  ? -4.071  -18.967 3.162   1.00 19.88 ? 54  ASP A CG  1 
ATOM   372  O OD1 . ASP A 1 56  ? -4.825  -17.971 3.227   1.00 19.28 ? 54  ASP A OD1 1 
ATOM   373  O OD2 . ASP A 1 56  ? -4.253  -19.968 3.872   1.00 20.24 ? 54  ASP A OD2 1 
ATOM   374  N N   . ALA A 1 57  ? -4.274  -17.639 -0.018  1.00 21.34 ? 55  ALA A N   1 
ATOM   375  C CA  . ALA A 1 57  ? -5.400  -17.069 -0.778  1.00 22.81 ? 55  ALA A CA  1 
ATOM   376  C C   . ALA A 1 57  ? -6.587  -16.596 0.053   1.00 23.80 ? 55  ALA A C   1 
ATOM   377  O O   . ALA A 1 57  ? -7.425  -15.825 -0.427  1.00 25.10 ? 55  ALA A O   1 
ATOM   378  C CB  . ALA A 1 57  ? -5.900  -18.083 -1.832  1.00 23.07 ? 55  ALA A CB  1 
ATOM   379  N N   . SER A 1 58  ? -6.692  -17.065 1.289   1.00 23.49 ? 56  SER A N   1 
ATOM   380  C CA  . SER A 1 58  ? -7.792  -16.649 2.137   1.00 23.50 ? 56  SER A CA  1 
ATOM   381  C C   . SER A 1 58  ? -7.351  -15.527 3.080   1.00 22.77 ? 56  SER A C   1 
ATOM   382  O O   . SER A 1 58  ? -8.105  -15.116 3.957   1.00 23.45 ? 56  SER A O   1 
ATOM   383  C CB  . SER A 1 58  ? -8.279  -17.837 2.954   1.00 24.68 ? 56  SER A CB  1 
ATOM   384  O OG  . SER A 1 58  ? -7.174  -18.414 3.616   1.00 26.17 ? 56  SER A OG  1 
ATOM   385  N N   . GLY A 1 59  ? -6.129  -15.027 2.905   1.00 20.96 ? 57  GLY A N   1 
ATOM   386  C CA  . GLY A 1 59  ? -5.658  -13.972 3.783   1.00 18.89 ? 57  GLY A CA  1 
ATOM   387  C C   . GLY A 1 59  ? -5.294  -14.498 5.163   1.00 17.40 ? 57  GLY A C   1 
ATOM   388  O O   . GLY A 1 59  ? -5.365  -13.763 6.136   1.00 17.53 ? 57  GLY A O   1 
ATOM   389  N N   . ALA A 1 60  ? -4.861  -15.757 5.236   1.00 16.51 ? 58  ALA A N   1 
ATOM   390  C CA  . ALA A 1 60  ? -4.531  -16.378 6.516   1.00 14.98 ? 58  ALA A CA  1 
ATOM   391  C C   . ALA A 1 60  ? -3.086  -16.820 6.600   1.00 14.27 ? 58  ALA A C   1 
ATOM   392  O O   . ALA A 1 60  ? -2.456  -17.089 5.569   1.00 13.82 ? 58  ALA A O   1 
ATOM   393  C CB  . ALA A 1 60  ? -5.449  -17.592 6.737   1.00 14.77 ? 58  ALA A CB  1 
ATOM   394  N N   . ALA A 1 61  ? -2.578  -16.905 7.836   1.00 12.93 ? 59  ALA A N   1 
ATOM   395  C CA  . ALA A 1 61  ? -1.230  -17.390 8.125   1.00 12.71 ? 59  ALA A CA  1 
ATOM   396  C C   . ALA A 1 61  ? -1.178  -17.764 9.598   1.00 12.50 ? 59  ALA A C   1 
ATOM   397  O O   . ALA A 1 61  ? -1.940  -17.239 10.411  1.00 12.00 ? 59  ALA A O   1 
ATOM   398  C CB  . ALA A 1 61  ? -0.166  -16.299 7.840   1.00 12.30 ? 59  ALA A CB  1 
ATOM   399  N N   . SER A 1 62  ? -0.290  -18.691 9.938   1.00 13.09 ? 60  SER A N   1 
ATOM   400  C CA  . SER A 1 62  ? -0.118  -19.112 11.335  1.00 13.18 ? 60  SER A CA  1 
ATOM   401  C C   . SER A 1 62  ? 1.316   -19.582 11.488  1.00 12.80 ? 60  SER A C   1 
ATOM   402  O O   . SER A 1 62  ? 1.859   -20.187 10.562  1.00 12.21 ? 60  SER A O   1 
ATOM   403  C CB  . SER A 1 62  ? -1.078  -20.256 11.665  1.00 14.54 ? 60  SER A CB  1 
ATOM   404  O OG  . SER A 1 62  ? -1.127  -20.416 13.070  1.00 17.62 ? 60  SER A OG  1 
ATOM   405  N N   . PHE A 1 63  ? 1.918   -19.304 12.645  1.00 11.84 ? 61  PHE A N   1 
ATOM   406  C CA  . PHE A 1 63  ? 3.299   -19.677 12.927  1.00 12.43 ? 61  PHE A CA  1 
ATOM   407  C C   . PHE A 1 63  ? 3.567   -19.455 14.422  1.00 12.42 ? 61  PHE A C   1 
ATOM   408  O O   . PHE A 1 63  ? 2.741   -18.873 15.127  1.00 12.76 ? 61  PHE A O   1 
ATOM   409  C CB  . PHE A 1 63  ? 4.299   -18.870 12.060  1.00 12.72 ? 61  PHE A CB  1 
ATOM   410  C CG  . PHE A 1 63  ? 4.078   -17.360 12.098  1.00 13.38 ? 61  PHE A CG  1 
ATOM   411  C CD1 . PHE A 1 63  ? 3.151   -16.758 11.245  1.00 13.96 ? 61  PHE A CD1 1 
ATOM   412  C CD2 . PHE A 1 63  ? 4.721   -16.566 13.068  1.00 12.72 ? 61  PHE A CD2 1 
ATOM   413  C CE1 . PHE A 1 63  ? 2.843   -15.403 11.349  1.00 13.83 ? 61  PHE A CE1 1 
ATOM   414  C CE2 . PHE A 1 63  ? 4.426   -15.201 13.197  1.00 13.69 ? 61  PHE A CE2 1 
ATOM   415  C CZ  . PHE A 1 63  ? 3.490   -14.606 12.348  1.00 14.00 ? 61  PHE A CZ  1 
ATOM   416  N N   . SER A 1 64  ? 4.719   -19.930 14.890  1.00 11.81 ? 62  SER A N   1 
ATOM   417  C CA  . SER A 1 64  ? 5.109   -19.801 16.288  1.00 12.28 ? 62  SER A CA  1 
ATOM   418  C C   . SER A 1 64  ? 6.014   -18.562 16.485  1.00 11.95 ? 62  SER A C   1 
ATOM   419  O O   . SER A 1 64  ? 6.694   -18.133 15.559  1.00 12.06 ? 62  SER A O   1 
ATOM   420  C CB  . SER A 1 64  ? 5.852   -21.075 16.700  1.00 13.67 ? 62  SER A CB  1 
ATOM   421  O OG  . SER A 1 64  ? 4.942   -22.151 16.819  1.00 15.18 ? 62  SER A OG  1 
ATOM   422  N N   . PHE A 1 65  ? 6.038   -18.031 17.705  1.00 11.81 ? 63  PHE A N   1 
ATOM   423  C CA  . PHE A 1 65  ? 6.820   -16.839 18.002  1.00 10.49 ? 63  PHE A CA  1 
ATOM   424  C C   . PHE A 1 65  ? 7.379   -16.913 19.433  1.00 10.44 ? 63  PHE A C   1 
ATOM   425  O O   . PHE A 1 65  ? 6.667   -17.233 20.376  1.00 10.80 ? 63  PHE A O   1 
ATOM   426  C CB  . PHE A 1 65  ? 5.908   -15.591 17.844  1.00 10.10 ? 63  PHE A CB  1 
ATOM   427  C CG  . PHE A 1 65  ? 6.636   -14.285 17.946  1.00 10.40 ? 63  PHE A CG  1 
ATOM   428  C CD1 . PHE A 1 65  ? 6.991   -13.586 16.810  1.00 10.19 ? 63  PHE A CD1 1 
ATOM   429  C CD2 . PHE A 1 65  ? 6.986   -13.762 19.202  1.00 10.74 ? 63  PHE A CD2 1 
ATOM   430  C CE1 . PHE A 1 65  ? 7.690   -12.364 16.901  1.00 10.74 ? 63  PHE A CE1 1 
ATOM   431  C CE2 . PHE A 1 65  ? 7.679   -12.552 19.306  1.00 9.81  ? 63  PHE A CE2 1 
ATOM   432  C CZ  . PHE A 1 65  ? 8.026   -11.856 18.159  1.00 10.59 ? 63  PHE A CZ  1 
ATOM   433  N N   . VAL A 1 66  A 8.665   -16.624 19.596  1.00 10.92 ? 63  VAL A N   1 
ATOM   434  C CA  . VAL A 1 66  A 9.263   -16.660 20.932  1.00 11.23 ? 63  VAL A CA  1 
ATOM   435  C C   . VAL A 1 66  A 9.219   -15.314 21.616  1.00 12.05 ? 63  VAL A C   1 
ATOM   436  O O   . VAL A 1 66  A 9.737   -14.341 21.069  1.00 12.04 ? 63  VAL A O   1 
ATOM   437  C CB  . VAL A 1 66  A 10.722  -17.096 20.889  1.00 11.98 ? 63  VAL A CB  1 
ATOM   438  C CG1 . VAL A 1 66  A 11.311  -16.992 22.347  1.00 10.28 ? 63  VAL A CG1 1 
ATOM   439  C CG2 . VAL A 1 66  A 10.791  -18.560 20.391  1.00 11.69 ? 63  VAL A CG2 1 
ATOM   440  N N   . VAL A 1 67  ? 8.589   -15.262 22.795  1.00 12.51 ? 64  VAL A N   1 
ATOM   441  C CA  . VAL A 1 67  ? 8.501   -14.024 23.554  1.00 13.31 ? 64  VAL A CA  1 
ATOM   442  C C   . VAL A 1 67  ? 9.614   -13.936 24.619  1.00 14.11 ? 64  VAL A C   1 
ATOM   443  O O   . VAL A 1 67  ? 10.125  -14.962 25.122  1.00 14.60 ? 64  VAL A O   1 
ATOM   444  C CB  . VAL A 1 67  ? 7.087   -13.840 24.222  1.00 13.44 ? 64  VAL A CB  1 
ATOM   445  C CG1 . VAL A 1 67  ? 6.010   -13.684 23.120  1.00 13.90 ? 64  VAL A CG1 1 
ATOM   446  C CG2 . VAL A 1 67  ? 6.748   -15.027 25.160  1.00 12.62 ? 64  VAL A CG2 1 
ATOM   447  N N   . ARG A 1 68  ? 9.988   -12.703 24.940  1.00 13.96 ? 65  ARG A N   1 
ATOM   448  C CA  . ARG A 1 68  ? 11.043  -12.413 25.903  1.00 15.22 ? 65  ARG A CA  1 
ATOM   449  C C   . ARG A 1 68  ? 10.493  -11.529 26.995  1.00 14.49 ? 65  ARG A C   1 
ATOM   450  O O   . ARG A 1 68  ? 9.816   -10.539 26.718  1.00 14.86 ? 65  ARG A O   1 
ATOM   451  C CB  . ARG A 1 68  ? 12.236  -11.737 25.192  1.00 15.77 ? 65  ARG A CB  1 
ATOM   452  C CG  . ARG A 1 68  ? 13.038  -12.651 24.233  1.00 18.10 ? 65  ARG A CG  1 
ATOM   453  C CD  . ARG A 1 68  ? 13.880  -13.678 25.026  1.00 21.55 ? 65  ARG A CD  1 
ATOM   454  N NE  . ARG A 1 68  ? 14.518  -12.930 26.118  1.00 24.80 ? 65  ARG A NE  1 
ATOM   455  C CZ  . ARG A 1 68  ? 15.686  -13.206 26.703  1.00 26.37 ? 65  ARG A CZ  1 
ATOM   456  N NH1 . ARG A 1 68  ? 16.420  -14.248 26.321  1.00 27.16 ? 65  ARG A NH1 1 
ATOM   457  N NH2 . ARG A 1 68  ? 16.109  -12.426 27.700  1.00 26.75 ? 65  ARG A NH2 1 
ATOM   458  N N   . LYS A 1 69  ? 10.747  -11.912 28.245  1.00 15.17 ? 66  LYS A N   1 
ATOM   459  C CA  . LYS A 1 69  ? 10.278  -11.146 29.416  1.00 15.59 ? 66  LYS A CA  1 
ATOM   460  C C   . LYS A 1 69  ? 11.012  -9.795  29.449  1.00 16.13 ? 66  LYS A C   1 
ATOM   461  O O   . LYS A 1 69  ? 10.449  -8.811  29.893  1.00 16.34 ? 66  LYS A O   1 
ATOM   462  C CB  . LYS A 1 69  ? 10.515  -11.953 30.705  1.00 17.32 ? 66  LYS A CB  1 
ATOM   463  C CG  . LYS A 1 69  ? 10.080  -11.252 32.008  1.00 19.67 ? 66  LYS A CG  1 
ATOM   464  C CD  . LYS A 1 69  ? 10.231  -12.199 33.200  1.00 21.84 ? 66  LYS A CD  1 
ATOM   465  C CE  . LYS A 1 69  ? 9.528   -11.648 34.429  1.00 22.97 ? 66  LYS A CE  1 
ATOM   466  N NZ  . LYS A 1 69  ? 9.106   -12.759 35.341  1.00 24.86 ? 66  LYS A NZ  1 
ATOM   467  N N   . SER A 1 70  ? 12.273  -9.777  29.002  1.00 15.31 ? 67  SER A N   1 
ATOM   468  C CA  . SER A 1 70  ? 13.041  -8.540  28.895  1.00 15.63 ? 67  SER A CA  1 
ATOM   469  C C   . SER A 1 70  ? 13.971  -8.711  27.700  1.00 15.41 ? 67  SER A C   1 
ATOM   470  O O   . SER A 1 70  ? 14.326  -9.841  27.329  1.00 15.45 ? 67  SER A O   1 
ATOM   471  C CB  . SER A 1 70  ? 13.866  -8.227  30.175  1.00 16.54 ? 67  SER A CB  1 
ATOM   472  O OG  . SER A 1 70  ? 14.784  -9.263  30.472  1.00 15.76 ? 67  SER A OG  1 
ATOM   473  N N   . TYR A 1 71  ? 14.369  -7.603  27.081  1.00 14.45 ? 68  TYR A N   1 
ATOM   474  C CA  . TYR A 1 71  ? 15.252  -7.689  25.942  1.00 13.87 ? 68  TYR A CA  1 
ATOM   475  C C   . TYR A 1 71  ? 15.870  -6.344  25.580  1.00 13.70 ? 68  TYR A C   1 
ATOM   476  O O   . TYR A 1 71  ? 15.376  -5.267  25.990  1.00 11.71 ? 68  TYR A O   1 
ATOM   477  C CB  . TYR A 1 71  ? 14.466  -8.176  24.706  1.00 13.29 ? 68  TYR A CB  1 
ATOM   478  C CG  . TYR A 1 71  ? 13.251  -7.307  24.345  1.00 12.72 ? 68  TYR A CG  1 
ATOM   479  C CD1 . TYR A 1 71  ? 13.371  -6.185  23.516  1.00 12.47 ? 68  TYR A CD1 1 
ATOM   480  C CD2 . TYR A 1 71  ? 11.981  -7.620  24.840  1.00 13.17 ? 68  TYR A CD2 1 
ATOM   481  C CE1 . TYR A 1 71  ? 12.244  -5.386  23.189  1.00 12.33 ? 68  TYR A CE1 1 
ATOM   482  C CE2 . TYR A 1 71  ? 10.846  -6.835  24.535  1.00 13.14 ? 68  TYR A CE2 1 
ATOM   483  C CZ  . TYR A 1 71  ? 10.981  -5.725  23.719  1.00 13.12 ? 68  TYR A CZ  1 
ATOM   484  O OH  . TYR A 1 71  ? 9.877   -4.939  23.492  1.00 13.63 ? 68  TYR A OH  1 
ATOM   485  N N   . THR A 1 72  ? 16.919  -6.412  24.762  1.00 13.79 ? 69  THR A N   1 
ATOM   486  C CA  . THR A 1 72  ? 17.543  -5.195  24.273  1.00 14.22 ? 69  THR A CA  1 
ATOM   487  C C   . THR A 1 72  ? 16.658  -4.827  23.095  1.00 14.46 ? 69  THR A C   1 
ATOM   488  O O   . THR A 1 72  ? 16.427  -5.642  22.193  1.00 14.97 ? 69  THR A O   1 
ATOM   489  C CB  . THR A 1 72  ? 19.022  -5.453  23.879  1.00 15.22 ? 69  THR A CB  1 
ATOM   490  O OG1 . THR A 1 72  ? 19.139  -6.696  23.174  1.00 15.11 ? 69  THR A OG1 1 
ATOM   491  C CG2 . THR A 1 72  ? 19.864  -5.514  25.137  1.00 15.81 ? 69  THR A CG2 1 
ATOM   492  N N   . GLY A 1 73  ? 16.141  -3.604  23.091  1.00 14.44 ? 70  GLY A N   1 
ATOM   493  C CA  . GLY A 1 73  ? 15.208  -3.214  22.050  1.00 13.89 ? 70  GLY A CA  1 
ATOM   494  C C   . GLY A 1 73  ? 15.648  -2.121  21.105  1.00 14.61 ? 70  GLY A C   1 
ATOM   495  O O   . GLY A 1 73  ? 16.554  -1.351  21.418  1.00 13.92 ? 70  GLY A O   1 
ATOM   496  N N   . SER A 1 74  ? 15.024  -2.106  19.927  1.00 15.02 ? 71  SER A N   1 
ATOM   497  C CA  . SER A 1 74  ? 15.321  -1.124  18.871  1.00 15.95 ? 71  SER A CA  1 
ATOM   498  C C   . SER A 1 74  ? 14.065  -0.529  18.228  1.00 16.47 ? 71  SER A C   1 
ATOM   499  O O   . SER A 1 74  ? 13.009  -1.158  18.215  1.00 15.89 ? 71  SER A O   1 
ATOM   500  C CB  . SER A 1 74  ? 16.148  -1.769  17.774  1.00 16.32 ? 71  SER A CB  1 
ATOM   501  O OG  . SER A 1 74  ? 17.443  -2.119  18.273  1.00 18.01 ? 71  SER A OG  1 
ATOM   502  N N   . THR A 1 75  ? 14.189  0.670   17.679  1.00 16.86 ? 72  THR A N   1 
ATOM   503  C CA  . THR A 1 75  ? 13.044  1.287   17.055  1.00 18.83 ? 72  THR A CA  1 
ATOM   504  C C   . THR A 1 75  ? 12.959  0.722   15.639  1.00 19.72 ? 72  THR A C   1 
ATOM   505  O O   . THR A 1 75  ? 13.826  -0.045  15.211  1.00 18.68 ? 72  THR A O   1 
ATOM   506  C CB  . THR A 1 75  ? 13.169  2.826   17.062  1.00 19.80 ? 72  THR A CB  1 
ATOM   507  O OG1 . THR A 1 75  ? 14.498  3.174   16.707  1.00 22.48 ? 72  THR A OG1 1 
ATOM   508  C CG2 . THR A 1 75  ? 12.887  3.405   18.457  1.00 20.04 ? 72  THR A CG2 1 
ATOM   509  N N   . PRO A 1 76  ? 11.879  1.052   14.915  1.00 21.09 ? 73  PRO A N   1 
ATOM   510  C CA  . PRO A 1 76  ? 11.697  0.553   13.544  1.00 21.98 ? 73  PRO A CA  1 
ATOM   511  C C   . PRO A 1 76  ? 12.876  0.742   12.608  1.00 22.14 ? 73  PRO A C   1 
ATOM   512  O O   . PRO A 1 76  ? 13.135  -0.137  11.791  1.00 23.04 ? 73  PRO A O   1 
ATOM   513  C CB  . PRO A 1 76  ? 10.440  1.297   13.069  1.00 21.77 ? 73  PRO A CB  1 
ATOM   514  C CG  . PRO A 1 76  ? 9.641   1.408   14.374  1.00 22.42 ? 73  PRO A CG  1 
ATOM   515  C CD  . PRO A 1 76  ? 10.730  1.881   15.330  1.00 21.68 ? 73  PRO A CD  1 
ATOM   516  N N   . GLU A 1 77  ? 13.606  1.858   12.706  1.00 22.61 ? 74  GLU A N   1 
ATOM   517  C CA  . GLU A 1 77  ? 14.735  2.048   11.802  1.00 22.51 ? 74  GLU A CA  1 
ATOM   518  C C   . GLU A 1 77  ? 15.996  1.322   12.233  1.00 21.30 ? 74  GLU A C   1 
ATOM   519  O O   . GLU A 1 77  ? 17.003  1.432   11.561  1.00 21.57 ? 74  GLU A O   1 
ATOM   520  C CB  . GLU A 1 77  ? 15.052  3.527   11.577  1.00 23.97 ? 74  GLU A CB  1 
ATOM   521  C CG  . GLU A 1 77  ? 15.959  4.167   12.606  1.00 26.42 ? 74  GLU A CG  1 
ATOM   522  C CD  . GLU A 1 77  ? 15.258  4.343   13.945  1.00 28.17 ? 74  GLU A CD  1 
ATOM   523  O OE1 . GLU A 1 77  ? 15.245  3.365   14.748  1.00 28.85 ? 74  GLU A OE1 1 
ATOM   524  O OE2 . GLU A 1 77  ? 14.703  5.451   14.178  1.00 28.89 ? 74  GLU A OE2 1 
ATOM   525  N N   . GLY A 1 78  ? 15.963  0.571   13.339  1.00 19.45 ? 75  GLY A N   1 
ATOM   526  C CA  . GLY A 1 78  ? 17.158  -0.158  13.754  1.00 17.48 ? 75  GLY A CA  1 
ATOM   527  C C   . GLY A 1 78  ? 17.978  0.478   14.868  1.00 16.64 ? 75  GLY A C   1 
ATOM   528  O O   . GLY A 1 78  ? 19.018  -0.027  15.271  1.00 16.25 ? 75  GLY A O   1 
ATOM   529  N N   . THR A 1 79  ? 17.480  1.575   15.417  1.00 15.11 ? 76  THR A N   1 
ATOM   530  C CA  . THR A 1 79  ? 18.219  2.261   16.465  1.00 14.19 ? 76  THR A CA  1 
ATOM   531  C C   . THR A 1 79  ? 18.019  1.608   17.831  1.00 13.85 ? 76  THR A C   1 
ATOM   532  O O   . THR A 1 79  ? 16.886  1.411   18.277  1.00 13.36 ? 76  THR A O   1 
ATOM   533  C CB  . THR A 1 79  ? 17.782  3.735   16.592  1.00 13.52 ? 76  THR A CB  1 
ATOM   534  O OG1 . THR A 1 79  ? 18.005  4.402   15.353  1.00 13.71 ? 76  THR A OG1 1 
ATOM   535  C CG2 . THR A 1 79  ? 18.587  4.450   17.717  1.00 12.94 ? 76  THR A CG2 1 
ATOM   536  N N   . PRO A 1 80  ? 19.117  1.260   18.510  1.00 13.42 ? 77  PRO A N   1 
ATOM   537  C CA  . PRO A 1 80  ? 18.967  0.644   19.836  1.00 13.03 ? 77  PRO A CA  1 
ATOM   538  C C   . PRO A 1 80  ? 18.597  1.694   20.873  1.00 12.79 ? 77  PRO A C   1 
ATOM   539  O O   . PRO A 1 80  ? 19.219  2.761   20.914  1.00 13.01 ? 77  PRO A O   1 
ATOM   540  C CB  . PRO A 1 80  ? 20.368  0.094   20.135  1.00 13.13 ? 77  PRO A CB  1 
ATOM   541  C CG  . PRO A 1 80  ? 21.246  1.061   19.425  1.00 13.80 ? 77  PRO A CG  1 
ATOM   542  C CD  . PRO A 1 80  ? 20.536  1.338   18.115  1.00 13.64 ? 77  PRO A CD  1 
ATOM   543  N N   . VAL A 1 81  ? 17.609  1.399   21.712  1.00 11.53 ? 78  VAL A N   1 
ATOM   544  C CA  . VAL A 1 81  ? 17.237  2.354   22.757  1.00 12.03 ? 78  VAL A CA  1 
ATOM   545  C C   . VAL A 1 81  ? 17.541  1.822   24.148  1.00 11.90 ? 78  VAL A C   1 
ATOM   546  O O   . VAL A 1 81  ? 17.069  2.373   25.168  1.00 12.69 ? 78  VAL A O   1 
ATOM   547  C CB  . VAL A 1 81  ? 15.728  2.740   22.665  1.00 12.06 ? 78  VAL A CB  1 
ATOM   548  C CG1 . VAL A 1 81  ? 15.467  3.480   21.375  1.00 12.01 ? 78  VAL A CG1 1 
ATOM   549  C CG2 . VAL A 1 81  ? 14.857  1.479   22.792  1.00 12.43 ? 78  VAL A CG2 1 
ATOM   550  N N   . GLY A 1 82  ? 18.320  0.744   24.214  1.00 11.80 ? 79  GLY A N   1 
ATOM   551  C CA  . GLY A 1 82  ? 18.640  0.168   25.518  1.00 12.36 ? 79  GLY A CA  1 
ATOM   552  C C   . GLY A 1 82  ? 17.839  -1.134  25.763  1.00 12.42 ? 79  GLY A C   1 
ATOM   553  O O   . GLY A 1 82  ? 17.643  -1.984  24.866  1.00 12.79 ? 79  GLY A O   1 
ATOM   554  N N   . SER A 1 83  ? 17.355  -1.302  26.971  1.00 12.19 ? 80  SER A N   1 
ATOM   555  C CA  . SER A 1 83  ? 16.592  -2.501  27.304  1.00 13.05 ? 80  SER A CA  1 
ATOM   556  C C   . SER A 1 83  ? 15.205  -2.194  27.851  1.00 13.22 ? 80  SER A C   1 
ATOM   557  O O   . SER A 1 83  ? 14.989  -1.157  28.492  1.00 11.74 ? 80  SER A O   1 
ATOM   558  C CB  . SER A 1 83  ? 17.353  -3.359  28.321  1.00 13.92 ? 80  SER A CB  1 
ATOM   559  O OG  . SER A 1 83  ? 17.986  -2.552  29.287  1.00 15.07 ? 80  SER A OG  1 
ATOM   560  N N   . VAL A 1 84  ? 14.302  -3.147  27.626  1.00 13.16 ? 81  VAL A N   1 
ATOM   561  C CA  . VAL A 1 84  ? 12.899  -3.055  28.055  1.00 14.28 ? 81  VAL A CA  1 
ATOM   562  C C   . VAL A 1 84  ? 12.591  -4.233  28.993  1.00 14.49 ? 81  VAL A C   1 
ATOM   563  O O   . VAL A 1 84  ? 13.064  -5.357  28.760  1.00 14.35 ? 81  VAL A O   1 
ATOM   564  C CB  . VAL A 1 84  ? 11.987  -3.156  26.799  1.00 15.22 ? 81  VAL A CB  1 
ATOM   565  C CG1 . VAL A 1 84  ? 10.510  -3.168  27.201  1.00 16.99 ? 81  VAL A CG1 1 
ATOM   566  C CG2 . VAL A 1 84  ? 12.306  -1.960  25.863  1.00 16.12 ? 81  VAL A CG2 1 
ATOM   567  N N   . ASP A 1 85  ? 11.843  -3.974  30.059  1.00 14.63 ? 82  ASP A N   1 
ATOM   568  C CA  . ASP A 1 85  ? 11.445  -5.036  30.996  1.00 15.18 ? 82  ASP A CA  1 
ATOM   569  C C   . ASP A 1 85  ? 9.897   -5.204  30.887  1.00 15.03 ? 82  ASP A C   1 
ATOM   570  O O   . ASP A 1 85  ? 9.126   -4.327  31.304  1.00 15.38 ? 82  ASP A O   1 
ATOM   571  C CB  . ASP A 1 85  ? 11.863  -4.628  32.408  1.00 16.52 ? 82  ASP A CB  1 
ATOM   572  C CG  . ASP A 1 85  ? 11.405  -5.600  33.490  1.00 18.69 ? 82  ASP A CG  1 
ATOM   573  O OD1 . ASP A 1 85  ? 11.513  -5.199  34.682  1.00 19.71 ? 82  ASP A OD1 1 
ATOM   574  O OD2 . ASP A 1 85  ? 10.928  -6.718  33.184  1.00 19.11 ? 82  ASP A OD2 1 
ATOM   575  N N   . CYS A 1 86  ? 9.438   -6.322  30.326  1.00 15.30 ? 83  CYS A N   1 
ATOM   576  C CA  . CYS A 1 86  ? 7.989   -6.507  30.183  1.00 15.66 ? 83  CYS A CA  1 
ATOM   577  C C   . CYS A 1 86  ? 7.242   -6.796  31.486  1.00 16.29 ? 83  CYS A C   1 
ATOM   578  O O   . CYS A 1 86  ? 6.016   -6.908  31.478  1.00 15.51 ? 83  CYS A O   1 
ATOM   579  C CB  . CYS A 1 86  ? 7.677   -7.567  29.117  1.00 15.64 ? 83  CYS A CB  1 
ATOM   580  S SG  . CYS A 1 86  ? 8.232   -7.084  27.439  1.00 15.90 ? 83  CYS A SG  1 
ATOM   581  N N   . ALA A 1 87  ? 7.971   -6.900  32.602  1.00 16.86 ? 84  ALA A N   1 
ATOM   582  C CA  . ALA A 1 87  ? 7.316   -7.118  33.893  1.00 18.16 ? 84  ALA A CA  1 
ATOM   583  C C   . ALA A 1 87  ? 6.712   -5.787  34.306  1.00 18.77 ? 84  ALA A C   1 
ATOM   584  O O   . ALA A 1 87  ? 5.780   -5.763  35.114  1.00 19.38 ? 84  ALA A O   1 
ATOM   585  C CB  . ALA A 1 87  ? 8.317   -7.601  34.975  1.00 18.09 ? 84  ALA A CB  1 
ATOM   586  N N   . THR A 1 88  ? 7.219   -4.688  33.731  1.00 18.84 ? 85  THR A N   1 
ATOM   587  C CA  . THR A 1 88  ? 6.713   -3.353  34.039  1.00 19.47 ? 85  THR A CA  1 
ATOM   588  C C   . THR A 1 88  ? 6.264   -2.562  32.823  1.00 19.34 ? 85  THR A C   1 
ATOM   589  O O   . THR A 1 88  ? 5.271   -1.841  32.900  1.00 20.39 ? 85  THR A O   1 
ATOM   590  C CB  . THR A 1 88  ? 7.755   -2.517  34.850  1.00 19.98 ? 85  THR A CB  1 
ATOM   591  O OG1 . THR A 1 88  ? 8.933   -2.346  34.070  1.00 20.43 ? 85  THR A OG1 1 
ATOM   592  C CG2 . THR A 1 88  ? 8.127   -3.243  36.153  1.00 19.72 ? 85  THR A CG2 1 
ATOM   593  N N   . ALA A 1 89  ? 6.971   -2.687  31.701  1.00 19.20 ? 86  ALA A N   1 
ATOM   594  C CA  . ALA A 1 89  ? 6.610   -1.997  30.458  1.00 19.21 ? 86  ALA A CA  1 
ATOM   595  C C   . ALA A 1 89  ? 5.428   -2.776  29.858  1.00 18.98 ? 86  ALA A C   1 
ATOM   596  O O   . ALA A 1 89  ? 5.323   -3.981  30.074  1.00 18.53 ? 86  ALA A O   1 
ATOM   597  C CB  . ALA A 1 89  ? 7.793   -2.010  29.478  1.00 18.85 ? 86  ALA A CB  1 
ATOM   598  N N   . ALA A 1 90  ? 4.559   -2.082  29.125  1.00 19.12 ? 87  ALA A N   1 
ATOM   599  C CA  . ALA A 1 90  ? 3.375   -2.706  28.503  1.00 19.45 ? 87  ALA A CA  1 
ATOM   600  C C   . ALA A 1 90  ? 3.724   -3.340  27.159  1.00 18.71 ? 87  ALA A C   1 
ATOM   601  O O   . ALA A 1 90  ? 3.555   -2.732  26.115  1.00 20.58 ? 87  ALA A O   1 
ATOM   602  C CB  . ALA A 1 90  ? 2.277   -1.654  28.311  1.00 20.42 ? 87  ALA A CB  1 
ATOM   603  N N   . CYS A 1 91  ? 4.209   -4.570  27.171  1.00 16.77 ? 88  CYS A N   1 
ATOM   604  C CA  . CYS A 1 91  ? 4.576   -5.202  25.919  1.00 14.76 ? 88  CYS A CA  1 
ATOM   605  C C   . CYS A 1 91  ? 3.385   -5.869  25.260  1.00 14.69 ? 88  CYS A C   1 
ATOM   606  O O   . CYS A 1 91  ? 2.457   -6.307  25.932  1.00 14.06 ? 88  CYS A O   1 
ATOM   607  C CB  . CYS A 1 91  ? 5.654   -6.232  26.168  1.00 14.58 ? 88  CYS A CB  1 
ATOM   608  S SG  . CYS A 1 91  ? 7.125   -5.457  26.955  1.00 15.89 ? 88  CYS A SG  1 
ATOM   609  N N   . ASN A 1 92  ? 3.433   -5.914  23.931  1.00 14.08 ? 89  ASN A N   1 
ATOM   610  C CA  . ASN A 1 92  ? 2.410   -6.542  23.122  1.00 14.29 ? 89  ASN A CA  1 
ATOM   611  C C   . ASN A 1 92  ? 3.096   -7.163  21.905  1.00 14.09 ? 89  ASN A C   1 
ATOM   612  O O   . ASN A 1 92  ? 4.286   -6.907  21.630  1.00 12.99 ? 89  ASN A O   1 
ATOM   613  C CB  . ASN A 1 92  ? 1.387   -5.503  22.650  1.00 15.88 ? 89  ASN A CB  1 
ATOM   614  C CG  . ASN A 1 92  ? 1.999   -4.416  21.795  1.00 17.52 ? 89  ASN A CG  1 
ATOM   615  O OD1 . ASN A 1 92  ? 2.059   -4.544  20.557  1.00 20.68 ? 89  ASN A OD1 1 
ATOM   616  N ND2 . ASN A 1 92  ? 2.450   -3.310  22.442  1.00 18.76 ? 89  ASN A ND2 1 
ATOM   617  N N   . LEU A 1 93  ? 2.345   -8.026  21.225  1.00 13.41 ? 90  LEU A N   1 
ATOM   618  C CA  . LEU A 1 93  ? 2.807   -8.638  20.000  1.00 13.55 ? 90  LEU A CA  1 
ATOM   619  C C   . LEU A 1 93  ? 1.891   -7.940  18.987  1.00 13.93 ? 90  LEU A C   1 
ATOM   620  O O   . LEU A 1 93  ? 0.654   -7.902  19.172  1.00 13.81 ? 90  LEU A O   1 
ATOM   621  C CB  . LEU A 1 93  ? 2.595   -10.168 20.067  1.00 14.44 ? 90  LEU A CB  1 
ATOM   622  C CG  . LEU A 1 93  ? 3.310   -11.033 19.011  1.00 14.69 ? 90  LEU A CG  1 
ATOM   623  C CD1 . LEU A 1 93  ? 4.739   -10.554 18.876  1.00 14.93 ? 90  LEU A CD1 1 
ATOM   624  C CD2 . LEU A 1 93  ? 3.297   -12.517 19.365  1.00 14.33 ? 90  LEU A CD2 1 
ATOM   625  N N   . GLY A 1 94  ? 2.471   -7.326  17.955  1.00 13.72 ? 91  GLY A N   1 
ATOM   626  C CA  . GLY A 1 94  ? 1.657   -6.643  16.958  1.00 13.34 ? 91  GLY A CA  1 
ATOM   627  C C   . GLY A 1 94  ? 2.032   -7.027  15.523  1.00 14.01 ? 91  GLY A C   1 
ATOM   628  O O   . GLY A 1 94  ? 3.185   -7.324  15.242  1.00 14.49 ? 91  GLY A O   1 
ATOM   629  N N   . ALA A 1 95  ? 1.054   -7.052  14.632  1.00 13.77 ? 92  ALA A N   1 
ATOM   630  C CA  . ALA A 1 95  ? 1.307   -7.389  13.226  1.00 13.32 ? 92  ALA A CA  1 
ATOM   631  C C   . ALA A 1 95  ? 0.694   -6.382  12.256  1.00 13.56 ? 92  ALA A C   1 
ATOM   632  O O   . ALA A 1 95  ? -0.243  -5.666  12.588  1.00 13.30 ? 92  ALA A O   1 
ATOM   633  C CB  . ALA A 1 95  ? 0.758   -8.770  12.939  1.00 12.44 ? 92  ALA A CB  1 
ATOM   634  N N   . GLY A 1 96  ? 1.197   -6.350  11.024  1.00 14.09 ? 93  GLY A N   1 
ATOM   635  C CA  . GLY A 1 96  ? 0.626   -5.445  10.046  1.00 14.88 ? 93  GLY A CA  1 
ATOM   636  C C   . GLY A 1 96  ? 1.583   -5.138  8.916   1.00 15.45 ? 93  GLY A C   1 
ATOM   637  O O   . GLY A 1 96  ? 2.666   -5.728  8.868   1.00 16.37 ? 93  GLY A O   1 
ATOM   638  N N   . ASN A 1 97  ? 1.162   -4.268  8.004   1.00 15.91 ? 94  ASN A N   1 
ATOM   639  C CA  . ASN A 1 97  ? 1.994   -3.786  6.893   1.00 16.99 ? 94  ASN A CA  1 
ATOM   640  C C   . ASN A 1 97  ? 1.462   -2.412  6.503   1.00 17.96 ? 94  ASN A C   1 
ATOM   641  O O   . ASN A 1 97  ? 0.576   -1.885  7.185   1.00 17.87 ? 94  ASN A O   1 
ATOM   642  C CB  . ASN A 1 97  ? 2.053   -4.744  5.672   1.00 16.49 ? 94  ASN A CB  1 
ATOM   643  C CG  . ASN A 1 97  ? 0.719   -4.927  4.925   1.00 17.09 ? 94  ASN A CG  1 
ATOM   644  O OD1 . ASN A 1 97  ? -0.206  -4.104  4.997   1.00 16.52 ? 94  ASN A OD1 1 
ATOM   645  N ND2 . ASN A 1 97  ? 0.643   -6.024  4.140   1.00 16.69 ? 94  ASN A ND2 1 
ATOM   646  N N   . SER A 1 98  ? 2.014   -1.821  5.442   1.00 18.82 ? 95  SER A N   1 
ATOM   647  C CA  . SER A 1 98  ? 1.580   -0.491  4.972   1.00 20.28 ? 95  SER A CA  1 
ATOM   648  C C   . SER A 1 98  ? 0.097   -0.342  4.718   1.00 19.78 ? 95  SER A C   1 
ATOM   649  O O   . SER A 1 98  ? -0.460  0.737   4.896   1.00 21.07 ? 95  SER A O   1 
ATOM   650  C CB  . SER A 1 98  ? 2.280   -0.130  3.665   1.00 20.98 ? 95  SER A CB  1 
ATOM   651  O OG  . SER A 1 98  ? 3.500   0.499   3.950   1.00 23.70 ? 95  SER A OG  1 
ATOM   652  N N   . GLY A 1 99  ? -0.551  -1.414  4.295   1.00 19.37 ? 96  GLY A N   1 
ATOM   653  C CA  . GLY A 1 99  ? -1.958  -1.311  3.979   1.00 17.83 ? 96  GLY A CA  1 
ATOM   654  C C   . GLY A 1 99  ? -2.927  -1.608  5.096   1.00 17.54 ? 96  GLY A C   1 
ATOM   655  O O   . GLY A 1 99  ? -4.079  -1.204  5.036   1.00 16.94 ? 96  GLY A O   1 
ATOM   656  N N   . LEU A 1 100 ? -2.478  -2.311  6.129   1.00 17.30 ? 97  LEU A N   1 
ATOM   657  C CA  . LEU A 1 100 ? -3.396  -2.680  7.180   1.00 16.26 ? 97  LEU A CA  1 
ATOM   658  C C   . LEU A 1 100 ? -2.648  -3.075  8.457   1.00 15.74 ? 97  LEU A C   1 
ATOM   659  O O   . LEU A 1 100 ? -1.664  -3.810  8.422   1.00 15.35 ? 97  LEU A O   1 
ATOM   660  C CB  . LEU A 1 100 ? -4.237  -3.858  6.678   1.00 17.33 ? 97  LEU A CB  1 
ATOM   661  C CG  . LEU A 1 100 ? -5.090  -4.752  7.579   1.00 17.76 ? 97  LEU A CG  1 
ATOM   662  C CD1 . LEU A 1 100 ? -6.357  -4.020  8.054   1.00 19.14 ? 97  LEU A CD1 1 
ATOM   663  C CD2 . LEU A 1 100 ? -5.470  -5.998  6.767   1.00 19.34 ? 97  LEU A CD2 1 
ATOM   664  N N   . ASP A 1 101 ? -3.120  -2.554  9.576   1.00 14.43 ? 98  ASP A N   1 
ATOM   665  C CA  . ASP A 1 101 ? -2.530  -2.890  10.856  1.00 14.04 ? 98  ASP A CA  1 
ATOM   666  C C   . ASP A 1 101 ? -3.412  -3.980  11.418  1.00 12.71 ? 98  ASP A C   1 
ATOM   667  O O   . ASP A 1 101 ? -4.604  -3.747  11.712  1.00 12.32 ? 98  ASP A O   1 
ATOM   668  C CB  . ASP A 1 101 ? -2.574  -1.696  11.792  1.00 14.98 ? 98  ASP A CB  1 
ATOM   669  C CG  . ASP A 1 101 ? -1.800  -1.951  13.040  1.00 17.10 ? 98  ASP A CG  1 
ATOM   670  O OD1 . ASP A 1 101 ? -1.811  -3.120  13.522  1.00 19.32 ? 98  ASP A OD1 1 
ATOM   671  O OD2 . ASP A 1 101 ? -1.167  -1.005  13.553  1.00 18.85 ? 98  ASP A OD2 1 
ATOM   672  N N   . LEU A 1 102 ? -2.841  -5.152  11.643  1.00 11.54 ? 99  LEU A N   1 
ATOM   673  C CA  . LEU A 1 102 ? -3.619  -6.262  12.153  1.00 11.47 ? 99  LEU A CA  1 
ATOM   674  C C   . LEU A 1 102 ? -3.960  -6.212  13.636  1.00 11.90 ? 99  LEU A C   1 
ATOM   675  O O   . LEU A 1 102 ? -4.802  -6.978  14.107  1.00 12.70 ? 99  LEU A O   1 
ATOM   676  C CB  . LEU A 1 102 ? -2.944  -7.582  11.807  1.00 11.64 ? 99  LEU A CB  1 
ATOM   677  C CG  . LEU A 1 102 ? -2.743  -7.757  10.290  1.00 12.62 ? 99  LEU A CG  1 
ATOM   678  C CD1 . LEU A 1 102 ? -1.988  -9.039  10.006  1.00 12.01 ? 99  LEU A CD1 1 
ATOM   679  C CD2 . LEU A 1 102 ? -4.077  -7.811  9.563   1.00 12.21 ? 99  LEU A CD2 1 
ATOM   680  N N   . GLY A 1 103 ? -3.322  -5.333  14.376  1.00 11.51 ? 100 GLY A N   1 
ATOM   681  C CA  . GLY A 1 103 ? -3.677  -5.219  15.788  1.00 11.15 ? 100 GLY A CA  1 
ATOM   682  C C   . GLY A 1 103 ? -2.574  -5.469  16.789  1.00 10.55 ? 100 GLY A C   1 
ATOM   683  O O   . GLY A 1 103 ? -1.417  -5.797  16.443  1.00 9.29  ? 100 GLY A O   1 
ATOM   684  N N   . HIS A 1 104 ? -2.959  -5.341  18.049  1.00 9.79  ? 101 HIS A N   1 
ATOM   685  C CA  . HIS A 1 104 ? -2.047  -5.534  19.165  1.00 10.42 ? 101 HIS A CA  1 
ATOM   686  C C   . HIS A 1 104 ? -2.677  -6.497  20.154  1.00 9.95  ? 101 HIS A C   1 
ATOM   687  O O   . HIS A 1 104 ? -3.884  -6.436  20.410  1.00 11.00 ? 101 HIS A O   1 
ATOM   688  C CB  . HIS A 1 104 ? -1.812  -4.221  19.916  1.00 9.32  ? 101 HIS A CB  1 
ATOM   689  C CG  . HIS A 1 104 ? -1.285  -3.107  19.061  1.00 11.66 ? 101 HIS A CG  1 
ATOM   690  N ND1 . HIS A 1 104 ? 0.059   -2.922  18.810  1.00 11.70 ? 101 HIS A ND1 1 
ATOM   691  C CD2 . HIS A 1 104 ? -1.934  -2.136  18.373  1.00 12.60 ? 101 HIS A CD2 1 
ATOM   692  C CE1 . HIS A 1 104 ? 0.213   -1.882  18.007  1.00 12.82 ? 101 HIS A CE1 1 
ATOM   693  N NE2 . HIS A 1 104 ? -0.983  -1.384  17.731  1.00 12.93 ? 101 HIS A NE2 1 
ATOM   694  N N   . VAL A 1 105 ? -1.868  -7.387  20.697  1.00 9.84  ? 102 VAL A N   1 
ATOM   695  C CA  . VAL A 1 105 ? -2.339  -8.282  21.752  1.00 9.19  ? 102 VAL A CA  1 
ATOM   696  C C   . VAL A 1 105 ? -1.369  -8.103  22.939  1.00 9.60  ? 102 VAL A C   1 
ATOM   697  O O   . VAL A 1 105 ? -0.154  -8.327  22.816  1.00 9.41  ? 102 VAL A O   1 
ATOM   698  C CB  . VAL A 1 105 ? -2.389  -9.766  21.343  1.00 7.88  ? 102 VAL A CB  1 
ATOM   699  C CG1 . VAL A 1 105 ? -2.853  -10.596 22.565  1.00 8.13  ? 102 VAL A CG1 1 
ATOM   700  C CG2 . VAL A 1 105 ? -3.321  -9.985  20.166  1.00 7.92  ? 102 VAL A CG2 1 
ATOM   701  N N   . ALA A 1 106 ? -1.899  -7.687  24.081  1.00 9.57  ? 103 ALA A N   1 
ATOM   702  C CA  . ALA A 1 106 ? -1.051  -7.447  25.254  1.00 10.48 ? 103 ALA A CA  1 
ATOM   703  C C   . ALA A 1 106 ? -0.500  -8.743  25.823  1.00 10.78 ? 103 ALA A C   1 
ATOM   704  O O   . ALA A 1 106 ? -1.200  -9.758  25.849  1.00 11.55 ? 103 ALA A O   1 
ATOM   705  C CB  . ALA A 1 106 ? -1.848  -6.722  26.319  1.00 10.78 ? 103 ALA A CB  1 
ATOM   706  N N   . LEU A 1 107 ? 0.748   -8.693  26.287  1.00 11.52 ? 104 LEU A N   1 
ATOM   707  C CA  . LEU A 1 107 ? 1.443   -9.829  26.892  1.00 11.05 ? 104 LEU A CA  1 
ATOM   708  C C   . LEU A 1 107 ? 1.670   -9.590  28.381  1.00 12.10 ? 104 LEU A C   1 
ATOM   709  O O   . LEU A 1 107 ? 1.972   -8.473  28.786  1.00 11.52 ? 104 LEU A O   1 
ATOM   710  C CB  . LEU A 1 107 ? 2.808   -10.000 26.249  1.00 10.70 ? 104 LEU A CB  1 
ATOM   711  C CG  . LEU A 1 107 ? 2.809   -10.052 24.724  1.00 11.16 ? 104 LEU A CG  1 
ATOM   712  C CD1 . LEU A 1 107 ? 4.248   -10.091 24.209  1.00 10.96 ? 104 LEU A CD1 1 
ATOM   713  C CD2 . LEU A 1 107 ? 2.001   -11.281 24.277  1.00 10.77 ? 104 LEU A CD2 1 
ATOM   714  N N   . THR A 1 108 ? 1.512   -10.640 29.185  1.00 12.77 ? 105 THR A N   1 
ATOM   715  C CA  . THR A 1 108 ? 1.710   -10.553 30.644  1.00 14.24 ? 105 THR A CA  1 
ATOM   716  C C   . THR A 1 108 ? 2.592   -11.745 31.069  1.00 13.58 ? 105 THR A C   1 
ATOM   717  O O   . THR A 1 108 ? 2.309   -12.896 30.738  1.00 13.66 ? 105 THR A O   1 
ATOM   718  C CB  . THR A 1 108 ? 0.369   -10.615 31.446  1.00 15.34 ? 105 THR A CB  1 
ATOM   719  O OG1 . THR A 1 108 ? -0.467  -9.506  31.080  1.00 15.92 ? 105 THR A OG1 1 
ATOM   720  C CG2 . THR A 1 108 ? 0.653   -10.487 32.994  1.00 15.46 ? 105 THR A CG2 1 
ATOM   721  N N   . PHE A 1 109 ? 3.639   -11.455 31.831  1.00 13.54 ? 106 PHE A N   1 
ATOM   722  C CA  . PHE A 1 109 ? 4.568   -12.470 32.276  1.00 13.63 ? 106 PHE A CA  1 
ATOM   723  C C   . PHE A 1 109 ? 4.366   -12.807 33.747  1.00 14.88 ? 106 PHE A C   1 
ATOM   724  O O   . PHE A 1 109 ? 4.407   -14.027 34.084  1.00 16.30 ? 106 PHE A O   1 
ATOM   725  C CB  . PHE A 1 109 ? 5.999   -11.981 31.996  1.00 13.39 ? 106 PHE A CB  1 
ATOM   726  C CG  . PHE A 1 109 ? 6.336   -11.917 30.514  1.00 13.29 ? 106 PHE A CG  1 
ATOM   727  C CD1 . PHE A 1 109 ? 7.042   -12.956 29.903  1.00 12.55 ? 106 PHE A CD1 1 
ATOM   728  C CD2 . PHE A 1 109 ? 5.933   -10.839 29.736  1.00 12.74 ? 106 PHE A CD2 1 
ATOM   729  C CE1 . PHE A 1 109 ? 7.329   -12.923 28.548  1.00 12.91 ? 106 PHE A CE1 1 
ATOM   730  C CE2 . PHE A 1 109 ? 6.222   -10.798 28.375  1.00 11.90 ? 106 PHE A CE2 1 
ATOM   731  C CZ  . PHE A 1 109 ? 6.917   -11.841 27.782  1.00 12.65 ? 106 PHE A CZ  1 
ATOM   732  N N   . ALA B 1 1   ? -5.818  -9.094  -13.417 1.00 28.80 ? 1   ALA B N   1 
ATOM   733  C CA  . ALA B 1 1   ? -7.133  -9.312  -12.746 1.00 28.34 ? 1   ALA B CA  1 
ATOM   734  C C   . ALA B 1 1   ? -8.022  -8.074  -12.871 1.00 27.51 ? 1   ALA B C   1 
ATOM   735  O O   . ALA B 1 1   ? -9.262  -8.186  -13.005 1.00 28.05 ? 1   ALA B O   1 
ATOM   736  C CB  . ALA B 1 1   ? -6.923  -9.664  -11.270 1.00 29.22 ? 1   ALA B CB  1 
ATOM   737  N N   . PRO B 1 2   ? -7.418  -6.870  -12.790 1.00 26.20 ? 2   PRO B N   1 
ATOM   738  C CA  . PRO B 1 2   ? -8.240  -5.662  -12.917 1.00 24.23 ? 2   PRO B CA  1 
ATOM   739  C C   . PRO B 1 2   ? -8.296  -5.276  -14.379 1.00 22.07 ? 2   PRO B C   1 
ATOM   740  O O   . PRO B 1 2   ? -7.330  -5.484  -15.114 1.00 22.13 ? 2   PRO B O   1 
ATOM   741  C CB  . PRO B 1 2   ? -7.478  -4.642  -12.087 1.00 24.51 ? 2   PRO B CB  1 
ATOM   742  C CG  . PRO B 1 2   ? -6.080  -5.024  -12.341 1.00 26.09 ? 2   PRO B CG  1 
ATOM   743  C CD  . PRO B 1 2   ? -6.098  -6.528  -12.227 1.00 25.83 ? 2   PRO B CD  1 
ATOM   744  N N   . ALA B 1 3   ? -9.428  -4.723  -14.798 1.00 19.03 ? 3   ALA B N   1 
ATOM   745  C CA  . ALA B 1 3   ? -9.622  -4.294  -16.177 1.00 16.89 ? 3   ALA B CA  1 
ATOM   746  C C   . ALA B 1 3   ? -9.619  -2.756  -16.206 1.00 14.99 ? 3   ALA B C   1 
ATOM   747  O O   . ALA B 1 3   ? -10.139 -2.122  -15.304 1.00 14.49 ? 3   ALA B O   1 
ATOM   748  C CB  . ALA B 1 3   ? -10.959 -4.820  -16.696 1.00 15.64 ? 3   ALA B CB  1 
ATOM   749  N N   . PHE B 1 4   ? -9.042  -2.174  -17.251 1.00 13.90 ? 4   PHE B N   1 
ATOM   750  C CA  . PHE B 1 4   ? -8.961  -0.718  -17.384 1.00 11.84 ? 4   PHE B CA  1 
ATOM   751  C C   . PHE B 1 4   ? -9.188  -0.376  -18.866 1.00 10.37 ? 4   PHE B C   1 
ATOM   752  O O   . PHE B 1 4   ? -8.487  -0.896  -19.732 1.00 9.67  ? 4   PHE B O   1 
ATOM   753  C CB  . PHE B 1 4   ? -7.569  -0.261  -16.889 1.00 11.56 ? 4   PHE B CB  1 
ATOM   754  C CG  . PHE B 1 4   ? -7.232  1.189   -17.187 1.00 11.21 ? 4   PHE B CG  1 
ATOM   755  C CD1 . PHE B 1 4   ? -8.088  2.224   -16.804 1.00 11.46 ? 4   PHE B CD1 1 
ATOM   756  C CD2 . PHE B 1 4   ? -6.051  1.509   -17.839 1.00 10.88 ? 4   PHE B CD2 1 
ATOM   757  C CE1 . PHE B 1 4   ? -7.771  3.582   -17.072 1.00 12.18 ? 4   PHE B CE1 1 
ATOM   758  C CE2 . PHE B 1 4   ? -5.708  2.864   -18.119 1.00 11.48 ? 4   PHE B CE2 1 
ATOM   759  C CZ  . PHE B 1 4   ? -6.578  3.895   -17.730 1.00 11.99 ? 4   PHE B CZ  1 
ATOM   760  N N   . SER B 1 5   ? -10.223 0.416   -19.164 1.00 9.71  ? 5   SER B N   1 
ATOM   761  C CA  . SER B 1 5   ? -10.481 0.799   -20.556 1.00 9.70  ? 5   SER B CA  1 
ATOM   762  C C   . SER B 1 5   ? -10.552 2.308   -20.693 1.00 9.21  ? 5   SER B C   1 
ATOM   763  O O   . SER B 1 5   ? -10.937 3.025   -19.732 1.00 8.68  ? 5   SER B O   1 
ATOM   764  C CB  . SER B 1 5   ? -11.804 0.209   -21.071 1.00 9.73  ? 5   SER B CB  1 
ATOM   765  O OG  . SER B 1 5   ? -12.898 0.673   -20.276 1.00 12.47 ? 5   SER B OG  1 
ATOM   766  N N   . VAL B 1 6   ? -10.159 2.775   -21.871 1.00 8.89  ? 6   VAL B N   1 
ATOM   767  C CA  . VAL B 1 6   ? -10.221 4.200   -22.231 1.00 10.57 ? 6   VAL B CA  1 
ATOM   768  C C   . VAL B 1 6   ? -10.760 4.205   -23.651 1.00 10.55 ? 6   VAL B C   1 
ATOM   769  O O   . VAL B 1 6   ? -10.097 3.678   -24.553 1.00 10.54 ? 6   VAL B O   1 
ATOM   770  C CB  . VAL B 1 6   ? -8.847  4.870   -22.220 1.00 11.12 ? 6   VAL B CB  1 
ATOM   771  C CG1 . VAL B 1 6   ? -9.001  6.324   -22.728 1.00 12.19 ? 6   VAL B CG1 1 
ATOM   772  C CG2 . VAL B 1 6   ? -8.262  4.843   -20.777 1.00 11.11 ? 6   VAL B CG2 1 
ATOM   773  N N   . SER B 1 7   ? -11.942 4.812   -23.857 1.00 10.13 ? 7   SER B N   1 
ATOM   774  C CA  . SER B 1 7   ? -12.580 4.812   -25.193 1.00 10.78 ? 7   SER B CA  1 
ATOM   775  C C   . SER B 1 7   ? -13.359 6.108   -25.456 1.00 11.07 ? 7   SER B C   1 
ATOM   776  O O   . SER B 1 7   ? -14.092 6.567   -24.590 1.00 10.96 ? 7   SER B O   1 
ATOM   777  C CB  . SER B 1 7   ? -13.542 3.609   -25.290 1.00 10.33 ? 7   SER B CB  1 
ATOM   778  O OG  . SER B 1 7   ? -14.121 3.500   -26.590 1.00 10.49 ? 7   SER B OG  1 
ATOM   779  N N   . PRO B 1 8   ? -13.188 6.712   -26.652 1.00 12.36 ? 8   PRO B N   1 
ATOM   780  C CA  . PRO B 1 8   ? -12.303 6.212   -27.727 1.00 11.97 ? 8   PRO B CA  1 
ATOM   781  C C   . PRO B 1 8   ? -10.813 6.454   -27.399 1.00 12.34 ? 8   PRO B C   1 
ATOM   782  O O   . PRO B 1 8   ? -10.519 7.217   -26.514 1.00 12.04 ? 8   PRO B O   1 
ATOM   783  C CB  . PRO B 1 8   ? -12.743 7.011   -28.958 1.00 12.60 ? 8   PRO B CB  1 
ATOM   784  C CG  . PRO B 1 8   ? -13.240 8.274   -28.395 1.00 12.32 ? 8   PRO B CG  1 
ATOM   785  C CD  . PRO B 1 8   ? -13.981 7.871   -27.114 1.00 12.00 ? 8   PRO B CD  1 
ATOM   786  N N   . ALA B 1 9   ? -9.897  5.795   -28.109 1.00 13.02 ? 9   ALA B N   1 
ATOM   787  C CA  . ALA B 1 9   ? -8.462  5.992   -27.865 1.00 13.46 ? 9   ALA B CA  1 
ATOM   788  C C   . ALA B 1 9   ? -7.691  6.463   -29.124 1.00 13.95 ? 9   ALA B C   1 
ATOM   789  O O   . ALA B 1 9   ? -6.463  6.667   -29.059 1.00 13.26 ? 9   ALA B O   1 
ATOM   790  C CB  . ALA B 1 9   ? -7.830  4.706   -27.338 1.00 14.68 ? 9   ALA B CB  1 
ATOM   791  N N   . SER B 1 10  ? -8.411  6.591   -30.249 1.00 14.24 ? 10  SER B N   1 
ATOM   792  C CA  . SER B 1 10  ? -7.847  7.021   -31.533 1.00 14.99 ? 10  SER B CA  1 
ATOM   793  C C   . SER B 1 10  ? -8.767  7.999   -32.232 1.00 15.47 ? 10  SER B C   1 
ATOM   794  O O   . SER B 1 10  ? -9.928  8.209   -31.811 1.00 14.85 ? 10  SER B O   1 
ATOM   795  C CB  . SER B 1 10  ? -7.566  5.829   -32.460 1.00 15.23 ? 10  SER B CB  1 
ATOM   796  O OG  . SER B 1 10  ? -8.763  5.217   -32.903 1.00 16.58 ? 10  SER B OG  1 
ATOM   797  N N   . GLY B 1 11  ? -8.247  8.609   -33.298 1.00 16.20 ? 11  GLY B N   1 
ATOM   798  C CA  . GLY B 1 11  ? -8.980  9.624   -34.043 1.00 16.85 ? 11  GLY B CA  1 
ATOM   799  C C   . GLY B 1 11  ? -9.444  10.724  -33.096 1.00 17.15 ? 11  GLY B C   1 
ATOM   800  O O   . GLY B 1 11  ? -10.513 11.327  -33.268 1.00 16.96 ? 11  GLY B O   1 
ATOM   801  N N   . LEU B 1 12  ? -8.641  11.001  -32.073 1.00 16.96 ? 12  LEU B N   1 
ATOM   802  C CA  . LEU B 1 12  ? -9.000  12.019  -31.077 1.00 17.17 ? 12  LEU B CA  1 
ATOM   803  C C   . LEU B 1 12  ? -8.715  13.478  -31.458 1.00 17.17 ? 12  LEU B C   1 
ATOM   804  O O   . LEU B 1 12  ? -7.786  13.774  -32.214 1.00 18.10 ? 12  LEU B O   1 
ATOM   805  C CB  . LEU B 1 12  ? -8.273  11.724  -29.755 1.00 16.21 ? 12  LEU B CB  1 
ATOM   806  C CG  . LEU B 1 12  ? -8.514  10.326  -29.150 1.00 15.84 ? 12  LEU B CG  1 
ATOM   807  C CD1 . LEU B 1 12  ? -7.423  10.077  -28.128 1.00 15.25 ? 12  LEU B CD1 1 
ATOM   808  C CD2 . LEU B 1 12  ? -9.886  10.209  -28.509 1.00 15.37 ? 12  LEU B CD2 1 
ATOM   809  N N   . SER B 1 13  ? -9.523  14.371  -30.908 1.00 17.92 ? 13  SER B N   1 
ATOM   810  C CA  . SER B 1 13  ? -9.384  15.808  -31.101 1.00 18.96 ? 13  SER B CA  1 
ATOM   811  C C   . SER B 1 13  ? -9.011  16.430  -29.766 1.00 18.42 ? 13  SER B C   1 
ATOM   812  O O   . SER B 1 13  ? -9.339  15.900  -28.720 1.00 17.95 ? 13  SER B O   1 
ATOM   813  C CB  . SER B 1 13  ? -10.710 16.416  -31.558 1.00 19.58 ? 13  SER B CB  1 
ATOM   814  O OG  . SER B 1 13  ? -11.044 15.919  -32.843 1.00 23.03 ? 13  SER B OG  1 
ATOM   815  N N   . ASP B 1 14  ? -8.316  17.568  -29.815 1.00 18.60 ? 14  ASP B N   1 
ATOM   816  C CA  . ASP B 1 14  ? -7.935  18.300  -28.618 1.00 18.20 ? 14  ASP B CA  1 
ATOM   817  C C   . ASP B 1 14  ? -9.208  18.680  -27.863 1.00 17.79 ? 14  ASP B C   1 
ATOM   818  O O   . ASP B 1 14  ? -10.172 19.145  -28.471 1.00 17.90 ? 14  ASP B O   1 
ATOM   819  C CB  . ASP B 1 14  ? -7.169  19.573  -29.027 1.00 19.30 ? 14  ASP B CB  1 
ATOM   820  C CG  . ASP B 1 14  ? -6.692  20.343  -27.838 1.00 19.92 ? 14  ASP B CG  1 
ATOM   821  O OD1 . ASP B 1 14  ? -5.972  19.725  -27.032 1.00 19.94 ? 14  ASP B OD1 1 
ATOM   822  O OD2 . ASP B 1 14  ? -7.060  21.542  -27.686 1.00 21.30 ? 14  ASP B OD2 1 
ATOM   823  N N   . GLY B 1 15  ? -9.233  18.450  -26.553 1.00 16.82 ? 15  GLY B N   1 
ATOM   824  C CA  . GLY B 1 15  ? -10.405 18.773  -25.746 1.00 15.39 ? 15  GLY B CA  1 
ATOM   825  C C   . GLY B 1 15  ? -11.540 17.762  -25.800 1.00 15.14 ? 15  GLY B C   1 
ATOM   826  O O   . GLY B 1 15  ? -12.609 17.989  -25.235 1.00 14.82 ? 15  GLY B O   1 
ATOM   827  N N   . GLN B 1 16  ? -11.322 16.649  -26.485 1.00 14.14 ? 16  GLN B N   1 
ATOM   828  C CA  . GLN B 1 16  ? -12.362 15.633  -26.599 1.00 14.33 ? 16  GLN B CA  1 
ATOM   829  C C   . GLN B 1 16  ? -12.505 14.897  -25.257 1.00 13.61 ? 16  GLN B C   1 
ATOM   830  O O   . GLN B 1 16  ? -11.496 14.651  -24.595 1.00 12.00 ? 16  GLN B O   1 
ATOM   831  C CB  . GLN B 1 16  ? -12.002 14.636  -27.710 1.00 14.22 ? 16  GLN B CB  1 
ATOM   832  C CG  . GLN B 1 16  ? -12.989 13.490  -27.885 1.00 15.29 ? 16  GLN B CG  1 
ATOM   833  C CD  . GLN B 1 16  ? -12.844 12.762  -29.233 1.00 16.10 ? 16  GLN B CD  1 
ATOM   834  O OE1 . GLN B 1 16  ? -11.953 13.045  -30.025 1.00 15.13 ? 16  GLN B OE1 1 
ATOM   835  N NE2 . GLN B 1 16  ? -13.739 11.808  -29.483 1.00 16.37 ? 16  GLN B NE2 1 
ATOM   836  N N   . SER B 1 17  ? -13.750 14.570  -24.881 1.00 12.88 ? 17  SER B N   1 
ATOM   837  C CA  . SER B 1 17  ? -14.021 13.820  -23.657 1.00 13.76 ? 17  SER B CA  1 
ATOM   838  C C   . SER B 1 17  ? -14.097 12.319  -24.010 1.00 13.47 ? 17  SER B C   1 
ATOM   839  O O   . SER B 1 17  ? -14.732 11.936  -25.008 1.00 13.79 ? 17  SER B O   1 
ATOM   840  C CB  . SER B 1 17  ? -15.355 14.266  -23.035 1.00 14.52 ? 17  SER B CB  1 
ATOM   841  O OG  . SER B 1 17  ? -15.603 13.545  -21.842 1.00 15.64 ? 17  SER B OG  1 
ATOM   842  N N   . VAL B 1 18  ? -13.462 11.468  -23.191 1.00 12.88 ? 18  VAL B N   1 
ATOM   843  C CA  . VAL B 1 18  ? -13.460 10.023  -23.440 1.00 12.62 ? 18  VAL B CA  1 
ATOM   844  C C   . VAL B 1 18  ? -13.924 9.315   -22.167 1.00 12.77 ? 18  VAL B C   1 
ATOM   845  O O   . VAL B 1 18  ? -13.962 9.916   -21.080 1.00 11.40 ? 18  VAL B O   1 
ATOM   846  C CB  . VAL B 1 18  ? -12.015 9.514   -23.862 1.00 12.58 ? 18  VAL B CB  1 
ATOM   847  C CG1 . VAL B 1 18  ? -11.491 10.346  -25.040 1.00 12.30 ? 18  VAL B CG1 1 
ATOM   848  C CG2 . VAL B 1 18  ? -11.050 9.629   -22.697 1.00 12.25 ? 18  VAL B CG2 1 
ATOM   849  N N   . SER B 1 19  ? -14.320 8.046   -22.283 1.00 13.23 ? 19  SER B N   1 
ATOM   850  C CA  . SER B 1 19  ? -14.777 7.332   -21.086 1.00 13.59 ? 19  SER B CA  1 
ATOM   851  C C   . SER B 1 19  ? -13.705 6.446   -20.457 1.00 12.88 ? 19  SER B C   1 
ATOM   852  O O   . SER B 1 19  ? -12.997 5.723   -21.164 1.00 11.91 ? 19  SER B O   1 
ATOM   853  C CB  . SER B 1 19  ? -16.010 6.454   -21.386 1.00 15.97 ? 19  SER B CB  1 
ATOM   854  O OG  . SER B 1 19  ? -16.889 7.070   -22.327 1.00 20.39 ? 19  SER B OG  1 
ATOM   855  N N   . VAL B 1 20  ? -13.585 6.521   -19.131 1.00 12.61 ? 20  VAL B N   1 
ATOM   856  C CA  . VAL B 1 20  ? -12.643 5.666   -18.412 1.00 13.13 ? 20  VAL B CA  1 
ATOM   857  C C   . VAL B 1 20  ? -13.450 4.654   -17.589 1.00 12.58 ? 20  VAL B C   1 
ATOM   858  O O   . VAL B 1 20  ? -14.414 5.014   -16.936 1.00 12.07 ? 20  VAL B O   1 
ATOM   859  C CB  . VAL B 1 20  ? -11.738 6.452   -17.413 1.00 13.02 ? 20  VAL B CB  1 
ATOM   860  C CG1 . VAL B 1 20  ? -10.795 5.483   -16.715 1.00 13.61 ? 20  VAL B CG1 1 
ATOM   861  C CG2 . VAL B 1 20  ? -10.941 7.518   -18.133 1.00 13.76 ? 20  VAL B CG2 1 
ATOM   862  N N   . SER B 1 21  ? -13.068 3.385   -17.663 1.00 13.29 ? 21  SER B N   1 
ATOM   863  C CA  . SER B 1 21  ? -13.729 2.354   -16.880 1.00 13.86 ? 21  SER B CA  1 
ATOM   864  C C   . SER B 1 21  ? -12.716 1.442   -16.221 1.00 14.36 ? 21  SER B C   1 
ATOM   865  O O   . SER B 1 21  ? -11.784 0.953   -16.871 1.00 13.13 ? 21  SER B O   1 
ATOM   866  C CB  . SER B 1 21  ? -14.665 1.465   -17.733 1.00 15.82 ? 21  SER B CB  1 
ATOM   867  O OG  . SER B 1 21  ? -15.789 2.185   -18.150 1.00 18.54 ? 21  SER B OG  1 
ATOM   868  N N   . VAL B 1 22  ? -12.937 1.191   -14.933 1.00 12.70 ? 22  VAL B N   1 
ATOM   869  C CA  . VAL B 1 22  ? -12.100 0.318   -14.165 1.00 13.59 ? 22  VAL B CA  1 
ATOM   870  C C   . VAL B 1 22  ? -12.973 -0.774  -13.534 1.00 13.66 ? 22  VAL B C   1 
ATOM   871  O O   . VAL B 1 22  ? -14.079 -0.496  -13.089 1.00 13.72 ? 22  VAL B O   1 
ATOM   872  C CB  . VAL B 1 22  ? -11.424 1.100   -13.057 1.00 12.87 ? 22  VAL B CB  1 
ATOM   873  C CG1 . VAL B 1 22  ? -10.721 0.167   -12.131 1.00 13.32 ? 22  VAL B CG1 1 
ATOM   874  C CG2 . VAL B 1 22  ? -10.466 2.122   -13.663 1.00 13.68 ? 22  VAL B CG2 1 
ATOM   875  N N   . SER B 1 23  ? -12.485 -2.008  -13.490 1.00 14.45 ? 23  SER B N   1 
ATOM   876  C CA  . SER B 1 23  ? -13.264 -3.068  -12.851 1.00 16.01 ? 23  SER B CA  1 
ATOM   877  C C   . SER B 1 23  ? -12.305 -4.081  -12.253 1.00 16.43 ? 23  SER B C   1 
ATOM   878  O O   . SER B 1 23  ? -11.217 -4.303  -12.786 1.00 16.03 ? 23  SER B O   1 
ATOM   879  C CB  . SER B 1 23  ? -14.184 -3.781  -13.863 1.00 17.20 ? 23  SER B CB  1 
ATOM   880  O OG  . SER B 1 23  ? -15.102 -4.658  -13.194 1.00 19.70 ? 23  SER B OG  1 
ATOM   881  N N   . GLY B 1 24  ? -12.692 -4.685  -11.137 1.00 16.54 ? 24  GLY B N   1 
ATOM   882  C CA  . GLY B 1 24  ? -11.814 -5.680  -10.556 1.00 17.41 ? 24  GLY B CA  1 
ATOM   883  C C   . GLY B 1 24  ? -10.571 -5.146  -9.869  1.00 17.46 ? 24  GLY B C   1 
ATOM   884  O O   . GLY B 1 24  ? -9.609  -5.897  -9.690  1.00 18.09 ? 24  GLY B O   1 
ATOM   885  N N   . ALA B 1 25  ? -10.576 -3.859  -9.506  1.00 17.05 ? 25  ALA B N   1 
ATOM   886  C CA  . ALA B 1 25  ? -9.450  -3.272  -8.768  1.00 17.17 ? 25  ALA B CA  1 
ATOM   887  C C   . ALA B 1 25  ? -9.706  -3.510  -7.265  1.00 16.92 ? 25  ALA B C   1 
ATOM   888  O O   . ALA B 1 25  ? -10.670 -4.182  -6.867  1.00 16.57 ? 25  ALA B O   1 
ATOM   889  C CB  . ALA B 1 25  ? -9.340  -1.764  -9.056  1.00 16.27 ? 25  ALA B CB  1 
ATOM   890  N N   . ALA B 1 26  ? -8.850  -2.974  -6.417  1.00 16.67 ? 26  ALA B N   1 
ATOM   891  C CA  . ALA B 1 26  ? -9.084  -3.161  -4.995  1.00 16.73 ? 26  ALA B CA  1 
ATOM   892  C C   . ALA B 1 26  ? -10.464 -2.553  -4.684  1.00 16.95 ? 26  ALA B C   1 
ATOM   893  O O   . ALA B 1 26  ? -10.821 -1.495  -5.220  1.00 16.91 ? 26  ALA B O   1 
ATOM   894  C CB  . ALA B 1 26  ? -7.981  -2.455  -4.209  1.00 16.55 ? 26  ALA B CB  1 
ATOM   895  N N   . ALA B 1 27  A -11.263 -3.221  -3.857  1.00 16.25 ? 26  ALA B N   1 
ATOM   896  C CA  . ALA B 1 27  A -12.569 -2.653  -3.525  1.00 16.14 ? 26  ALA B CA  1 
ATOM   897  C C   . ALA B 1 27  A -12.437 -1.457  -2.585  1.00 15.83 ? 26  ALA B C   1 
ATOM   898  O O   . ALA B 1 27  A -11.624 -1.450  -1.653  1.00 15.15 ? 26  ALA B O   1 
ATOM   899  C CB  . ALA B 1 27  A -13.482 -3.701  -2.865  1.00 16.87 ? 26  ALA B CB  1 
ATOM   900  N N   . GLY B 1 28  B -13.275 -0.452  -2.824  1.00 15.84 ? 26  GLY B N   1 
ATOM   901  C CA  . GLY B 1 28  B -13.279 0.706   -1.957  1.00 15.61 ? 26  GLY B CA  1 
ATOM   902  C C   . GLY B 1 28  B -11.942 1.379   -1.729  1.00 15.81 ? 26  GLY B C   1 
ATOM   903  O O   . GLY B 1 28  B -11.619 1.700   -0.588  1.00 16.10 ? 26  GLY B O   1 
ATOM   904  N N   . GLU B 1 29  ? -11.182 1.635   -2.792  1.00 15.01 ? 27  GLU B N   1 
ATOM   905  C CA  . GLU B 1 29  ? -9.885  2.333   -2.644  1.00 15.07 ? 27  GLU B CA  1 
ATOM   906  C C   . GLU B 1 29  ? -9.837  3.570   -3.552  1.00 14.91 ? 27  GLU B C   1 
ATOM   907  O O   . GLU B 1 29  ? -10.701 3.760   -4.405  1.00 13.95 ? 27  GLU B O   1 
ATOM   908  C CB  . GLU B 1 29  ? -8.708  1.410   -3.018  1.00 15.73 ? 27  GLU B CB  1 
ATOM   909  C CG  . GLU B 1 29  ? -8.143  0.631   -1.832  1.00 18.37 ? 27  GLU B CG  1 
ATOM   910  C CD  . GLU B 1 29  ? -6.752  -0.023  -2.068  1.00 19.36 ? 27  GLU B CD  1 
ATOM   911  O OE1 . GLU B 1 29  ? -6.426  -0.968  -1.296  1.00 21.00 ? 27  GLU B OE1 1 
ATOM   912  O OE2 . GLU B 1 29  ? -5.986  0.402   -2.975  1.00 19.82 ? 27  GLU B OE2 1 
ATOM   913  N N   . THR B 1 30  ? -8.836  4.409   -3.332  1.00 13.73 ? 28  THR B N   1 
ATOM   914  C CA  . THR B 1 30  ? -8.628  5.606   -4.141  1.00 13.80 ? 28  THR B CA  1 
ATOM   915  C C   . THR B 1 30  ? -7.516  5.317   -5.147  1.00 13.64 ? 28  THR B C   1 
ATOM   916  O O   . THR B 1 30  ? -6.457  4.772   -4.800  1.00 13.04 ? 28  THR B O   1 
ATOM   917  C CB  . THR B 1 30  ? -8.155  6.808   -3.318  1.00 13.98 ? 28  THR B CB  1 
ATOM   918  O OG1 . THR B 1 30  ? -9.235  7.340   -2.561  1.00 13.49 ? 28  THR B OG1 1 
ATOM   919  C CG2 . THR B 1 30  ? -7.644  7.904   -4.228  1.00 14.22 ? 28  THR B CG2 1 
ATOM   920  N N   . TYR B 1 31  ? -7.778  5.652   -6.406  1.00 13.03 ? 29  TYR B N   1 
ATOM   921  C CA  . TYR B 1 31  ? -6.773  5.484   -7.462  1.00 12.11 ? 29  TYR B CA  1 
ATOM   922  C C   . TYR B 1 31  ? -6.562  6.844   -8.104  1.00 12.46 ? 29  TYR B C   1 
ATOM   923  O O   . TYR B 1 31  ? -7.376  7.776   -7.909  1.00 11.13 ? 29  TYR B O   1 
ATOM   924  C CB  . TYR B 1 31  ? -7.285  4.495   -8.516  1.00 12.58 ? 29  TYR B CB  1 
ATOM   925  C CG  . TYR B 1 31  ? -7.183  3.066   -8.069  1.00 12.71 ? 29  TYR B CG  1 
ATOM   926  C CD1 . TYR B 1 31  ? -6.003  2.348   -8.256  1.00 13.39 ? 29  TYR B CD1 1 
ATOM   927  C CD2 . TYR B 1 31  ? -8.252  2.429   -7.436  1.00 13.85 ? 29  TYR B CD2 1 
ATOM   928  C CE1 . TYR B 1 31  ? -5.904  1.030   -7.827  1.00 13.92 ? 29  TYR B CE1 1 
ATOM   929  C CE2 . TYR B 1 31  ? -8.153  1.085   -6.998  1.00 12.89 ? 29  TYR B CE2 1 
ATOM   930  C CZ  . TYR B 1 31  ? -6.976  0.410   -7.206  1.00 13.44 ? 29  TYR B CZ  1 
ATOM   931  O OH  . TYR B 1 31  ? -6.854  -0.904  -6.814  1.00 14.09 ? 29  TYR B OH  1 
ATOM   932  N N   . TYR B 1 32  ? -5.494  6.948   -8.897  1.00 12.19 ? 30  TYR B N   1 
ATOM   933  C CA  . TYR B 1 32  ? -5.185  8.194   -9.582  1.00 12.13 ? 30  TYR B CA  1 
ATOM   934  C C   . TYR B 1 32  ? -5.117  7.965   -11.090 1.00 12.58 ? 30  TYR B C   1 
ATOM   935  O O   . TYR B 1 32  ? -4.802  6.865   -11.547 1.00 13.17 ? 30  TYR B O   1 
ATOM   936  C CB  . TYR B 1 32  ? -3.875  8.759   -9.074  1.00 12.52 ? 30  TYR B CB  1 
ATOM   937  C CG  . TYR B 1 32  ? -3.906  8.913   -7.589  1.00 13.81 ? 30  TYR B CG  1 
ATOM   938  C CD1 . TYR B 1 32  ? -3.580  7.850   -6.739  1.00 14.76 ? 30  TYR B CD1 1 
ATOM   939  C CD2 . TYR B 1 32  ? -4.340  10.097  -7.022  1.00 14.71 ? 30  TYR B CD2 1 
ATOM   940  C CE1 . TYR B 1 32  ? -3.694  7.986   -5.323  1.00 15.94 ? 30  TYR B CE1 1 
ATOM   941  C CE2 . TYR B 1 32  ? -4.462  10.244  -5.639  1.00 16.25 ? 30  TYR B CE2 1 
ATOM   942  C CZ  . TYR B 1 32  ? -4.139  9.185   -4.793  1.00 16.35 ? 30  TYR B CZ  1 
ATOM   943  O OH  . TYR B 1 32  ? -4.285  9.366   -3.418  1.00 17.41 ? 30  TYR B OH  1 
ATOM   944  N N   . ILE B 1 33  ? -5.429  9.009   -11.854 1.00 12.32 ? 31  ILE B N   1 
ATOM   945  C CA  . ILE B 1 33  ? -5.412  8.924   -13.293 1.00 12.39 ? 31  ILE B CA  1 
ATOM   946  C C   . ILE B 1 33  ? -4.906  10.202  -13.953 1.00 12.47 ? 31  ILE B C   1 
ATOM   947  O O   . ILE B 1 33  ? -5.205  11.311  -13.514 1.00 12.04 ? 31  ILE B O   1 
ATOM   948  C CB  . ILE B 1 33  ? -6.839  8.606   -13.831 1.00 12.99 ? 31  ILE B CB  1 
ATOM   949  C CG1 . ILE B 1 33  ? -6.844  8.548   -15.359 1.00 13.81 ? 31  ILE B CG1 1 
ATOM   950  C CG2 . ILE B 1 33  ? -7.835  9.684   -13.377 1.00 12.71 ? 31  ILE B CG2 1 
ATOM   951  C CD1 . ILE B 1 33  ? -8.046  7.864   -15.886 1.00 15.13 ? 31  ILE B CD1 1 
ATOM   952  N N   . ALA B 1 34  ? -4.161  10.042  -15.040 1.00 11.53 ? 32  ALA B N   1 
ATOM   953  C CA  . ALA B 1 34  ? -3.668  11.207  -15.754 1.00 10.59 ? 32  ALA B CA  1 
ATOM   954  C C   . ALA B 1 34  ? -3.245  10.859  -17.168 1.00 10.54 ? 32  ALA B C   1 
ATOM   955  O O   . ALA B 1 34  ? -2.946  9.693   -17.464 1.00 9.52  ? 32  ALA B O   1 
ATOM   956  C CB  . ALA B 1 34  ? -2.463  11.821  -14.995 1.00 11.59 ? 32  ALA B CB  1 
ATOM   957  N N   . GLN B 1 35  ? -3.222  11.893  -18.025 1.00 10.61 ? 33  GLN B N   1 
ATOM   958  C CA  . GLN B 1 35  ? -2.742  11.804  -19.405 1.00 10.38 ? 33  GLN B CA  1 
ATOM   959  C C   . GLN B 1 35  ? -1.234  12.159  -19.318 1.00 10.68 ? 33  GLN B C   1 
ATOM   960  O O   . GLN B 1 35  ? -0.864  13.253  -18.920 1.00 11.06 ? 33  GLN B O   1 
ATOM   961  C CB  . GLN B 1 35  ? -3.416  12.834  -20.318 1.00 10.27 ? 33  GLN B CB  1 
ATOM   962  C CG  . GLN B 1 35  ? -2.848  12.800  -21.766 1.00 10.35 ? 33  GLN B CG  1 
ATOM   963  C CD  . GLN B 1 35  ? -3.517  13.773  -22.731 1.00 11.66 ? 33  GLN B CD  1 
ATOM   964  O OE1 . GLN B 1 35  ? -4.480  14.491  -22.366 1.00 12.33 ? 33  GLN B OE1 1 
ATOM   965  N NE2 . GLN B 1 35  ? -3.029  13.789  -23.998 1.00 10.79 ? 33  GLN B NE2 1 
ATOM   966  N N   . CYS B 1 36  ? -0.375  11.243  -19.711 1.00 10.92 ? 34  CYS B N   1 
ATOM   967  C CA  . CYS B 1 36  ? 1.049   11.511  -19.641 1.00 12.22 ? 34  CYS B CA  1 
ATOM   968  C C   . CYS B 1 36  ? 1.821   11.094  -20.900 1.00 12.83 ? 34  CYS B C   1 
ATOM   969  O O   . CYS B 1 36  ? 1.362   10.278  -21.690 1.00 12.97 ? 34  CYS B O   1 
ATOM   970  C CB  . CYS B 1 36  ? 1.636   10.715  -18.502 1.00 13.21 ? 34  CYS B CB  1 
ATOM   971  S SG  . CYS B 1 36  ? 0.767   10.865  -16.923 1.00 13.47 ? 34  CYS B SG  1 
ATOM   972  N N   . ALA B 1 37  ? 3.013   11.661  -21.057 1.00 13.16 ? 35  ALA B N   1 
ATOM   973  C CA  . ALA B 1 37  ? 3.915   11.297  -22.160 1.00 15.19 ? 35  ALA B CA  1 
ATOM   974  C C   . ALA B 1 37  ? 5.280   11.024  -21.480 1.00 16.56 ? 35  ALA B C   1 
ATOM   975  O O   . ALA B 1 37  ? 5.708   11.776  -20.619 1.00 15.07 ? 35  ALA B O   1 
ATOM   976  C CB  . ALA B 1 37  ? 4.020   12.452  -23.138 1.00 14.94 ? 35  ALA B CB  1 
ATOM   977  N N   . PRO B 1 38  ? 5.972   9.926   -21.843 1.00 18.17 ? 36  PRO B N   1 
ATOM   978  C CA  . PRO B 1 38  ? 7.263   9.698   -21.172 1.00 19.30 ? 36  PRO B CA  1 
ATOM   979  C C   . PRO B 1 38  ? 8.279   10.659  -21.776 1.00 20.37 ? 36  PRO B C   1 
ATOM   980  O O   . PRO B 1 38  ? 8.391   10.725  -22.999 1.00 20.71 ? 36  PRO B O   1 
ATOM   981  C CB  . PRO B 1 38  ? 7.570   8.254   -21.531 1.00 19.52 ? 36  PRO B CB  1 
ATOM   982  C CG  . PRO B 1 38  ? 7.090   8.213   -22.989 1.00 18.60 ? 36  PRO B CG  1 
ATOM   983  C CD  . PRO B 1 38  ? 5.741   8.949   -22.923 1.00 19.01 ? 36  PRO B CD  1 
ATOM   984  N N   . VAL B 1 39  ? 9.029   11.411  -20.978 1.00 21.99 ? 37  VAL B N   1 
ATOM   985  C CA  . VAL B 1 39  ? 9.966   12.334  -21.651 1.00 23.37 ? 37  VAL B CA  1 
ATOM   986  C C   . VAL B 1 39  ? 11.372  12.559  -21.187 1.00 24.65 ? 37  VAL B C   1 
ATOM   987  O O   . VAL B 1 39  ? 11.960  13.591  -21.570 1.00 26.01 ? 37  VAL B O   1 
ATOM   988  C CB  . VAL B 1 39  ? 9.398   13.767  -21.824 1.00 23.84 ? 37  VAL B CB  1 
ATOM   989  C CG1 . VAL B 1 39  ? 8.579   13.863  -23.092 1.00 23.39 ? 37  VAL B CG1 1 
ATOM   990  C CG2 . VAL B 1 39  ? 8.603   14.160  -20.640 1.00 24.07 ? 37  VAL B CG2 1 
ATOM   991  N N   . GLY B 1 40  ? 11.920  11.625  -20.422 1.00 24.47 ? 38  GLY B N   1 
ATOM   992  C CA  . GLY B 1 40  ? 13.286  11.715  -19.915 1.00 24.17 ? 38  GLY B CA  1 
ATOM   993  C C   . GLY B 1 40  ? 13.413  10.809  -18.686 1.00 23.65 ? 38  GLY B C   1 
ATOM   994  O O   . GLY B 1 40  ? 14.193  11.057  -17.765 1.00 24.06 ? 38  GLY B O   1 
ATOM   995  N N   . GLY B 1 41  ? 12.627  9.749   -18.661 1.00 22.91 ? 39  GLY B N   1 
ATOM   996  C CA  . GLY B 1 41  ? 12.707  8.844   -17.529 1.00 22.46 ? 39  GLY B CA  1 
ATOM   997  C C   . GLY B 1 41  ? 11.487  8.959   -16.662 1.00 22.20 ? 39  GLY B C   1 
ATOM   998  O O   . GLY B 1 41  ? 11.158  8.043   -15.926 1.00 22.76 ? 39  GLY B O   1 
ATOM   999  N N   . GLN B 1 42  ? 10.825  10.102  -16.729 1.00 21.72 ? 40  GLN B N   1 
ATOM   1000 C CA  . GLN B 1 42  ? 9.591   10.298  -15.989 1.00 22.23 ? 40  GLN B CA  1 
ATOM   1001 C C   . GLN B 1 42  ? 8.480   10.716  -16.932 1.00 21.20 ? 40  GLN B C   1 
ATOM   1002 O O   . GLN B 1 42  ? 8.739   11.120  -18.040 1.00 20.51 ? 40  GLN B O   1 
ATOM   1003 C CB  . GLN B 1 42  ? 9.761   11.371  -14.946 1.00 23.19 ? 40  GLN B CB  1 
ATOM   1004 C CG  . GLN B 1 42  ? 10.632  10.928  -13.819 1.00 26.04 ? 40  GLN B CG  1 
ATOM   1005 C CD  . GLN B 1 42  ? 10.669  11.983  -12.770 1.00 26.39 ? 40  GLN B CD  1 
ATOM   1006 O OE1 . GLN B 1 42  ? 11.209  13.068  -12.999 1.00 28.08 ? 40  GLN B OE1 1 
ATOM   1007 N NE2 . GLN B 1 42  ? 10.070  11.702  -11.627 1.00 27.16 ? 40  GLN B NE2 1 
ATOM   1008 N N   . ASP B 1 43  ? 7.238   10.598  -16.485 1.00 20.93 ? 41  ASP B N   1 
ATOM   1009 C CA  . ASP B 1 43  ? 6.132   11.007  -17.328 1.00 20.87 ? 41  ASP B CA  1 
ATOM   1010 C C   . ASP B 1 43  ? 5.867   12.495  -17.138 1.00 19.28 ? 41  ASP B C   1 
ATOM   1011 O O   . ASP B 1 43  ? 5.967   13.011  -16.030 1.00 20.02 ? 41  ASP B O   1 
ATOM   1012 C CB  . ASP B 1 43  ? 4.815   10.331  -16.946 1.00 22.18 ? 41  ASP B CB  1 
ATOM   1013 C CG  . ASP B 1 43  ? 4.849   8.834   -17.027 1.00 23.76 ? 41  ASP B CG  1 
ATOM   1014 O OD1 . ASP B 1 43  ? 5.232   8.262   -18.103 1.00 24.60 ? 41  ASP B OD1 1 
ATOM   1015 O OD2 . ASP B 1 43  ? 4.437   8.251   -15.987 1.00 24.31 ? 41  ASP B OD2 1 
ATOM   1016 N N   . ALA B 1 44  ? 5.509   13.166  -18.220 1.00 17.80 ? 42  ALA B N   1 
ATOM   1017 C CA  . ALA B 1 44  ? 5.115   14.571  -18.156 1.00 15.70 ? 42  ALA B CA  1 
ATOM   1018 C C   . ALA B 1 44  ? 3.595   14.406  -18.324 1.00 15.10 ? 42  ALA B C   1 
ATOM   1019 O O   . ALA B 1 44  ? 3.107   13.985  -19.389 1.00 13.94 ? 42  ALA B O   1 
ATOM   1020 C CB  . ALA B 1 44  ? 5.648   15.344  -19.286 1.00 15.61 ? 42  ALA B CB  1 
ATOM   1021 N N   . CYS B 1 45  ? 2.856   14.726  -17.274 1.00 14.28 ? 43  CYS B N   1 
ATOM   1022 C CA  . CYS B 1 45  ? 1.394   14.604  -17.321 1.00 13.80 ? 43  CYS B CA  1 
ATOM   1023 C C   . CYS B 1 45  ? 0.706   15.969  -17.371 1.00 13.58 ? 43  CYS B C   1 
ATOM   1024 O O   . CYS B 1 45  ? 1.328   16.988  -17.049 1.00 13.11 ? 43  CYS B O   1 
ATOM   1025 C CB  . CYS B 1 45  ? 0.942   13.815  -16.108 1.00 14.20 ? 43  CYS B CB  1 
ATOM   1026 S SG  . CYS B 1 45  ? 1.865   12.248  -15.917 1.00 15.39 ? 43  CYS B SG  1 
ATOM   1027 N N   . ASN B 1 46  ? -0.555  16.003  -17.809 1.00 12.41 ? 44  ASN B N   1 
ATOM   1028 C CA  . ASN B 1 46  ? -1.273  17.288  -17.847 1.00 12.64 ? 44  ASN B CA  1 
ATOM   1029 C C   . ASN B 1 46  ? -1.798  17.550  -16.420 1.00 12.78 ? 44  ASN B C   1 
ATOM   1030 O O   . ASN B 1 46  ? -2.688  16.865  -15.947 1.00 12.80 ? 44  ASN B O   1 
ATOM   1031 C CB  . ASN B 1 46  ? -2.445  17.231  -18.835 1.00 12.95 ? 44  ASN B CB  1 
ATOM   1032 C CG  . ASN B 1 46  ? -3.235  18.530  -18.860 1.00 13.37 ? 44  ASN B CG  1 
ATOM   1033 O OD1 . ASN B 1 46  ? -2.898  19.458  -18.165 1.00 12.62 ? 44  ASN B OD1 1 
ATOM   1034 N ND2 . ASN B 1 46  ? -4.292  18.591  -19.677 1.00 14.58 ? 44  ASN B ND2 1 
ATOM   1035 N N   . PRO B 1 47  ? -1.275  18.578  -15.734 1.00 12.63 ? 45  PRO B N   1 
ATOM   1036 C CA  . PRO B 1 47  ? -1.745  18.820  -14.377 1.00 12.95 ? 45  PRO B CA  1 
ATOM   1037 C C   . PRO B 1 47  ? -3.167  19.320  -14.211 1.00 12.31 ? 45  PRO B C   1 
ATOM   1038 O O   . PRO B 1 47  ? -3.709  19.210  -13.108 1.00 12.39 ? 45  PRO B O   1 
ATOM   1039 C CB  . PRO B 1 47  ? -0.695  19.789  -13.801 1.00 13.15 ? 45  PRO B CB  1 
ATOM   1040 C CG  . PRO B 1 47  ? -0.282  20.571  -15.008 1.00 13.53 ? 45  PRO B CG  1 
ATOM   1041 C CD  . PRO B 1 47  ? -0.202  19.519  -16.106 1.00 13.61 ? 45  PRO B CD  1 
ATOM   1042 N N   . ALA B 1 48  ? -3.760  19.834  -15.282 1.00 11.87 ? 46  ALA B N   1 
ATOM   1043 C CA  . ALA B 1 48  ? -5.137  20.375  -15.215 1.00 11.79 ? 46  ALA B CA  1 
ATOM   1044 C C   . ALA B 1 48  ? -6.190  19.265  -15.223 1.00 11.71 ? 46  ALA B C   1 
ATOM   1045 O O   . ALA B 1 48  ? -7.347  19.481  -14.814 1.00 11.07 ? 46  ALA B O   1 
ATOM   1046 C CB  . ALA B 1 48  ? -5.380  21.368  -16.377 1.00 11.05 ? 46  ALA B CB  1 
ATOM   1047 N N   . THR B 1 49  ? -5.776  18.064  -15.645 1.00 11.40 ? 47  THR B N   1 
ATOM   1048 C CA  . THR B 1 49  ? -6.721  16.957  -15.684 1.00 11.47 ? 47  THR B CA  1 
ATOM   1049 C C   . THR B 1 49  ? -6.313  15.791  -14.799 1.00 12.00 ? 47  THR B C   1 
ATOM   1050 O O   . THR B 1 49  ? -7.107  14.879  -14.621 1.00 11.43 ? 47  THR B O   1 
ATOM   1051 C CB  . THR B 1 49  ? -6.922  16.427  -17.120 1.00 10.88 ? 47  THR B CB  1 
ATOM   1052 O OG1 . THR B 1 49  ? -5.635  16.096  -17.662 1.00 11.14 ? 47  THR B OG1 1 
ATOM   1053 C CG2 . THR B 1 49  ? -7.572  17.472  -18.012 1.00 11.36 ? 47  THR B CG2 1 
ATOM   1054 N N   . ALA B 1 50  ? -5.100  15.815  -14.232 1.00 12.44 ? 48  ALA B N   1 
ATOM   1055 C CA  . ALA B 1 50  ? -4.659  14.731  -13.357 1.00 12.86 ? 48  ALA B CA  1 
ATOM   1056 C C   . ALA B 1 50  ? -5.555  14.676  -12.129 1.00 13.58 ? 48  ALA B C   1 
ATOM   1057 O O   . ALA B 1 50  ? -5.712  15.672  -11.420 1.00 13.63 ? 48  ALA B O   1 
ATOM   1058 C CB  . ALA B 1 50  ? -3.208  14.934  -12.935 1.00 12.91 ? 48  ALA B CB  1 
ATOM   1059 N N   . THR B 1 51  ? -6.126  13.511  -11.842 1.00 12.73 ? 49  THR B N   1 
ATOM   1060 C CA  . THR B 1 51  ? -7.005  13.457  -10.701 1.00 13.43 ? 49  THR B CA  1 
ATOM   1061 C C   . THR B 1 51  ? -7.129  12.070  -10.086 1.00 12.77 ? 49  THR B C   1 
ATOM   1062 O O   . THR B 1 51  ? -6.360  11.161  -10.421 1.00 12.28 ? 49  THR B O   1 
ATOM   1063 C CB  . THR B 1 51  ? -8.396  14.073  -11.070 1.00 13.69 ? 49  THR B CB  1 
ATOM   1064 O OG1 . THR B 1 51  ? -9.169  14.307  -9.882  1.00 15.01 ? 49  THR B OG1 1 
ATOM   1065 C CG2 . THR B 1 51  ? -9.130  13.183  -11.988 1.00 14.31 ? 49  THR B CG2 1 
ATOM   1066 N N   . SER B 1 52  ? -8.083  11.933  -9.177  1.00 13.17 ? 50  SER B N   1 
ATOM   1067 C CA  . SER B 1 52  ? -8.308  10.702  -8.435  1.00 12.83 ? 50  SER B CA  1 
ATOM   1068 C C   . SER B 1 52  ? -9.763  10.251  -8.524  1.00 12.45 ? 50  SER B C   1 
ATOM   1069 O O   . SER B 1 52  ? -10.633 11.012  -8.928  1.00 12.94 ? 50  SER B O   1 
ATOM   1070 C CB  . SER B 1 52  ? -7.963  10.965  -6.980  1.00 13.02 ? 50  SER B CB  1 
ATOM   1071 O OG  . SER B 1 52  ? -8.758  12.063  -6.526  1.00 14.56 ? 50  SER B OG  1 
ATOM   1072 N N   . PHE B 1 53  ? -10.033 9.025   -8.085  1.00 12.12 ? 51  PHE B N   1 
ATOM   1073 C CA  . PHE B 1 53  ? -11.383 8.486   -8.073  1.00 11.16 ? 51  PHE B CA  1 
ATOM   1074 C C   . PHE B 1 53  ? -11.411 7.363   -7.049  1.00 10.89 ? 51  PHE B C   1 
ATOM   1075 O O   . PHE B 1 53  ? -10.359 6.865   -6.676  1.00 10.51 ? 51  PHE B O   1 
ATOM   1076 C CB  . PHE B 1 53  ? -11.766 7.933   -9.469  1.00 11.77 ? 51  PHE B CB  1 
ATOM   1077 C CG  . PHE B 1 53  ? -10.856 6.844   -9.975  1.00 12.37 ? 51  PHE B CG  1 
ATOM   1078 C CD1 . PHE B 1 53  ? -11.217 5.509   -9.831  1.00 11.74 ? 51  PHE B CD1 1 
ATOM   1079 C CD2 . PHE B 1 53  ? -9.691  7.157   -10.701 1.00 12.57 ? 51  PHE B CD2 1 
ATOM   1080 C CE1 . PHE B 1 53  ? -10.434 4.495   -10.421 1.00 12.93 ? 51  PHE B CE1 1 
ATOM   1081 C CE2 . PHE B 1 53  ? -8.904  6.158   -11.287 1.00 12.31 ? 51  PHE B CE2 1 
ATOM   1082 C CZ  . PHE B 1 53  ? -9.278  4.832   -11.151 1.00 13.00 ? 51  PHE B CZ  1 
ATOM   1083 N N   . THR B 1 54  ? -12.595 7.004   -6.567  1.00 10.60 ? 52  THR B N   1 
ATOM   1084 C CA  . THR B 1 54  ? -12.711 5.895   -5.618  1.00 10.85 ? 52  THR B CA  1 
ATOM   1085 C C   . THR B 1 54  ? -13.445 4.726   -6.267  1.00 11.69 ? 52  THR B C   1 
ATOM   1086 O O   . THR B 1 54  ? -14.248 4.923   -7.161  1.00 11.02 ? 52  THR B O   1 
ATOM   1087 C CB  . THR B 1 54  ? -13.471 6.259   -4.354  1.00 10.60 ? 52  THR B CB  1 
ATOM   1088 O OG1 . THR B 1 54  ? -14.848 6.550   -4.663  1.00 9.63  ? 52  THR B OG1 1 
ATOM   1089 C CG2 . THR B 1 54  ? -12.798 7.396   -3.674  1.00 10.33 ? 52  THR B CG2 1 
ATOM   1090 N N   . THR B 1 55  ? -13.156 3.499   -5.832  1.00 12.88 ? 53  THR B N   1 
ATOM   1091 C CA  . THR B 1 55  ? -13.872 2.370   -6.424  1.00 14.16 ? 53  THR B CA  1 
ATOM   1092 C C   . THR B 1 55  ? -15.025 1.910   -5.519  1.00 15.96 ? 53  THR B C   1 
ATOM   1093 O O   . THR B 1 55  ? -15.088 2.270   -4.350  1.00 16.39 ? 53  THR B O   1 
ATOM   1094 C CB  . THR B 1 55  ? -12.898 1.181   -6.703  1.00 14.28 ? 53  THR B CB  1 
ATOM   1095 O OG1 . THR B 1 55  ? -12.232 0.794   -5.483  1.00 13.81 ? 53  THR B OG1 1 
ATOM   1096 C CG2 . THR B 1 55  ? -11.856 1.606   -7.768  1.00 12.25 ? 53  THR B CG2 1 
ATOM   1097 N N   . ASP B 1 56  ? -15.952 1.136   -6.074  1.00 17.36 ? 54  ASP B N   1 
ATOM   1098 C CA  . ASP B 1 56  ? -17.058 0.634   -5.268  1.00 18.44 ? 54  ASP B CA  1 
ATOM   1099 C C   . ASP B 1 56  ? -16.672 -0.728  -4.699  1.00 18.92 ? 54  ASP B C   1 
ATOM   1100 O O   . ASP B 1 56  ? -15.527 -1.161  -4.813  1.00 17.06 ? 54  ASP B O   1 
ATOM   1101 C CB  . ASP B 1 56  ? -18.345 0.499   -6.109  1.00 19.47 ? 54  ASP B CB  1 
ATOM   1102 C CG  . ASP B 1 56  ? -18.191 -0.433  -7.307  1.00 20.08 ? 54  ASP B CG  1 
ATOM   1103 O OD1 . ASP B 1 56  ? -17.329 -1.343  -7.312  1.00 19.69 ? 54  ASP B OD1 1 
ATOM   1104 O OD2 . ASP B 1 56  ? -18.973 -0.257  -8.260  1.00 21.49 ? 54  ASP B OD2 1 
ATOM   1105 N N   . ALA B 1 57  ? -17.646 -1.404  -4.096  1.00 19.73 ? 55  ALA B N   1 
ATOM   1106 C CA  . ALA B 1 57  ? -17.430 -2.724  -3.500  1.00 21.44 ? 55  ALA B CA  1 
ATOM   1107 C C   . ALA B 1 57  ? -16.896 -3.747  -4.491  1.00 22.21 ? 55  ALA B C   1 
ATOM   1108 O O   . ALA B 1 57  ? -16.214 -4.710  -4.107  1.00 23.98 ? 55  ALA B O   1 
ATOM   1109 C CB  . ALA B 1 57  ? -18.766 -3.247  -2.850  1.00 21.05 ? 55  ALA B CB  1 
ATOM   1110 N N   . SER B 1 58  ? -17.179 -3.561  -5.770  1.00 22.46 ? 56  SER B N   1 
ATOM   1111 C CA  . SER B 1 58  ? -16.703 -4.513  -6.748  1.00 22.18 ? 56  SER B CA  1 
ATOM   1112 C C   . SER B 1 58  ? -15.366 -4.131  -7.354  1.00 21.61 ? 56  SER B C   1 
ATOM   1113 O O   . SER B 1 58  ? -14.915 -4.746  -8.349  1.00 22.11 ? 56  SER B O   1 
ATOM   1114 C CB  . SER B 1 58  ? -17.744 -4.675  -7.845  1.00 23.20 ? 56  SER B CB  1 
ATOM   1115 O OG  . SER B 1 58  ? -18.731 -5.602  -7.405  1.00 24.44 ? 56  SER B OG  1 
ATOM   1116 N N   . GLY B 1 59  ? -14.737 -3.114  -6.768  1.00 19.65 ? 57  GLY B N   1 
ATOM   1117 C CA  . GLY B 1 59  ? -13.458 -2.652  -7.279  1.00 17.66 ? 57  GLY B CA  1 
ATOM   1118 C C   . GLY B 1 59  ? -13.641 -1.959  -8.622  1.00 16.40 ? 57  GLY B C   1 
ATOM   1119 O O   . GLY B 1 59  ? -12.723 -1.952  -9.424  1.00 16.65 ? 57  GLY B O   1 
ATOM   1120 N N   . ALA B 1 60  ? -14.806 -1.350  -8.849  1.00 15.25 ? 58  ALA B N   1 
ATOM   1121 C CA  . ALA B 1 60  ? -15.118 -0.697  -10.127 1.00 13.87 ? 58  ALA B CA  1 
ATOM   1122 C C   . ALA B 1 60  ? -15.368 0.806   -9.987  1.00 13.04 ? 58  ALA B C   1 
ATOM   1123 O O   . ALA B 1 60  ? -15.714 1.281   -8.904  1.00 13.06 ? 58  ALA B O   1 
ATOM   1124 C CB  . ALA B 1 60  ? -16.377 -1.373  -10.745 1.00 14.02 ? 58  ALA B CB  1 
ATOM   1125 N N   . ALA B 1 61  ? -15.168 1.539   -11.083 1.00 12.01 ? 59  ALA B N   1 
ATOM   1126 C CA  . ALA B 1 61  ? -15.406 2.971   -11.149 1.00 10.55 ? 59  ALA B CA  1 
ATOM   1127 C C   . ALA B 1 61  ? -15.421 3.337   -12.623 1.00 11.07 ? 59  ALA B C   1 
ATOM   1128 O O   . ALA B 1 61  ? -14.840 2.638   -13.437 1.00 9.98  ? 59  ALA B O   1 
ATOM   1129 C CB  . ALA B 1 61  ? -14.265 3.782   -10.417 1.00 11.14 ? 59  ALA B CB  1 
ATOM   1130 N N   . SER B 1 62  ? -16.082 4.449   -12.948 1.00 11.73 ? 60  SER B N   1 
ATOM   1131 C CA  . SER B 1 62  ? -16.170 4.919   -14.334 1.00 11.99 ? 60  SER B CA  1 
ATOM   1132 C C   . SER B 1 62  ? -16.466 6.404   -14.295 1.00 12.22 ? 60  SER B C   1 
ATOM   1133 O O   . SER B 1 62  ? -17.196 6.854   -13.432 1.00 12.07 ? 60  SER B O   1 
ATOM   1134 C CB  . SER B 1 62  ? -17.292 4.182   -15.069 1.00 13.03 ? 60  SER B CB  1 
ATOM   1135 O OG  . SER B 1 62  ? -17.191 4.447   -16.449 1.00 17.10 ? 60  SER B OG  1 
ATOM   1136 N N   . PHE B 1 63  ? -15.912 7.161   -15.237 1.00 11.67 ? 61  PHE B N   1 
ATOM   1137 C CA  . PHE B 1 63  ? -16.092 8.616   -15.294 1.00 12.24 ? 61  PHE B CA  1 
ATOM   1138 C C   . PHE B 1 63  ? -15.537 9.069   -16.650 1.00 12.29 ? 61  PHE B C   1 
ATOM   1139 O O   . PHE B 1 63  ? -14.892 8.277   -17.341 1.00 12.11 ? 61  PHE B O   1 
ATOM   1140 C CB  . PHE B 1 63  ? -15.328 9.306   -14.109 1.00 12.95 ? 61  PHE B CB  1 
ATOM   1141 C CG  . PHE B 1 63  ? -13.881 8.849   -13.941 1.00 13.78 ? 61  PHE B CG  1 
ATOM   1142 C CD1 . PHE B 1 63  ? -13.583 7.699   -13.193 1.00 13.89 ? 61  PHE B CD1 1 
ATOM   1143 C CD2 . PHE B 1 63  ? -12.824 9.528   -14.579 1.00 12.69 ? 61  PHE B CD2 1 
ATOM   1144 C CE1 . PHE B 1 63  ? -12.258 7.213   -13.082 1.00 14.09 ? 61  PHE B CE1 1 
ATOM   1145 C CE2 . PHE B 1 63  ? -11.490 9.054   -14.476 1.00 13.77 ? 61  PHE B CE2 1 
ATOM   1146 C CZ  . PHE B 1 63  ? -11.203 7.890   -13.723 1.00 13.41 ? 61  PHE B CZ  1 
ATOM   1147 N N   . SER B 1 64  ? -15.738 10.347  -17.007 1.00 11.65 ? 62  SER B N   1 
ATOM   1148 C CA  . SER B 1 64  ? -15.278 10.918  -18.271 1.00 12.31 ? 62  SER B CA  1 
ATOM   1149 C C   . SER B 1 64  ? -13.962 11.674  -18.038 1.00 11.98 ? 62  SER B C   1 
ATOM   1150 O O   . SER B 1 64  ? -13.671 12.109  -16.920 1.00 11.39 ? 62  SER B O   1 
ATOM   1151 C CB  . SER B 1 64  ? -16.315 11.915  -18.841 1.00 14.01 ? 62  SER B CB  1 
ATOM   1152 O OG  . SER B 1 64  ? -17.540 11.266  -19.210 1.00 16.14 ? 62  SER B OG  1 
ATOM   1153 N N   . PHE B 1 65  ? -13.185 11.832  -19.104 1.00 11.05 ? 63  PHE B N   1 
ATOM   1154 C CA  . PHE B 1 65  ? -11.868 12.470  -18.990 1.00 11.13 ? 63  PHE B CA  1 
ATOM   1155 C C   . PHE B 1 65  ? -11.572 13.265  -20.262 1.00 10.57 ? 63  PHE B C   1 
ATOM   1156 O O   . PHE B 1 65  ? -11.763 12.771  -21.363 1.00 11.46 ? 63  PHE B O   1 
ATOM   1157 C CB  . PHE B 1 65  ? -10.807 11.370  -18.796 1.00 10.74 ? 63  PHE B CB  1 
ATOM   1158 C CG  . PHE B 1 65  ? -9.457  11.891  -18.456 1.00 10.35 ? 63  PHE B CG  1 
ATOM   1159 C CD1 . PHE B 1 65  ? -9.003  11.871  -17.144 1.00 9.70  ? 63  PHE B CD1 1 
ATOM   1160 C CD2 . PHE B 1 65  ? -8.633  12.397  -19.457 1.00 10.15 ? 63  PHE B CD2 1 
ATOM   1161 C CE1 . PHE B 1 65  ? -7.722  12.361  -16.839 1.00 11.17 ? 63  PHE B CE1 1 
ATOM   1162 C CE2 . PHE B 1 65  ? -7.351  12.883  -19.174 1.00 10.50 ? 63  PHE B CE2 1 
ATOM   1163 C CZ  . PHE B 1 65  ? -6.901  12.863  -17.867 1.00 10.29 ? 63  PHE B CZ  1 
ATOM   1164 N N   . VAL B 1 66  A -11.078 14.483  -20.099 1.00 10.67 ? 63  VAL B N   1 
ATOM   1165 C CA  . VAL B 1 66  A -10.766 15.347  -21.249 1.00 11.04 ? 63  VAL B CA  1 
ATOM   1166 C C   . VAL B 1 66  A -9.303  15.207  -21.639 1.00 11.27 ? 63  VAL B C   1 
ATOM   1167 O O   . VAL B 1 66  A -8.398  15.430  -20.819 1.00 11.71 ? 63  VAL B O   1 
ATOM   1168 C CB  . VAL B 1 66  A -11.097 16.839  -20.929 1.00 11.04 ? 63  VAL B CB  1 
ATOM   1169 C CG1 . VAL B 1 66  A -10.693 17.767  -22.161 1.00 9.75  ? 63  VAL B CG1 1 
ATOM   1170 C CG2 . VAL B 1 66  A -12.591 16.959  -20.616 1.00 10.26 ? 63  VAL B CG2 1 
ATOM   1171 N N   . VAL B 1 67  ? -9.083  14.797  -22.890 1.00 12.24 ? 64  VAL B N   1 
ATOM   1172 C CA  . VAL B 1 67  ? -7.738  14.633  -23.415 1.00 12.63 ? 64  VAL B CA  1 
ATOM   1173 C C   . VAL B 1 67  ? -7.314  15.889  -24.172 1.00 13.68 ? 64  VAL B C   1 
ATOM   1174 O O   . VAL B 1 67  ? -8.153  16.617  -24.733 1.00 13.53 ? 64  VAL B O   1 
ATOM   1175 C CB  . VAL B 1 67  ? -7.610  13.365  -24.377 1.00 12.93 ? 64  VAL B CB  1 
ATOM   1176 C CG1 . VAL B 1 67  ? -7.852  12.084  -23.562 1.00 13.71 ? 64  VAL B CG1 1 
ATOM   1177 C CG2 . VAL B 1 67  ? -8.604  13.430  -25.599 1.00 12.23 ? 64  VAL B CG2 1 
ATOM   1178 N N   . ARG B 1 68  ? -6.000  16.122  -24.200 1.00 14.31 ? 65  ARG B N   1 
ATOM   1179 C CA  . ARG B 1 68  ? -5.412  17.278  -24.880 1.00 15.08 ? 65  ARG B CA  1 
ATOM   1180 C C   . ARG B 1 68  ? -4.427  16.816  -25.944 1.00 14.41 ? 65  ARG B C   1 
ATOM   1181 O O   . ARG B 1 68  ? -3.619  15.915  -25.724 1.00 13.63 ? 65  ARG B O   1 
ATOM   1182 C CB  . ARG B 1 68  ? -4.685  18.182  -23.877 1.00 16.73 ? 65  ARG B CB  1 
ATOM   1183 C CG  . ARG B 1 68  ? -5.576  18.868  -22.838 1.00 19.05 ? 65  ARG B CG  1 
ATOM   1184 C CD  . ARG B 1 68  ? -6.705  19.704  -23.465 1.00 21.55 ? 65  ARG B CD  1 
ATOM   1185 N NE  . ARG B 1 68  ? -6.190  20.637  -24.475 1.00 24.16 ? 65  ARG B NE  1 
ATOM   1186 C CZ  . ARG B 1 68  ? -5.286  21.595  -24.247 1.00 25.98 ? 65  ARG B CZ  1 
ATOM   1187 N NH1 . ARG B 1 68  ? -4.774  21.781  -23.031 1.00 27.32 ? 65  ARG B NH1 1 
ATOM   1188 N NH2 . ARG B 1 68  ? -4.854  22.361  -25.254 1.00 27.40 ? 65  ARG B NH2 1 
ATOM   1189 N N   . LYS B 1 69  ? -4.508  17.410  -27.125 1.00 14.38 ? 66  LYS B N   1 
ATOM   1190 C CA  . LYS B 1 69  ? -3.592  17.015  -28.193 1.00 14.65 ? 66  LYS B CA  1 
ATOM   1191 C C   . LYS B 1 69  ? -2.190  17.489  -27.788 1.00 14.75 ? 66  LYS B C   1 
ATOM   1192 O O   . LYS B 1 69  ? -1.202  16.833  -28.055 1.00 14.69 ? 66  LYS B O   1 
ATOM   1193 C CB  . LYS B 1 69  ? -4.006  17.659  -29.524 1.00 15.83 ? 66  LYS B CB  1 
ATOM   1194 C CG  . LYS B 1 69  ? -3.148  17.157  -30.699 1.00 17.45 ? 66  LYS B CG  1 
ATOM   1195 C CD  . LYS B 1 69  ? -3.212  18.025  -31.954 1.00 20.12 ? 66  LYS B CD  1 
ATOM   1196 C CE  . LYS B 1 69  ? -4.287  17.559  -32.931 1.00 21.95 ? 66  LYS B CE  1 
ATOM   1197 N NZ  . LYS B 1 69  ? -3.821  17.655  -34.374 1.00 23.49 ? 66  LYS B NZ  1 
ATOM   1198 N N   . SER B 1 70  ? -2.121  18.650  -27.159 1.00 14.47 ? 67  SER B N   1 
ATOM   1199 C CA  . SER B 1 70  ? -0.834  19.165  -26.710 1.00 15.22 ? 67  SER B CA  1 
ATOM   1200 C C   . SER B 1 70  ? -1.149  19.886  -25.413 1.00 15.00 ? 67  SER B C   1 
ATOM   1201 O O   . SER B 1 70  ? -2.298  20.325  -25.190 1.00 14.91 ? 67  SER B O   1 
ATOM   1202 C CB  . SER B 1 70  ? -0.218  20.120  -27.742 1.00 15.69 ? 67  SER B CB  1 
ATOM   1203 O OG  . SER B 1 70  ? -0.991  21.304  -27.824 1.00 17.92 ? 67  SER B OG  1 
ATOM   1204 N N   . TYR B 1 71  ? -0.150  19.974  -24.541 1.00 14.63 ? 68  TYR B N   1 
ATOM   1205 C CA  . TYR B 1 71  ? -0.336  20.603  -23.247 1.00 13.85 ? 68  TYR B CA  1 
ATOM   1206 C C   . TYR B 1 71  ? 0.992   20.925  -22.534 1.00 13.55 ? 68  TYR B C   1 
ATOM   1207 O O   . TYR B 1 71  ? 2.063   20.386  -22.892 1.00 10.75 ? 68  TYR B O   1 
ATOM   1208 C CB  . TYR B 1 71  ? -1.174  19.669  -22.350 1.00 14.10 ? 68  TYR B CB  1 
ATOM   1209 C CG  . TYR B 1 71  ? -0.570  18.280  -22.072 1.00 14.50 ? 68  TYR B CG  1 
ATOM   1210 C CD1 . TYR B 1 71  ? 0.321   18.075  -21.005 1.00 13.66 ? 68  TYR B CD1 1 
ATOM   1211 C CD2 . TYR B 1 71  ? -0.858  17.191  -22.911 1.00 13.78 ? 68  TYR B CD2 1 
ATOM   1212 C CE1 . TYR B 1 71  ? 0.930   16.803  -20.782 1.00 13.99 ? 68  TYR B CE1 1 
ATOM   1213 C CE2 . TYR B 1 71  ? -0.263  15.935  -22.717 1.00 14.06 ? 68  TYR B CE2 1 
ATOM   1214 C CZ  . TYR B 1 71  ? 0.630   15.739  -21.665 1.00 14.27 ? 68  TYR B CZ  1 
ATOM   1215 O OH  . TYR B 1 71  ? 1.261   14.513  -21.557 1.00 13.11 ? 68  TYR B OH  1 
ATOM   1216 N N   . THR B 1 72  ? 0.896   21.795  -21.514 1.00 13.78 ? 69  THR B N   1 
ATOM   1217 C CA  . THR B 1 72  ? 2.043   22.132  -20.669 1.00 13.92 ? 69  THR B CA  1 
ATOM   1218 C C   . THR B 1 72  ? 2.066   21.007  -19.632 1.00 13.91 ? 69  THR B C   1 
ATOM   1219 O O   . THR B 1 72  ? 1.089   20.799  -18.921 1.00 14.18 ? 69  THR B O   1 
ATOM   1220 C CB  . THR B 1 72  ? 1.859   23.535  -20.022 1.00 15.49 ? 69  THR B CB  1 
ATOM   1221 O OG1 . THR B 1 72  ? 0.548   23.652  -19.457 1.00 15.43 ? 69  THR B OG1 1 
ATOM   1222 C CG2 . THR B 1 72  ? 2.029   24.614  -21.094 1.00 15.06 ? 69  THR B CG2 1 
ATOM   1223 N N   . GLY B 1 73  ? 3.166   20.260  -19.569 1.00 13.16 ? 70  GLY B N   1 
ATOM   1224 C CA  . GLY B 1 73  ? 3.229   19.117  -18.669 1.00 13.58 ? 70  GLY B CA  1 
ATOM   1225 C C   . GLY B 1 73  ? 4.117   19.238  -17.443 1.00 13.62 ? 70  GLY B C   1 
ATOM   1226 O O   . GLY B 1 73  ? 5.023   20.062  -17.410 1.00 13.67 ? 70  GLY B O   1 
ATOM   1227 N N   . SER B 1 74  ? 3.828   18.424  -16.430 1.00 14.02 ? 71  SER B N   1 
ATOM   1228 C CA  . SER B 1 74  ? 4.593   18.407  -15.185 1.00 15.36 ? 71  SER B CA  1 
ATOM   1229 C C   . SER B 1 74  ? 4.876   16.982  -14.727 1.00 16.48 ? 71  SER B C   1 
ATOM   1230 O O   . SER B 1 74  ? 4.122   16.043  -15.043 1.00 15.55 ? 71  SER B O   1 
ATOM   1231 C CB  . SER B 1 74  ? 3.838   19.140  -14.082 1.00 15.62 ? 71  SER B CB  1 
ATOM   1232 O OG  . SER B 1 74  ? 3.713   20.530  -14.406 1.00 18.22 ? 71  SER B OG  1 
ATOM   1233 N N   . THR B 1 75  ? 5.965   16.819  -13.989 1.00 17.39 ? 72  THR B N   1 
ATOM   1234 C CA  . THR B 1 75  ? 6.312   15.506  -13.511 1.00 19.59 ? 72  THR B CA  1 
ATOM   1235 C C   . THR B 1 75  ? 5.436   15.270  -12.289 1.00 20.82 ? 72  THR B C   1 
ATOM   1236 O O   . THR B 1 75  ? 4.684   16.168  -11.893 1.00 20.81 ? 72  THR B O   1 
ATOM   1237 C CB  . THR B 1 75  ? 7.830   15.400  -13.228 1.00 20.93 ? 72  THR B CB  1 
ATOM   1238 O OG1 . THR B 1 75  ? 8.319   16.624  -12.678 1.00 22.18 ? 72  THR B OG1 1 
ATOM   1239 C CG2 . THR B 1 75  ? 8.587   15.152  -14.528 1.00 20.59 ? 72  THR B CG2 1 
ATOM   1240 N N   . PRO B 1 76  ? 5.497   14.064  -11.689 1.00 21.86 ? 73  PRO B N   1 
ATOM   1241 C CA  . PRO B 1 76  ? 4.680   13.736  -10.513 1.00 22.61 ? 73  PRO B CA  1 
ATOM   1242 C C   . PRO B 1 76  ? 4.816   14.677  -9.349  1.00 23.05 ? 73  PRO B C   1 
ATOM   1243 O O   . PRO B 1 76  ? 3.842   14.913  -8.638  1.00 23.75 ? 73  PRO B O   1 
ATOM   1244 C CB  . PRO B 1 76  ? 5.150   12.323  -10.122 1.00 22.61 ? 73  PRO B CB  1 
ATOM   1245 C CG  . PRO B 1 76  ? 5.784   11.779  -11.404 1.00 22.80 ? 73  PRO B CG  1 
ATOM   1246 C CD  . PRO B 1 76  ? 6.488   12.999  -11.947 1.00 22.21 ? 73  PRO B CD  1 
ATOM   1247 N N   . GLU B 1 77  ? 6.026   15.189  -9.127  1.00 23.47 ? 74  GLU B N   1 
ATOM   1248 C CA  . GLU B 1 77  ? 6.282   16.096  -8.016  1.00 23.56 ? 74  GLU B CA  1 
ATOM   1249 C C   . GLU B 1 77  ? 5.728   17.502  -8.273  1.00 22.28 ? 74  GLU B C   1 
ATOM   1250 O O   . GLU B 1 77  ? 5.708   18.332  -7.363  1.00 22.57 ? 74  GLU B O   1 
ATOM   1251 C CB  . GLU B 1 77  ? 7.782   16.175  -7.769  1.00 25.83 ? 74  GLU B CB  1 
ATOM   1252 C CG  . GLU B 1 77  ? 8.520   15.005  -8.409  1.00 28.63 ? 74  GLU B CG  1 
ATOM   1253 C CD  . GLU B 1 77  ? 9.884   15.398  -8.986  1.00 29.84 ? 74  GLU B CD  1 
ATOM   1254 O OE1 . GLU B 1 77  ? 10.015  16.524  -9.502  1.00 30.72 ? 74  GLU B OE1 1 
ATOM   1255 O OE2 . GLU B 1 77  ? 10.817  14.563  -8.941  1.00 31.71 ? 74  GLU B OE2 1 
ATOM   1256 N N   . GLY B 1 78  ? 5.270   17.775  -9.498  1.00 19.81 ? 75  GLY B N   1 
ATOM   1257 C CA  . GLY B 1 78  ? 4.723   19.082  -9.789  1.00 17.75 ? 75  GLY B CA  1 
ATOM   1258 C C   . GLY B 1 78  ? 5.667   19.996  -10.554 1.00 17.11 ? 75  GLY B C   1 
ATOM   1259 O O   . GLY B 1 78  ? 5.375   21.175  -10.818 1.00 16.59 ? 75  GLY B O   1 
ATOM   1260 N N   . THR B 1 79  ? 6.816   19.476  -10.947 1.00 15.59 ? 76  THR B N   1 
ATOM   1261 C CA  . THR B 1 79  ? 7.727   20.367  -11.651 1.00 15.41 ? 76  THR B CA  1 
ATOM   1262 C C   . THR B 1 79  ? 7.361   20.465  -13.139 1.00 14.27 ? 76  THR B C   1 
ATOM   1263 O O   . THR B 1 79  ? 7.174   19.456  -13.796 1.00 13.16 ? 76  THR B O   1 
ATOM   1264 C CB  . THR B 1 79  ? 9.209   19.926  -11.487 1.00 15.71 ? 76  THR B CB  1 
ATOM   1265 O OG1 . THR B 1 79  ? 9.473   18.791  -12.296 1.00 19.90 ? 76  THR B OG1 1 
ATOM   1266 C CG2 . THR B 1 79  ? 9.487   19.535  -10.104 1.00 14.26 ? 76  THR B CG2 1 
ATOM   1267 N N   . PRO B 1 80  ? 7.217   21.697  -13.657 1.00 13.50 ? 77  PRO B N   1 
ATOM   1268 C CA  . PRO B 1 80  ? 6.876   21.901  -15.081 1.00 13.33 ? 77  PRO B CA  1 
ATOM   1269 C C   . PRO B 1 80  ? 8.086   21.547  -15.937 1.00 13.51 ? 77  PRO B C   1 
ATOM   1270 O O   . PRO B 1 80  ? 9.199   21.985  -15.651 1.00 13.26 ? 77  PRO B O   1 
ATOM   1271 C CB  . PRO B 1 80  ? 6.561   23.408  -15.179 1.00 12.95 ? 77  PRO B CB  1 
ATOM   1272 C CG  . PRO B 1 80  ? 7.450   24.009  -14.092 1.00 13.24 ? 77  PRO B CG  1 
ATOM   1273 C CD  . PRO B 1 80  ? 7.360   22.977  -12.934 1.00 12.82 ? 77  PRO B CD  1 
ATOM   1274 N N   . VAL B 1 81  ? 7.854   20.780  -16.997 1.00 13.37 ? 78  VAL B N   1 
ATOM   1275 C CA  . VAL B 1 81  ? 8.938   20.375  -17.888 1.00 13.84 ? 78  VAL B CA  1 
ATOM   1276 C C   . VAL B 1 81  ? 8.785   21.021  -19.256 1.00 13.05 ? 78  VAL B C   1 
ATOM   1277 O O   . VAL B 1 81  ? 9.540   20.720  -20.183 1.00 13.22 ? 78  VAL B O   1 
ATOM   1278 C CB  . VAL B 1 81  ? 8.978   18.824  -17.998 1.00 14.81 ? 78  VAL B CB  1 
ATOM   1279 C CG1 . VAL B 1 81  ? 7.564   18.265  -18.314 1.00 16.09 ? 78  VAL B CG1 1 
ATOM   1280 C CG2 . VAL B 1 81  ? 9.870   18.423  -19.090 1.00 17.88 ? 78  VAL B CG2 1 
ATOM   1281 N N   . GLY B 1 82  ? 7.829   21.943  -19.370 1.00 11.76 ? 79  GLY B N   1 
ATOM   1282 C CA  . GLY B 1 82  ? 7.598   22.604  -20.645 1.00 12.07 ? 79  GLY B CA  1 
ATOM   1283 C C   . GLY B 1 82  ? 6.298   22.110  -21.301 1.00 12.23 ? 79  GLY B C   1 
ATOM   1284 O O   . GLY B 1 82  ? 5.266   21.946  -20.643 1.00 13.14 ? 79  GLY B O   1 
ATOM   1285 N N   . SER B 1 83  ? 6.332   21.868  -22.599 1.00 12.39 ? 80  SER B N   1 
ATOM   1286 C CA  . SER B 1 83  ? 5.133   21.397  -23.285 1.00 12.71 ? 80  SER B CA  1 
ATOM   1287 C C   . SER B 1 83  ? 5.365   20.092  -24.060 1.00 13.24 ? 80  SER B C   1 
ATOM   1288 O O   . SER B 1 83  ? 6.478   19.806  -24.532 1.00 11.12 ? 80  SER B O   1 
ATOM   1289 C CB  . SER B 1 83  ? 4.611   22.503  -24.201 1.00 14.00 ? 80  SER B CB  1 
ATOM   1290 O OG  . SER B 1 83  ? 5.654   23.014  -25.004 1.00 15.86 ? 80  SER B OG  1 
ATOM   1291 N N   . VAL B 1 84  ? 4.277   19.336  -24.211 1.00 13.24 ? 81  VAL B N   1 
ATOM   1292 C CA  . VAL B 1 84  ? 4.286   18.022  -24.866 1.00 14.08 ? 81  VAL B CA  1 
ATOM   1293 C C   . VAL B 1 84  ? 3.270   18.052  -25.987 1.00 14.35 ? 81  VAL B C   1 
ATOM   1294 O O   . VAL B 1 84  ? 2.171   18.594  -25.830 1.00 14.18 ? 81  VAL B O   1 
ATOM   1295 C CB  . VAL B 1 84  ? 3.897   16.955  -23.792 1.00 14.68 ? 81  VAL B CB  1 
ATOM   1296 C CG1 . VAL B 1 84  ? 3.543   15.611  -24.423 1.00 16.42 ? 81  VAL B CG1 1 
ATOM   1297 C CG2 . VAL B 1 84  ? 5.050   16.854  -22.788 1.00 15.20 ? 81  VAL B CG2 1 
ATOM   1298 N N   . ASP B 1 85  ? 3.640   17.482  -27.125 1.00 14.50 ? 82  ASP B N   1 
ATOM   1299 C CA  . ASP B 1 85  ? 2.758   17.450  -28.270 1.00 15.20 ? 82  ASP B CA  1 
ATOM   1300 C C   . ASP B 1 85  ? 2.417   15.969  -28.549 1.00 15.31 ? 82  ASP B C   1 
ATOM   1301 O O   . ASP B 1 85  ? 3.269   15.188  -29.000 1.00 14.71 ? 82  ASP B O   1 
ATOM   1302 C CB  . ASP B 1 85  ? 3.484   18.086  -29.458 1.00 16.32 ? 82  ASP B CB  1 
ATOM   1303 C CG  . ASP B 1 85  ? 2.726   17.934  -30.758 1.00 18.77 ? 82  ASP B CG  1 
ATOM   1304 O OD1 . ASP B 1 85  ? 3.348   18.206  -31.822 1.00 18.78 ? 82  ASP B OD1 1 
ATOM   1305 O OD2 . ASP B 1 85  ? 1.531   17.526  -30.719 1.00 18.77 ? 82  ASP B OD2 1 
ATOM   1306 N N   . CYS B 1 86  ? 1.179   15.565  -28.272 1.00 15.41 ? 83  CYS B N   1 
ATOM   1307 C CA  . CYS B 1 86  ? 0.817   14.163  -28.490 1.00 15.77 ? 83  CYS B CA  1 
ATOM   1308 C C   . CYS B 1 86  ? 0.730   13.681  -29.917 1.00 16.20 ? 83  CYS B C   1 
ATOM   1309 O O   . CYS B 1 86  ? 0.472   12.521  -30.133 1.00 16.16 ? 83  CYS B O   1 
ATOM   1310 C CB  . CYS B 1 86  ? -0.482  13.824  -27.768 1.00 15.45 ? 83  CYS B CB  1 
ATOM   1311 S SG  . CYS B 1 86  ? -0.280  14.024  -25.983 1.00 15.84 ? 83  CYS B SG  1 
ATOM   1312 N N   . ALA B 1 87  ? 0.959   14.564  -30.886 1.00 16.83 ? 84  ALA B N   1 
ATOM   1313 C CA  . ALA B 1 87  ? 0.931   14.179  -32.301 1.00 17.36 ? 84  ALA B CA  1 
ATOM   1314 C C   . ALA B 1 87  ? 2.244   13.491  -32.606 1.00 17.92 ? 84  ALA B C   1 
ATOM   1315 O O   . ALA B 1 87  ? 2.349   12.734  -33.574 1.00 18.53 ? 84  ALA B O   1 
ATOM   1316 C CB  . ALA B 1 87  ? 0.765   15.449  -33.215 1.00 17.56 ? 84  ALA B CB  1 
ATOM   1317 N N   . THR B 1 88  ? 3.252   13.744  -31.775 1.00 17.65 ? 85  THR B N   1 
ATOM   1318 C CA  . THR B 1 88  ? 4.551   13.138  -31.976 1.00 18.24 ? 85  THR B CA  1 
ATOM   1319 C C   . THR B 1 88  ? 5.013   12.380  -30.743 1.00 18.20 ? 85  THR B C   1 
ATOM   1320 O O   . THR B 1 88  ? 5.694   11.360  -30.868 1.00 19.46 ? 85  THR B O   1 
ATOM   1321 C CB  . THR B 1 88  ? 5.625   14.202  -32.389 1.00 18.03 ? 85  THR B CB  1 
ATOM   1322 O OG1 . THR B 1 88  ? 5.817   15.122  -31.315 1.00 19.34 ? 85  THR B OG1 1 
ATOM   1323 C CG2 . THR B 1 88  ? 5.175   14.982  -33.619 1.00 17.99 ? 85  THR B CG2 1 
ATOM   1324 N N   . ALA B 1 89  ? 4.660   12.857  -29.551 1.00 17.82 ? 86  ALA B N   1 
ATOM   1325 C CA  . ALA B 1 89  ? 5.041   12.152  -28.335 1.00 18.24 ? 86  ALA B CA  1 
ATOM   1326 C C   . ALA B 1 89  ? 4.034   10.998  -28.148 1.00 18.40 ? 86  ALA B C   1 
ATOM   1327 O O   . ALA B 1 89  ? 2.907   11.073  -28.611 1.00 18.07 ? 86  ALA B O   1 
ATOM   1328 C CB  . ALA B 1 89  ? 5.017   13.114  -27.102 1.00 17.81 ? 86  ALA B CB  1 
ATOM   1329 N N   . ALA B 1 90  ? 4.458   9.931   -27.491 1.00 18.52 ? 87  ALA B N   1 
ATOM   1330 C CA  . ALA B 1 90  ? 3.581   8.788   -27.267 1.00 19.16 ? 87  ALA B CA  1 
ATOM   1331 C C   . ALA B 1 90  ? 2.786   9.057   -26.005 1.00 18.35 ? 87  ALA B C   1 
ATOM   1332 O O   . ALA B 1 90  ? 3.241   8.779   -24.899 1.00 20.51 ? 87  ALA B O   1 
ATOM   1333 C CB  . ALA B 1 90  ? 4.418   7.492   -27.103 1.00 19.48 ? 87  ALA B CB  1 
ATOM   1334 N N   . CYS B 1 91  ? 1.604   9.619   -26.145 1.00 16.49 ? 88  CYS B N   1 
ATOM   1335 C CA  . CYS B 1 91  ? 0.814   9.871   -24.963 1.00 14.94 ? 88  CYS B CA  1 
ATOM   1336 C C   . CYS B 1 91  ? -0.100  8.666   -24.668 1.00 14.15 ? 88  CYS B C   1 
ATOM   1337 O O   . CYS B 1 91  ? -0.499  7.912   -25.568 1.00 12.69 ? 88  CYS B O   1 
ATOM   1338 C CB  . CYS B 1 91  ? -0.018  11.126  -25.171 1.00 15.12 ? 88  CYS B CB  1 
ATOM   1339 S SG  . CYS B 1 91  ? 1.053   12.596  -25.435 1.00 16.28 ? 88  CYS B SG  1 
ATOM   1340 N N   . ASN B 1 92  ? -0.422  8.508   -23.396 1.00 13.51 ? 89  ASN B N   1 
ATOM   1341 C CA  . ASN B 1 92  ? -1.303  7.446   -22.952 1.00 13.36 ? 89  ASN B CA  1 
ATOM   1342 C C   . ASN B 1 92  ? -2.085  7.964   -21.739 1.00 12.70 ? 89  ASN B C   1 
ATOM   1343 O O   . ASN B 1 92  ? -1.727  9.003   -21.167 1.00 12.20 ? 89  ASN B O   1 
ATOM   1344 C CB  . ASN B 1 92  ? -0.479  6.237   -22.542 1.00 15.00 ? 89  ASN B CB  1 
ATOM   1345 C CG  . ASN B 1 92  ? 0.361   6.511   -21.344 1.00 17.48 ? 89  ASN B CG  1 
ATOM   1346 O OD1 . ASN B 1 92  ? -0.076  6.303   -20.216 1.00 19.63 ? 89  ASN B OD1 1 
ATOM   1347 N ND2 . ASN B 1 92  ? 1.593   6.996   -21.570 1.00 18.96 ? 89  ASN B ND2 1 
ATOM   1348 N N   . LEU B 1 93  ? -3.160  7.249   -21.376 1.00 11.81 ? 90  LEU B N   1 
ATOM   1349 C CA  . LEU B 1 93  ? -3.952  7.591   -20.195 1.00 12.14 ? 90  LEU B CA  1 
ATOM   1350 C C   . LEU B 1 93  ? -3.572  6.444   -19.274 1.00 11.91 ? 90  LEU B C   1 
ATOM   1351 O O   . LEU B 1 93  ? -3.648  5.287   -19.691 1.00 12.03 ? 90  LEU B O   1 
ATOM   1352 C CB  . LEU B 1 93  ? -5.469  7.527   -20.478 1.00 12.91 ? 90  LEU B CB  1 
ATOM   1353 C CG  . LEU B 1 93  ? -6.210  8.829   -20.181 1.00 14.43 ? 90  LEU B CG  1 
ATOM   1354 C CD1 . LEU B 1 93  ? -7.759  8.613   -20.176 1.00 13.80 ? 90  LEU B CD1 1 
ATOM   1355 C CD2 . LEU B 1 93  ? -5.752  9.376   -18.846 1.00 14.19 ? 90  LEU B CD2 1 
ATOM   1356 N N   . GLY B 1 94  ? -3.139  6.743   -18.057 1.00 10.96 ? 91  GLY B N   1 
ATOM   1357 C CA  . GLY B 1 94  ? -2.749  5.681   -17.146 1.00 10.61 ? 91  GLY B CA  1 
ATOM   1358 C C   . GLY B 1 94  ? -3.377  5.870   -15.773 1.00 10.85 ? 91  GLY B C   1 
ATOM   1359 O O   . GLY B 1 94  ? -3.646  6.996   -15.359 1.00 11.63 ? 91  GLY B O   1 
ATOM   1360 N N   . ALA B 1 95  ? -3.673  4.778   -15.086 1.00 10.35 ? 92  ALA B N   1 
ATOM   1361 C CA  . ALA B 1 95  ? -4.254  4.901   -13.751 1.00 10.74 ? 92  ALA B CA  1 
ATOM   1362 C C   . ALA B 1 95  ? -3.594  3.902   -12.801 1.00 10.95 ? 92  ALA B C   1 
ATOM   1363 O O   . ALA B 1 95  ? -3.071  2.874   -13.245 1.00 10.89 ? 92  ALA B O   1 
ATOM   1364 C CB  . ALA B 1 95  ? -5.765  4.640   -13.823 1.00 9.58  ? 92  ALA B CB  1 
ATOM   1365 N N   . GLY B 1 96  ? -3.614  4.212   -11.499 1.00 11.14 ? 93  GLY B N   1 
ATOM   1366 C CA  . GLY B 1 96  ? -3.078  3.295   -10.520 1.00 12.01 ? 93  GLY B CA  1 
ATOM   1367 C C   . GLY B 1 96  ? -2.886  3.969   -9.175  1.00 12.78 ? 93  GLY B C   1 
ATOM   1368 O O   . GLY B 1 96  ? -3.263  5.148   -9.013  1.00 13.26 ? 93  GLY B O   1 
ATOM   1369 N N   . ASN B 1 97  ? -2.375  3.228   -8.205  1.00 13.51 ? 94  ASN B N   1 
ATOM   1370 C CA  . ASN B 1 97  ? -2.039  3.785   -6.891  1.00 14.81 ? 94  ASN B CA  1 
ATOM   1371 C C   . ASN B 1 97  ? -0.800  3.013   -6.377  1.00 16.40 ? 94  ASN B C   1 
ATOM   1372 O O   . ASN B 1 97  ? -0.229  2.229   -7.144  1.00 15.80 ? 94  ASN B O   1 
ATOM   1373 C CB  . ASN B 1 97  ? -3.263  3.825   -5.907  1.00 14.54 ? 94  ASN B CB  1 
ATOM   1374 C CG  . ASN B 1 97  ? -3.734  2.464   -5.413  1.00 14.92 ? 94  ASN B CG  1 
ATOM   1375 O OD1 . ASN B 1 97  ? -4.814  2.372   -4.765  1.00 15.30 ? 94  ASN B OD1 1 
ATOM   1376 N ND2 . ASN B 1 97  ? -2.962  1.421   -5.661  1.00 13.25 ? 94  ASN B ND2 1 
ATOM   1377 N N   . SER B 1 98  ? -0.347  3.245   -5.137  1.00 17.75 ? 95  SER B N   1 
ATOM   1378 C CA  . SER B 1 98  ? 0.861   2.553   -4.654  1.00 18.94 ? 95  SER B CA  1 
ATOM   1379 C C   . SER B 1 98  ? 0.748   1.015   -4.583  1.00 19.05 ? 95  SER B C   1 
ATOM   1380 O O   . SER B 1 98  ? 1.753   0.312   -4.614  1.00 19.50 ? 95  SER B O   1 
ATOM   1381 C CB  . SER B 1 98  ? 1.259   3.111   -3.284  1.00 19.72 ? 95  SER B CB  1 
ATOM   1382 O OG  . SER B 1 98  ? 0.226   2.827   -2.352  1.00 22.66 ? 95  SER B OG  1 
ATOM   1383 N N   . GLY B 1 99  ? -0.458  0.471   -4.523  1.00 18.65 ? 96  GLY B N   1 
ATOM   1384 C CA  . GLY B 1 99  ? -0.544  -0.973  -4.447  1.00 18.33 ? 96  GLY B CA  1 
ATOM   1385 C C   . GLY B 1 99  ? -0.767  -1.685  -5.770  1.00 18.06 ? 96  GLY B C   1 
ATOM   1386 O O   . GLY B 1 99  ? -0.516  -2.871  -5.879  1.00 17.78 ? 96  GLY B O   1 
ATOM   1387 N N   . LEU B 1 100 ? -1.263  -0.977  -6.785  1.00 17.64 ? 97  LEU B N   1 
ATOM   1388 C CA  . LEU B 1 100 ? -1.540  -1.623  -8.064  1.00 16.70 ? 97  LEU B CA  1 
ATOM   1389 C C   . LEU B 1 100 ? -1.553  -0.610  -9.213  1.00 16.29 ? 97  LEU B C   1 
ATOM   1390 O O   . LEU B 1 100 ? -2.132  0.478   -9.104  1.00 15.86 ? 97  LEU B O   1 
ATOM   1391 C CB  . LEU B 1 100 ? -2.900  -2.342  -7.978  1.00 18.36 ? 97  LEU B CB  1 
ATOM   1392 C CG  . LEU B 1 100 ? -3.597  -2.983  -9.180  1.00 19.42 ? 97  LEU B CG  1 
ATOM   1393 C CD1 . LEU B 1 100 ? -2.844  -4.240  -9.631  1.00 20.25 ? 97  LEU B CD1 1 
ATOM   1394 C CD2 . LEU B 1 100 ? -5.047  -3.368  -8.769  1.00 20.16 ? 97  LEU B CD2 1 
ATOM   1395 N N   . ASP B 1 101 ? -0.903  -0.978  -10.309 1.00 15.53 ? 98  ASP B N   1 
ATOM   1396 C CA  . ASP B 1 101 ? -0.872  -0.123  -11.486 1.00 15.42 ? 98  ASP B CA  1 
ATOM   1397 C C   . ASP B 1 101 ? -1.893  -0.717  -12.424 1.00 14.56 ? 98  ASP B C   1 
ATOM   1398 O O   . ASP B 1 101 ? -1.728  -1.858  -12.891 1.00 14.18 ? 98  ASP B O   1 
ATOM   1399 C CB  . ASP B 1 101 ? 0.495   -0.160  -12.162 1.00 16.48 ? 98  ASP B CB  1 
ATOM   1400 C CG  . ASP B 1 101 ? 0.633   0.914   -13.226 1.00 18.86 ? 98  ASP B CG  1 
ATOM   1401 O OD1 . ASP B 1 101 ? -0.394  1.259   -13.884 1.00 19.65 ? 98  ASP B OD1 1 
ATOM   1402 O OD2 . ASP B 1 101 ? 1.768   1.414   -13.411 1.00 20.34 ? 98  ASP B OD2 1 
ATOM   1403 N N   . LEU B 1 102 ? -2.922  0.062   -12.746 1.00 12.44 ? 99  LEU B N   1 
ATOM   1404 C CA  . LEU B 1 102 ? -3.998  -0.413  -13.606 1.00 11.67 ? 99  LEU B CA  1 
ATOM   1405 C C   . LEU B 1 102 ? -3.657  -0.457  -15.100 1.00 12.06 ? 99  LEU B C   1 
ATOM   1406 O O   . LEU B 1 102 ? -4.404  -1.038  -15.882 1.00 12.64 ? 99  LEU B O   1 
ATOM   1407 C CB  . LEU B 1 102 ? -5.237  0.438   -13.359 1.00 10.45 ? 99  LEU B CB  1 
ATOM   1408 C CG  . LEU B 1 102 ? -5.716  0.461   -11.881 1.00 10.75 ? 99  LEU B CG  1 
ATOM   1409 C CD1 . LEU B 1 102 ? -6.845  1.462   -11.774 1.00 10.27 ? 99  LEU B CD1 1 
ATOM   1410 C CD2 . LEU B 1 102 ? -6.216  -0.917  -11.406 1.00 10.69 ? 99  LEU B CD2 1 
ATOM   1411 N N   . GLY B 1 103 ? -2.551  0.155   -15.494 1.00 11.50 ? 100 GLY B N   1 
ATOM   1412 C CA  . GLY B 1 103 ? -2.160  0.074   -16.896 1.00 11.29 ? 100 GLY B CA  1 
ATOM   1413 C C   . GLY B 1 103 ? -2.113  1.386   -17.640 1.00 10.66 ? 100 GLY B C   1 
ATOM   1414 O O   . GLY B 1 103 ? -2.378  2.460   -17.069 1.00 9.80  ? 100 GLY B O   1 
ATOM   1415 N N   . HIS B 1 104 ? -1.832  1.257   -18.939 1.00 9.90  ? 101 HIS B N   1 
ATOM   1416 C CA  . HIS B 1 104 ? -1.722  2.368   -19.864 1.00 10.08 ? 101 HIS B CA  1 
ATOM   1417 C C   . HIS B 1 104 ? -2.498  2.030   -21.136 1.00 9.79  ? 101 HIS B C   1 
ATOM   1418 O O   . HIS B 1 104 ? -2.479  0.877   -21.586 1.00 10.52 ? 101 HIS B O   1 
ATOM   1419 C CB  . HIS B 1 104 ? -0.257  2.554   -20.298 1.00 10.49 ? 101 HIS B CB  1 
ATOM   1420 C CG  . HIS B 1 104 ? 0.720   2.667   -19.176 1.00 11.23 ? 101 HIS B CG  1 
ATOM   1421 N ND1 . HIS B 1 104 ? 1.095   3.875   -18.637 1.00 12.20 ? 101 HIS B ND1 1 
ATOM   1422 C CD2 . HIS B 1 104 ? 1.421   1.717   -18.510 1.00 11.60 ? 101 HIS B CD2 1 
ATOM   1423 C CE1 . HIS B 1 104 ? 1.985   3.671   -17.680 1.00 12.46 ? 101 HIS B CE1 1 
ATOM   1424 N NE2 . HIS B 1 104 ? 2.205   2.368   -17.587 1.00 12.62 ? 101 HIS B NE2 1 
ATOM   1425 N N   . VAL B 1 105 ? -3.172  3.026   -21.693 1.00 9.24  ? 102 VAL B N   1 
ATOM   1426 C CA  . VAL B 1 105 ? -3.880  2.888   -22.971 1.00 8.36  ? 102 VAL B CA  1 
ATOM   1427 C C   . VAL B 1 105 ? -3.349  4.026   -23.877 1.00 8.92  ? 102 VAL B C   1 
ATOM   1428 O O   . VAL B 1 105 ? -3.449  5.220   -23.542 1.00 8.94  ? 102 VAL B O   1 
ATOM   1429 C CB  . VAL B 1 105 ? -5.424  2.990   -22.823 1.00 6.87  ? 102 VAL B CB  1 
ATOM   1430 C CG1 . VAL B 1 105 ? -6.070  2.873   -24.229 1.00 7.18  ? 102 VAL B CG1 1 
ATOM   1431 C CG2 . VAL B 1 105 ? -5.917  1.900   -21.916 1.00 7.11  ? 102 VAL B CG2 1 
ATOM   1432 N N   . ALA B 1 106 ? -2.721  3.629   -24.984 1.00 9.34  ? 103 ALA B N   1 
ATOM   1433 C CA  . ALA B 1 106 ? -2.106  4.568   -25.930 1.00 9.90  ? 103 ALA B CA  1 
ATOM   1434 C C   . ALA B 1 106 ? -3.184  5.448   -26.564 1.00 10.43 ? 103 ALA B C   1 
ATOM   1435 O O   . ALA B 1 106 ? -4.280  4.954   -26.889 1.00 10.38 ? 103 ALA B O   1 
ATOM   1436 C CB  . ALA B 1 106 ? -1.319  3.780   -27.014 1.00 10.52 ? 103 ALA B CB  1 
ATOM   1437 N N   . LEU B 1 107 ? -2.898  6.740   -26.699 1.00 10.32 ? 104 LEU B N   1 
ATOM   1438 C CA  . LEU B 1 107 ? -3.844  7.687   -27.326 1.00 11.14 ? 104 LEU B CA  1 
ATOM   1439 C C   . LEU B 1 107 ? -3.286  8.169   -28.650 1.00 12.37 ? 104 LEU B C   1 
ATOM   1440 O O   . LEU B 1 107 ? -2.076  8.421   -28.775 1.00 12.49 ? 104 LEU B O   1 
ATOM   1441 C CB  . LEU B 1 107 ? -4.053  8.918   -26.467 1.00 11.34 ? 104 LEU B CB  1 
ATOM   1442 C CG  . LEU B 1 107 ? -4.466  8.652   -25.024 1.00 11.70 ? 104 LEU B CG  1 
ATOM   1443 C CD1 . LEU B 1 107 ? -4.442  9.981   -24.267 1.00 11.36 ? 104 LEU B CD1 1 
ATOM   1444 C CD2 . LEU B 1 107 ? -5.898  8.009   -25.014 1.00 11.65 ? 104 LEU B CD2 1 
ATOM   1445 N N   . THR B 1 108 ? -4.145  8.242   -29.663 1.00 13.36 ? 105 THR B N   1 
ATOM   1446 C CA  . THR B 1 108 ? -3.705  8.745   -30.969 1.00 15.15 ? 105 THR B CA  1 
ATOM   1447 C C   . THR B 1 108 ? -4.639  9.878   -31.437 1.00 14.63 ? 105 THR B C   1 
ATOM   1448 O O   . THR B 1 108 ? -5.851  9.752   -31.385 1.00 15.07 ? 105 THR B O   1 
ATOM   1449 C CB  . THR B 1 108 ? -3.615  7.628   -32.037 1.00 16.19 ? 105 THR B CB  1 
ATOM   1450 O OG1 . THR B 1 108 ? -4.873  6.966   -32.149 1.00 20.68 ? 105 THR B OG1 1 
ATOM   1451 C CG2 . THR B 1 108 ? -2.610  6.602   -31.640 1.00 15.01 ? 105 THR B CG2 1 
ATOM   1452 N N   . PHE B 1 109 ? -4.060  10.993  -31.879 1.00 14.57 ? 106 PHE B N   1 
ATOM   1453 C CA  . PHE B 1 109 ? -4.866  12.132  -32.316 1.00 14.99 ? 106 PHE B CA  1 
ATOM   1454 C C   . PHE B 1 109 ? -5.008  12.238  -33.834 1.00 15.44 ? 106 PHE B C   1 
ATOM   1455 O O   . PHE B 1 109 ? -6.131  12.579  -34.307 1.00 17.76 ? 106 PHE B O   1 
ATOM   1456 C CB  . PHE B 1 109 ? -4.308  13.438  -31.688 1.00 14.63 ? 106 PHE B CB  1 
ATOM   1457 C CG  . PHE B 1 109 ? -4.557  13.534  -30.188 1.00 14.39 ? 106 PHE B CG  1 
ATOM   1458 C CD1 . PHE B 1 109 ? -3.800  12.784  -29.291 1.00 13.52 ? 106 PHE B CD1 1 
ATOM   1459 C CD2 . PHE B 1 109 ? -5.601  14.309  -29.686 1.00 13.75 ? 106 PHE B CD2 1 
ATOM   1460 C CE1 . PHE B 1 109 ? -4.075  12.794  -27.946 1.00 13.54 ? 106 PHE B CE1 1 
ATOM   1461 C CE2 . PHE B 1 109 ? -5.888  14.321  -28.313 1.00 14.18 ? 106 PHE B CE2 1 
ATOM   1462 C CZ  . PHE B 1 109 ? -5.118  13.553  -27.444 1.00 13.59 ? 106 PHE B CZ  1 
HETATM 1463 O O   . HOH C 2 .   ? 3.543   -17.419 6.402   1.00 9.88  ? 108 HOH A O   1 
HETATM 1464 O O   . HOH C 2 .   ? 10.608  -11.757 21.360  1.00 10.89 ? 109 HOH A O   1 
HETATM 1465 O O   . HOH C 2 .   ? -6.057  -6.884  18.926  1.00 15.82 ? 110 HOH A O   1 
HETATM 1466 O O   . HOH C 2 .   ? -3.988  -9.841  25.850  1.00 11.98 ? 111 HOH A O   1 
HETATM 1467 O O   . HOH C 2 .   ? 10.152  -8.777  18.012  1.00 8.92  ? 112 HOH A O   1 
HETATM 1468 O O   . HOH C 2 .   ? -1.226  1.115   16.607  1.00 14.72 ? 113 HOH A O   1 
HETATM 1469 O O   . HOH C 2 .   ? -4.993  -18.622 10.700  1.00 17.69 ? 114 HOH A O   1 
HETATM 1470 O O   . HOH C 2 .   ? 21.458  4.262   21.016  1.00 13.47 ? 115 HOH A O   1 
HETATM 1471 O O   . HOH C 2 .   ? 4.229   -6.842  29.178  1.00 12.33 ? 116 HOH A O   1 
HETATM 1472 O O   . HOH C 2 .   ? -2.581  -5.110  3.853   1.00 17.06 ? 117 HOH A O   1 
HETATM 1473 O O   . HOH C 2 .   ? 14.478  -10.861 13.336  1.00 12.06 ? 118 HOH A O   1 
HETATM 1474 O O   . HOH C 2 .   ? -1.828  -10.387 29.070  1.00 14.36 ? 119 HOH A O   1 
HETATM 1475 O O   . HOH C 2 .   ? 10.334  -16.385 17.394  1.00 16.66 ? 120 HOH A O   1 
HETATM 1476 O O   . HOH C 2 .   ? 19.460  -1.890  22.720  1.00 14.39 ? 121 HOH A O   1 
HETATM 1477 O O   . HOH C 2 .   ? 13.658  0.133   30.428  1.00 18.96 ? 122 HOH A O   1 
HETATM 1478 O O   . HOH C 2 .   ? -2.099  1.483   13.951  1.00 13.06 ? 123 HOH A O   1 
HETATM 1479 O O   . HOH C 2 .   ? 3.987   -8.597  32.614  1.00 16.41 ? 124 HOH A O   1 
HETATM 1480 O O   . HOH C 2 .   ? 0.673   -17.837 -0.009  1.00 16.88 ? 125 HOH A O   1 
HETATM 1481 O O   . HOH C 2 .   ? 18.688  -3.375  20.493  1.00 17.30 ? 126 HOH A O   1 
HETATM 1482 O O   . HOH C 2 .   ? 7.760   -22.757 24.994  1.00 22.65 ? 127 HOH A O   1 
HETATM 1483 O O   . HOH C 2 .   ? 4.218   -2.782  4.102   1.00 30.75 ? 128 HOH A O   1 
HETATM 1484 O O   . HOH C 2 .   ? 11.235  -1.142  30.718  1.00 21.65 ? 129 HOH A O   1 
HETATM 1485 O O   . HOH C 2 .   ? 9.268   -0.137  32.202  1.00 19.58 ? 130 HOH A O   1 
HETATM 1486 O O   . HOH C 2 .   ? 0.913   -19.926 7.397   1.00 17.68 ? 131 HOH A O   1 
HETATM 1487 O O   . HOH C 2 .   ? 3.552   -1.053  20.372  1.00 31.89 ? 132 HOH A O   1 
HETATM 1488 O O   . HOH C 2 .   ? 15.512  -12.645 21.654  1.00 15.99 ? 133 HOH A O   1 
HETATM 1489 O O   . HOH C 2 .   ? 2.951   -7.724  0.176   1.00 25.86 ? 134 HOH A O   1 
HETATM 1490 O O   . HOH C 2 .   ? 4.969   -20.124 31.257  1.00 24.06 ? 135 HOH A O   1 
HETATM 1491 O O   . HOH C 2 .   ? 8.310   11.308  20.633  1.00 32.46 ? 136 HOH A O   1 
HETATM 1492 O O   . HOH C 2 .   ? 17.263  -8.736  21.406  1.00 20.65 ? 137 HOH A O   1 
HETATM 1493 O O   . HOH C 2 .   ? 1.010   -5.403  28.173  1.00 25.98 ? 138 HOH A O   1 
HETATM 1494 O O   . HOH C 2 .   ? 15.500  -15.260 16.376  1.00 32.30 ? 139 HOH A O   1 
HETATM 1495 O O   . HOH C 2 .   ? -0.785  -19.408 30.338  1.00 29.20 ? 140 HOH A O   1 
HETATM 1496 O O   . HOH C 2 .   ? 3.703   -5.713  2.288   1.00 39.04 ? 141 HOH A O   1 
HETATM 1497 O O   . HOH C 2 .   ? 15.312  -7.331  13.327  1.00 24.72 ? 142 HOH A O   1 
HETATM 1498 O O   . HOH C 2 .   ? 1.401   -20.651 29.709  1.00 25.56 ? 143 HOH A O   1 
HETATM 1499 O O   . HOH C 2 .   ? -3.649  -20.305 9.285   1.00 24.41 ? 144 HOH A O   1 
HETATM 1500 O O   . HOH C 2 .   ? 10.460  -15.946 33.200  1.00 25.98 ? 145 HOH A O   1 
HETATM 1501 O O   . HOH C 2 .   ? 17.871  -11.733 22.204  1.00 31.93 ? 146 HOH A O   1 
HETATM 1502 O O   . HOH C 2 .   ? 9.001   -21.000 18.456  1.00 25.73 ? 147 HOH A O   1 
HETATM 1503 O O   . HOH C 2 .   ? 9.779   -19.277 16.810  1.00 27.38 ? 148 HOH A O   1 
HETATM 1504 O O   . HOH C 2 .   ? 3.574   -22.058 25.185  1.00 32.43 ? 149 HOH A O   1 
HETATM 1505 O O   . HOH C 2 .   ? 4.341   -5.047  18.519  1.00 19.66 ? 150 HOH A O   1 
HETATM 1506 O O   . HOH C 2 .   ? 1.373   -0.731  14.631  1.00 35.59 ? 151 HOH A O   1 
HETATM 1507 O O   . HOH C 2 .   ? -0.073  -3.664  15.228  1.00 18.88 ? 152 HOH A O   1 
HETATM 1508 O O   . HOH C 2 .   ? -6.887  -8.890  17.234  1.00 23.30 ? 153 HOH A O   1 
HETATM 1509 O O   . HOH C 2 .   ? 6.107   -4.811  2.680   1.00 29.83 ? 154 HOH A O   1 
HETATM 1510 O O   . HOH C 2 .   ? 11.390  -6.442  37.044  1.00 29.82 ? 155 HOH A O   1 
HETATM 1511 O O   . HOH C 2 .   ? 7.957   -15.132 34.059  1.00 34.41 ? 156 HOH A O   1 
HETATM 1512 O O   . HOH C 2 .   ? -7.182  -9.427  -0.795  1.00 31.48 ? 157 HOH A O   1 
HETATM 1513 O O   . HOH C 2 .   ? 5.900   6.441   24.246  1.00 33.90 ? 158 HOH A O   1 
HETATM 1514 O O   . HOH C 2 .   ? 19.433  -2.263  16.544  1.00 36.08 ? 159 HOH A O   1 
HETATM 1515 O O   . HOH C 2 .   ? 2.451   0.339   17.350  1.00 22.52 ? 160 HOH A O   1 
HETATM 1516 O O   . HOH C 2 .   ? 9.061   -7.126  11.734  1.00 29.61 ? 161 HOH A O   1 
HETATM 1517 O O   . HOH C 2 .   ? -6.219  -19.827 23.027  1.00 39.14 ? 162 HOH A O   1 
HETATM 1518 O O   . HOH C 2 .   ? 14.944  -3.003  14.733  1.00 37.10 ? 163 HOH A O   1 
HETATM 1519 O O   . HOH C 2 .   ? -4.182  -5.108  0.091   1.00 36.96 ? 164 HOH A O   1 
HETATM 1520 O O   . HOH C 2 .   ? -2.371  -16.777 32.616  1.00 41.94 ? 165 HOH A O   1 
HETATM 1521 O O   . HOH C 2 .   ? 13.945  6.990   16.136  1.00 31.88 ? 166 HOH A O   1 
HETATM 1522 O O   . HOH C 2 .   ? -2.672  -21.185 24.842  1.00 29.59 ? 167 HOH A O   1 
HETATM 1523 O O   . HOH C 2 .   ? 9.939   -7.825  3.144   1.00 26.02 ? 168 HOH A O   1 
HETATM 1524 O O   . HOH C 2 .   ? -1.401  -18.052 -1.748  1.00 31.10 ? 169 HOH A O   1 
HETATM 1525 O O   . HOH C 2 .   ? 8.426   -11.296 2.526   1.00 35.24 ? 170 HOH A O   1 
HETATM 1526 O O   . HOH C 2 .   ? 0.593   3.059   5.709   1.00 30.72 ? 171 HOH A O   1 
HETATM 1527 O O   . HOH C 2 .   ? -2.656  -9.186  32.658  1.00 32.83 ? 172 HOH A O   1 
HETATM 1528 O O   . HOH C 2 .   ? -0.756  -3.711  1.666   1.00 34.66 ? 173 HOH A O   1 
HETATM 1529 O O   . HOH C 2 .   ? 6.039   -0.697  15.950  1.00 31.22 ? 174 HOH A O   1 
HETATM 1530 O O   . HOH C 2 .   ? 18.952  -14.691 24.555  1.00 36.14 ? 175 HOH A O   1 
HETATM 1531 O O   . HOH C 2 .   ? 6.186   0.873   27.722  1.00 28.88 ? 176 HOH A O   1 
HETATM 1532 O O   . HOH C 2 .   ? -4.303  -9.074  -1.876  1.00 40.22 ? 177 HOH A O   1 
HETATM 1533 O O   . HOH C 2 .   ? -7.119  -18.000 15.972  1.00 38.62 ? 178 HOH A O   1 
HETATM 1534 O O   . HOH C 2 .   ? -4.805  -4.003  2.550   1.00 35.65 ? 179 HOH A O   1 
HETATM 1535 O O   . HOH C 2 .   ? 4.184   0.630   32.446  1.00 31.65 ? 180 HOH A O   1 
HETATM 1536 O O   . HOH C 2 .   ? -11.385 -10.208 5.499   1.00 32.21 ? 181 HOH A O   1 
HETATM 1537 O O   . HOH C 2 .   ? 13.196  -20.279 23.595  1.00 33.34 ? 182 HOH A O   1 
HETATM 1538 O O   . HOH C 2 .   ? -0.452  -18.397 5.104   1.00 37.59 ? 183 HOH A O   1 
HETATM 1539 O O   . HOH C 2 .   ? 3.080   -8.057  -2.319  1.00 34.26 ? 184 HOH A O   1 
HETATM 1540 O O   . HOH C 2 .   ? 6.132   -9.844  35.987  1.00 43.62 ? 185 HOH A O   1 
HETATM 1541 O O   . HOH C 2 .   ? 11.549  -9.209  34.454  1.00 39.12 ? 186 HOH A O   1 
HETATM 1542 O O   . HOH C 2 .   ? 10.409  -22.114 23.591  1.00 41.80 ? 187 HOH A O   1 
HETATM 1543 O O   . HOH C 2 .   ? 0.166   -13.321 33.926  1.00 37.48 ? 188 HOH A O   1 
HETATM 1544 O O   . HOH C 2 .   ? 3.372   -4.984  31.838  1.00 41.18 ? 189 HOH A O   1 
HETATM 1545 O O   . HOH C 2 .   ? 12.599  -17.148 17.192  1.00 34.67 ? 190 HOH A O   1 
HETATM 1546 O O   . HOH C 2 .   ? 1.633   -11.397 36.300  1.00 38.26 ? 191 HOH A O   1 
HETATM 1547 O O   . HOH C 2 .   ? 19.208  -8.854  19.757  1.00 43.16 ? 192 HOH A O   1 
HETATM 1548 O O   . HOH C 2 .   ? -1.039  -19.970 32.983  1.00 36.53 ? 193 HOH A O   1 
HETATM 1549 O O   . HOH C 2 .   ? 16.892  -9.212  32.242  1.00 30.48 ? 194 HOH A O   1 
HETATM 1550 O O   . HOH C 2 .   ? 15.120  -2.183  11.307  1.00 43.08 ? 195 HOH A O   1 
HETATM 1551 O O   . HOH C 2 .   ? 13.570  -10.676 32.192  1.00 40.08 ? 196 HOH A O   1 
HETATM 1552 O O   . HOH C 2 .   ? 5.141   -20.417 34.461  1.00 35.83 ? 197 HOH A O   1 
HETATM 1553 O O   . HOH D 2 .   ? -5.811  15.968  -20.369 1.00 9.92  ? 108 HOH B O   1 
HETATM 1554 O O   . HOH D 2 .   ? -15.073 7.484   -8.489  1.00 13.00 ? 109 HOH B O   1 
HETATM 1555 O O   . HOH D 2 .   ? -0.090  10.357  -28.329 1.00 10.82 ? 110 HOH B O   1 
HETATM 1556 O O   . HOH D 2 .   ? -3.601  -1.384  -20.771 1.00 15.49 ? 111 HOH B O   1 
HETATM 1557 O O   . HOH D 2 .   ? -14.005 3.006   -21.013 1.00 12.07 ? 112 HOH B O   1 
HETATM 1558 O O   . HOH D 2 .   ? 4.443   1.419   -16.087 1.00 13.23 ? 113 HOH B O   1 
HETATM 1559 O O   . HOH D 2 .   ? -3.661  14.438  -16.761 1.00 11.33 ? 114 HOH B O   1 
HETATM 1560 O O   . HOH D 2 .   ? 5.015   23.351  -18.141 1.00 15.79 ? 115 HOH B O   1 
HETATM 1561 O O   . HOH D 2 .   ? 12.009  16.063  -22.973 1.00 14.47 ? 116 HOH B O   1 
HETATM 1562 O O   . HOH D 2 .   ? 4.169   0.187   -13.535 1.00 11.84 ? 117 HOH B O   1 
HETATM 1563 O O   . HOH D 2 .   ? -16.445 0.059   -14.611 1.00 15.28 ? 118 HOH B O   1 
HETATM 1564 O O   . HOH D 2 .   ? -6.011  18.235  -11.846 1.00 13.43 ? 119 HOH B O   1 
HETATM 1565 O O   . HOH D 2 .   ? -4.667  -1.062  -5.167  1.00 14.54 ? 120 HOH B O   1 
HETATM 1566 O O   . HOH D 2 .   ? -4.236  4.917   -30.070 1.00 14.57 ? 121 HOH B O   1 
HETATM 1567 O O   . HOH D 2 .   ? -17.597 5.449   -10.414 1.00 18.71 ? 122 HOH B O   1 
HETATM 1568 O O   . HOH D 2 .   ? -11.133 15.818  -17.496 1.00 16.41 ? 123 HOH B O   1 
HETATM 1569 O O   . HOH D 2 .   ? 6.459   16.533  -27.362 1.00 17.40 ? 124 HOH B O   1 
HETATM 1570 O O   . HOH D 2 .   ? -15.937 15.471  -26.507 1.00 23.19 ? 125 HOH B O   1 
HETATM 1571 O O   . HOH D 2 .   ? -7.560  18.610  -32.437 1.00 21.46 ? 126 HOH B O   1 
HETATM 1572 O O   . HOH D 2 .   ? -17.317 3.357   -2.892  1.00 17.50 ? 127 HOH B O   1 
HETATM 1573 O O   . HOH D 2 .   ? 11.599  17.212  -13.018 1.00 17.77 ? 128 HOH B O   1 
HETATM 1574 O O   . HOH D 2 .   ? -6.922  3.907   -1.000  1.00 17.17 ? 129 HOH B O   1 
HETATM 1575 O O   . HOH D 2 .   ? -1.572  5.266   -3.275  1.00 27.97 ? 130 HOH B O   1 
HETATM 1576 O O   . HOH D 2 .   ? -1.280  10.969  -31.996 1.00 15.58 ? 131 HOH B O   1 
HETATM 1577 O O   . HOH D 2 .   ? 7.941   18.728  -26.488 1.00 17.34 ? 132 HOH B O   1 
HETATM 1578 O O   . HOH D 2 .   ? 0.772   6.955   -28.086 1.00 22.74 ? 133 HOH B O   1 
HETATM 1579 O O   . HOH D 2 .   ? -9.512  10.182  -2.746  1.00 25.43 ? 134 HOH B O   1 
HETATM 1580 O O   . HOH D 2 .   ? 3.144   22.418  -16.562 1.00 30.53 ? 135 HOH B O   1 
HETATM 1581 O O   . HOH D 2 .   ? -10.965 4.131   -30.294 1.00 18.39 ? 136 HOH B O   1 
HETATM 1582 O O   . HOH D 2 .   ? -5.873  -2.107  -19.541 1.00 15.36 ? 137 HOH B O   1 
HETATM 1583 O O   . HOH D 2 .   ? -1.925  22.086  -18.667 1.00 26.13 ? 138 HOH B O   1 
HETATM 1584 O O   . HOH D 2 .   ? 7.583   14.784  -29.121 1.00 21.47 ? 139 HOH B O   1 
HETATM 1585 O O   . HOH D 2 .   ? 1.858   0.993   -8.461  1.00 21.82 ? 140 HOH B O   1 
HETATM 1586 O O   . HOH D 2 .   ? -6.172  20.856  -20.010 1.00 21.56 ? 141 HOH B O   1 
HETATM 1587 O O   . HOH D 2 .   ? -0.491  8.454   -17.784 1.00 23.62 ? 142 HOH B O   1 
HETATM 1588 O O   . HOH D 2 .   ? -12.721 13.320  -32.580 1.00 24.17 ? 143 HOH B O   1 
HETATM 1589 O O   . HOH D 2 .   ? 2.349   3.962   -14.096 1.00 23.21 ? 144 HOH B O   1 
HETATM 1590 O O   . HOH D 2 .   ? -4.778  5.080   -2.384  1.00 27.20 ? 145 HOH B O   1 
HETATM 1591 O O   . HOH D 2 .   ? -0.316  3.172   -15.362 1.00 22.44 ? 146 HOH B O   1 
HETATM 1592 O O   . HOH D 2 .   ? 7.074   11.024  -25.416 1.00 22.35 ? 147 HOH B O   1 
HETATM 1593 O O   . HOH D 2 .   ? -2.064  22.979  -21.325 1.00 17.86 ? 148 HOH B O   1 
HETATM 1594 O O   . HOH D 2 .   ? -4.839  23.205  -19.378 1.00 23.00 ? 149 HOH B O   1 
HETATM 1595 O O   . HOH D 2 .   ? -13.908 15.446  -17.432 1.00 26.26 ? 150 HOH B O   1 
HETATM 1596 O O   . HOH D 2 .   ? -15.628 11.008  -27.361 1.00 34.38 ? 151 HOH B O   1 
HETATM 1597 O O   . HOH D 2 .   ? -0.563  18.759  -32.435 1.00 28.49 ? 152 HOH B O   1 
HETATM 1598 O O   . HOH D 2 .   ? 7.933   16.983  -10.462 1.00 34.85 ? 153 HOH B O   1 
HETATM 1599 O O   . HOH D 2 .   ? -18.346 1.190   -13.284 1.00 24.34 ? 154 HOH B O   1 
HETATM 1600 O O   . HOH D 2 .   ? -6.818  16.247  -33.603 1.00 35.61 ? 155 HOH B O   1 
HETATM 1601 O O   . HOH D 2 .   ? -9.977  6.136   -35.037 1.00 32.75 ? 156 HOH B O   1 
HETATM 1602 O O   . HOH D 2 .   ? -15.368 1.185   -27.100 1.00 32.39 ? 157 HOH B O   1 
HETATM 1603 O O   . HOH D 2 .   ? -5.602  11.681  -2.443  1.00 31.80 ? 158 HOH B O   1 
HETATM 1604 O O   . HOH D 2 .   ? -13.686 9.764   -32.007 1.00 26.99 ? 159 HOH B O   1 
HETATM 1605 O O   . HOH D 2 .   ? -10.389 -5.959  -2.975  1.00 31.69 ? 160 HOH B O   1 
HETATM 1606 O O   . HOH D 2 .   ? -11.453 18.343  -17.008 1.00 24.86 ? 161 HOH B O   1 
HETATM 1607 O O   . HOH D 2 .   ? 3.292   22.098  -12.448 1.00 27.50 ? 162 HOH B O   1 
HETATM 1608 O O   . HOH D 2 .   ? -3.518  12.135  -10.448 1.00 23.55 ? 163 HOH B O   1 
HETATM 1609 O O   . HOH D 2 .   ? -17.991 1.200   -1.679  1.00 35.86 ? 164 HOH B O   1 
HETATM 1610 O O   . HOH D 2 .   ? 4.126   1.154   -5.015  1.00 30.60 ? 165 HOH B O   1 
HETATM 1611 O O   . HOH D 2 .   ? -20.201 0.242   -3.018  1.00 25.33 ? 166 HOH B O   1 
HETATM 1612 O O   . HOH D 2 .   ? -3.536  10.196  -36.674 1.00 24.19 ? 167 HOH B O   1 
HETATM 1613 O O   . HOH D 2 .   ? -20.250 3.326   -17.100 1.00 32.56 ? 168 HOH B O   1 
HETATM 1614 O O   . HOH D 2 .   ? -15.393 14.939  -19.671 1.00 30.69 ? 169 HOH B O   1 
HETATM 1615 O O   . HOH D 2 .   ? 3.354   13.753  -13.550 1.00 26.95 ? 170 HOH B O   1 
HETATM 1616 O O   . HOH D 2 .   ? -12.514 7.398   -32.910 1.00 28.13 ? 171 HOH B O   1 
HETATM 1617 O O   . HOH D 2 .   ? -5.786  20.676  -32.852 1.00 39.08 ? 172 HOH B O   1 
HETATM 1618 O O   . HOH D 2 .   ? -10.005 -8.625  -9.518  1.00 42.12 ? 173 HOH B O   1 
HETATM 1619 O O   . HOH D 2 .   ? -12.883 20.411  -23.776 1.00 33.04 ? 174 HOH B O   1 
HETATM 1620 O O   . HOH D 2 .   ? -8.011  4.267   1.337   1.00 40.98 ? 175 HOH B O   1 
HETATM 1621 O O   . HOH D 2 .   ? -18.479 1.889   -18.295 1.00 34.81 ? 176 HOH B O   1 
HETATM 1622 O O   . HOH D 2 .   ? -15.432 13.545  -15.682 1.00 22.50 ? 177 HOH B O   1 
HETATM 1623 O O   . HOH D 2 .   ? 11.531  15.282  -11.533 1.00 26.55 ? 178 HOH B O   1 
HETATM 1624 O O   . HOH D 2 .   ? 2.961   8.725   -14.163 1.00 33.92 ? 179 HOH B O   1 
HETATM 1625 O O   . HOH D 2 .   ? -7.136  14.515  -5.964  1.00 43.50 ? 180 HOH B O   1 
HETATM 1626 O O   . HOH D 2 .   ? 2.786   -1.353  -2.445  1.00 38.85 ? 181 HOH B O   1 
HETATM 1627 O O   . HOH D 2 .   ? -2.201  23.584  -16.706 1.00 29.68 ? 182 HOH B O   1 
HETATM 1628 O O   . HOH D 2 .   ? -2.406  18.463  -11.163 1.00 29.13 ? 183 HOH B O   1 
HETATM 1629 O O   . HOH D 2 .   ? 1.971   9.765   -31.079 1.00 28.86 ? 184 HOH B O   1 
HETATM 1630 O O   . HOH D 2 .   ? -12.830 18.762  -28.745 1.00 32.95 ? 185 HOH B O   1 
HETATM 1631 O O   . HOH D 2 .   ? -5.327  -3.413  -1.853  1.00 31.51 ? 186 HOH B O   1 
HETATM 1632 O O   . HOH D 2 .   ? -3.476  21.930  -27.739 1.00 32.42 ? 187 HOH B O   1 
HETATM 1633 O O   . HOH D 2 .   ? -10.657 20.317  -30.784 1.00 29.05 ? 188 HOH B O   1 
HETATM 1634 O O   . HOH D 2 .   ? -3.686  -3.452  -4.058  1.00 30.02 ? 189 HOH B O   1 
HETATM 1635 O O   . HOH D 2 .   ? 2.028   17.179  -8.238  1.00 37.97 ? 190 HOH B O   1 
HETATM 1636 O O   . HOH D 2 .   ? 0.117   6.999   -30.545 1.00 37.26 ? 191 HOH B O   1 
HETATM 1637 O O   . HOH D 2 .   ? -17.150 6.216   -18.842 1.00 30.10 ? 192 HOH B O   1 
HETATM 1638 O O   . HOH D 2 .   ? -6.008  7.882   -34.819 1.00 41.72 ? 193 HOH B O   1 
HETATM 1639 O O   . HOH D 2 .   ? -2.771  3.058   -2.087  1.00 42.31 ? 194 HOH B O   1 
HETATM 1640 O O   . HOH D 2 .   ? -2.648  -4.289  -12.721 1.00 33.07 ? 195 HOH B O   1 
HETATM 1641 O O   . HOH D 2 .   ? -20.221 -2.584  -9.880  1.00 30.14 ? 196 HOH B O   1 
HETATM 1642 O O   . HOH D 2 .   ? -9.601  22.885  -27.899 1.00 36.08 ? 197 HOH B O   1 
# 
